data_5IH2
# 
_entry.id   5IH2 
# 
_audit_conform.dict_name       mmcif_pdbx.dic 
_audit_conform.dict_version    5.397 
_audit_conform.dict_location   http://mmcif.pdb.org/dictionaries/ascii/mmcif_pdbx.dic 
# 
loop_
_database_2.database_id 
_database_2.database_code 
_database_2.pdbx_database_accession 
_database_2.pdbx_DOI 
PDB   5IH2         pdb_00005ih2 10.2210/pdb5ih2/pdb 
WWPDB D_1000218776 ?            ?                   
# 
loop_
_pdbx_audit_revision_history.ordinal 
_pdbx_audit_revision_history.data_content_type 
_pdbx_audit_revision_history.major_revision 
_pdbx_audit_revision_history.minor_revision 
_pdbx_audit_revision_history.revision_date 
1 'Structure model' 1 0 2016-06-29 
2 'Structure model' 1 1 2023-09-27 
3 'Structure model' 1 2 2024-10-30 
# 
_pdbx_audit_revision_details.ordinal             1 
_pdbx_audit_revision_details.revision_ordinal    1 
_pdbx_audit_revision_details.data_content_type   'Structure model' 
_pdbx_audit_revision_details.provider            repository 
_pdbx_audit_revision_details.type                'Initial release' 
_pdbx_audit_revision_details.description         ? 
_pdbx_audit_revision_details.details             ? 
# 
loop_
_pdbx_audit_revision_group.ordinal 
_pdbx_audit_revision_group.revision_ordinal 
_pdbx_audit_revision_group.data_content_type 
_pdbx_audit_revision_group.group 
1 2 'Structure model' 'Data collection'        
2 2 'Structure model' 'Database references'    
3 2 'Structure model' 'Derived calculations'   
4 2 'Structure model' 'Refinement description' 
5 3 'Structure model' 'Structure summary'      
# 
loop_
_pdbx_audit_revision_category.ordinal 
_pdbx_audit_revision_category.revision_ordinal 
_pdbx_audit_revision_category.data_content_type 
_pdbx_audit_revision_category.category 
1  2 'Structure model' chem_comp_atom                
2  2 'Structure model' chem_comp_bond                
3  2 'Structure model' citation                      
4  2 'Structure model' database_2                    
5  2 'Structure model' pdbx_initial_refinement_model 
6  2 'Structure model' pdbx_struct_conn_angle        
7  2 'Structure model' pdbx_struct_oper_list         
8  2 'Structure model' struct_conn                   
9  2 'Structure model' struct_conn_type              
10 3 'Structure model' pdbx_entry_details            
11 3 'Structure model' pdbx_modification_feature     
# 
loop_
_pdbx_audit_revision_item.ordinal 
_pdbx_audit_revision_item.revision_ordinal 
_pdbx_audit_revision_item.data_content_type 
_pdbx_audit_revision_item.item 
1  2 'Structure model' '_citation.journal_id_CSD'                    
2  2 'Structure model' '_database_2.pdbx_DOI'                        
3  2 'Structure model' '_database_2.pdbx_database_accession'         
4  2 'Structure model' '_pdbx_struct_conn_angle.ptnr1_auth_asym_id'  
5  2 'Structure model' '_pdbx_struct_conn_angle.ptnr1_auth_seq_id'   
6  2 'Structure model' '_pdbx_struct_conn_angle.ptnr1_label_asym_id' 
7  2 'Structure model' '_pdbx_struct_conn_angle.ptnr1_symmetry'      
8  2 'Structure model' '_pdbx_struct_conn_angle.ptnr3_auth_asym_id'  
9  2 'Structure model' '_pdbx_struct_conn_angle.ptnr3_auth_seq_id'   
10 2 'Structure model' '_pdbx_struct_conn_angle.ptnr3_label_asym_id' 
11 2 'Structure model' '_pdbx_struct_conn_angle.ptnr3_symmetry'      
12 2 'Structure model' '_pdbx_struct_conn_angle.value'               
13 2 'Structure model' '_pdbx_struct_oper_list.symmetry_operation'   
14 2 'Structure model' '_struct_conn.conn_type_id'                   
15 2 'Structure model' '_struct_conn.id'                             
16 2 'Structure model' '_struct_conn.pdbx_dist_value'                
17 2 'Structure model' '_struct_conn.pdbx_leaving_atom_flag'         
18 2 'Structure model' '_struct_conn.ptnr1_auth_asym_id'             
19 2 'Structure model' '_struct_conn.ptnr1_auth_comp_id'             
20 2 'Structure model' '_struct_conn.ptnr1_auth_seq_id'              
21 2 'Structure model' '_struct_conn.ptnr1_label_asym_id'            
22 2 'Structure model' '_struct_conn.ptnr1_label_atom_id'            
23 2 'Structure model' '_struct_conn.ptnr1_label_comp_id'            
24 2 'Structure model' '_struct_conn.ptnr1_label_seq_id'             
25 2 'Structure model' '_struct_conn.ptnr2_auth_asym_id'             
26 2 'Structure model' '_struct_conn.ptnr2_auth_comp_id'             
27 2 'Structure model' '_struct_conn.ptnr2_auth_seq_id'              
28 2 'Structure model' '_struct_conn.ptnr2_label_asym_id'            
29 2 'Structure model' '_struct_conn.ptnr2_label_atom_id'            
30 2 'Structure model' '_struct_conn.ptnr2_label_comp_id'            
31 2 'Structure model' '_struct_conn.ptnr2_label_seq_id'             
32 2 'Structure model' '_struct_conn.ptnr2_symmetry'                 
33 2 'Structure model' '_struct_conn_type.id'                        
# 
_pdbx_database_status.status_code                     REL 
_pdbx_database_status.status_code_sf                  REL 
_pdbx_database_status.status_code_mr                  ? 
_pdbx_database_status.entry_id                        5IH2 
_pdbx_database_status.recvd_initial_deposition_date   2016-02-28 
_pdbx_database_status.SG_entry                        N 
_pdbx_database_status.deposit_site                    RCSB 
_pdbx_database_status.process_site                    RCSB 
_pdbx_database_status.status_code_cs                  ? 
_pdbx_database_status.methods_development_category    ? 
_pdbx_database_status.pdb_format_compatible           Y 
_pdbx_database_status.status_code_nmr_data            ? 
# 
loop_
_audit_author.name 
_audit_author.pdbx_ordinal 
'Bhatt, V.S.'       1 
'Zeng, D.'          2 
'Krieger, I.'       3 
'Sacchettini, J.C.' 4 
'Cho, J.-H.'        5 
# 
_citation.abstract                  ? 
_citation.abstract_id_CAS           ? 
_citation.book_id_ISBN              ? 
_citation.book_publisher            ? 
_citation.book_publisher_city       ? 
_citation.book_title                ? 
_citation.coordinate_linkage        ? 
_citation.country                   US 
_citation.database_id_Medline       ? 
_citation.details                   ? 
_citation.id                        primary 
_citation.journal_abbrev            Biophys.J. 
_citation.journal_id_ASTM           BIOJAU 
_citation.journal_id_CSD            0030 
_citation.journal_id_ISSN           1542-0086 
_citation.journal_full              ? 
_citation.journal_issue             ? 
_citation.journal_volume            110 
_citation.language                  ? 
_citation.page_first                2630 
_citation.page_last                 2641 
_citation.title                     'Binding Mechanism of the N-Terminal SH3 Domain of CrkII and Proline-Rich Motifs in cAbl.' 
_citation.year                      2016 
_citation.database_id_CSD           ? 
_citation.pdbx_database_id_DOI      10.1016/j.bpj.2016.05.008 
_citation.pdbx_database_id_PubMed   27332121 
_citation.unpublished_flag          ? 
# 
loop_
_citation_author.citation_id 
_citation_author.name 
_citation_author.ordinal 
_citation_author.identifier_ORCID 
primary 'Bhatt, V.S.'       1 ? 
primary 'Zeng, D.'          2 ? 
primary 'Krieger, I.'       3 ? 
primary 'Sacchettini, J.C.' 4 ? 
primary 'Cho, J.H.'         5 ? 
# 
loop_
_entity.id 
_entity.type 
_entity.src_method 
_entity.pdbx_description 
_entity.formula_weight 
_entity.pdbx_number_of_molecules 
_entity.pdbx_ec 
_entity.pdbx_mutation 
_entity.pdbx_fragment 
_entity.details 
1 polymer     man 'Adapter molecule crk'              6971.731 2   ? ? 'UNP residues 134-191' ? 
2 polymer     syn 'Proline rich Peptide'              1285.561 2   ? ? ?                      ? 
3 non-polymer syn 'DI(HYDROXYETHYL)ETHER'             106.120  1   ? ? ?                      ? 
4 non-polymer syn 'SODIUM ION'                        22.990   4   ? ? ?                      ? 
5 non-polymer syn '1-ETHOXY-2-(2-ETHOXYETHOXY)ETHANE' 162.227  2   ? ? ?                      ? 
6 water       nat water                               18.015   181 ? ? ?                      ? 
# 
_entity_name_com.entity_id   1 
_entity_name_com.name        'Proto-oncogene c-Crk,p38' 
# 
loop_
_entity_poly.entity_id 
_entity_poly.type 
_entity_poly.nstd_linkage 
_entity_poly.nstd_monomer 
_entity_poly.pdbx_seq_one_letter_code 
_entity_poly.pdbx_seq_one_letter_code_can 
_entity_poly.pdbx_strand_id 
_entity_poly.pdbx_target_identifier 
1 'polypeptide(L)' no no  AEYVRALFDFNGNDEEDLPFKKGDILRIRDKPEEQWWNAEDSEGKRGMIPVPYVEKYR 
AEYVRALFDFNGNDEEDLPFKKGDILRIRDKPEEQWWNAEDSEGKRGMIPVPYVEKYR A,B ? 
2 'polypeptide(L)' no yes '(ACE)YEKPALPRKR(NH2)'                                     XYEKPALPRKRX M,N ? 
# 
loop_
_pdbx_entity_nonpoly.entity_id 
_pdbx_entity_nonpoly.name 
_pdbx_entity_nonpoly.comp_id 
3 'DI(HYDROXYETHYL)ETHER'             PEG 
4 'SODIUM ION'                        NA  
5 '1-ETHOXY-2-(2-ETHOXYETHOXY)ETHANE' P4G 
6 water                               HOH 
# 
loop_
_entity_poly_seq.entity_id 
_entity_poly_seq.num 
_entity_poly_seq.mon_id 
_entity_poly_seq.hetero 
1 1  ALA n 
1 2  GLU n 
1 3  TYR n 
1 4  VAL n 
1 5  ARG n 
1 6  ALA n 
1 7  LEU n 
1 8  PHE n 
1 9  ASP n 
1 10 PHE n 
1 11 ASN n 
1 12 GLY n 
1 13 ASN n 
1 14 ASP n 
1 15 GLU n 
1 16 GLU n 
1 17 ASP n 
1 18 LEU n 
1 19 PRO n 
1 20 PHE n 
1 21 LYS n 
1 22 LYS n 
1 23 GLY n 
1 24 ASP n 
1 25 ILE n 
1 26 LEU n 
1 27 ARG n 
1 28 ILE n 
1 29 ARG n 
1 30 ASP n 
1 31 LYS n 
1 32 PRO n 
1 33 GLU n 
1 34 GLU n 
1 35 GLN n 
1 36 TRP n 
1 37 TRP n 
1 38 ASN n 
1 39 ALA n 
1 40 GLU n 
1 41 ASP n 
1 42 SER n 
1 43 GLU n 
1 44 GLY n 
1 45 LYS n 
1 46 ARG n 
1 47 GLY n 
1 48 MET n 
1 49 ILE n 
1 50 PRO n 
1 51 VAL n 
1 52 PRO n 
1 53 TYR n 
1 54 VAL n 
1 55 GLU n 
1 56 LYS n 
1 57 TYR n 
1 58 ARG n 
2 1  ACE n 
2 2  TYR n 
2 3  GLU n 
2 4  LYS n 
2 5  PRO n 
2 6  ALA n 
2 7  LEU n 
2 8  PRO n 
2 9  ARG n 
2 10 LYS n 
2 11 ARG n 
2 12 NH2 n 
# 
_entity_src_gen.entity_id                          1 
_entity_src_gen.pdbx_src_id                        1 
_entity_src_gen.pdbx_alt_source_flag               sample 
_entity_src_gen.pdbx_seq_type                      'Biological sequence' 
_entity_src_gen.pdbx_beg_seq_num                   1 
_entity_src_gen.pdbx_end_seq_num                   58 
_entity_src_gen.gene_src_common_name               Mouse 
_entity_src_gen.gene_src_genus                     ? 
_entity_src_gen.pdbx_gene_src_gene                 'Crk, Crko' 
_entity_src_gen.gene_src_species                   ? 
_entity_src_gen.gene_src_strain                    ? 
_entity_src_gen.gene_src_tissue                    ? 
_entity_src_gen.gene_src_tissue_fraction           ? 
_entity_src_gen.gene_src_details                   ? 
_entity_src_gen.pdbx_gene_src_fragment             ? 
_entity_src_gen.pdbx_gene_src_scientific_name      'Mus musculus' 
_entity_src_gen.pdbx_gene_src_ncbi_taxonomy_id     10090 
_entity_src_gen.pdbx_gene_src_variant              ? 
_entity_src_gen.pdbx_gene_src_cell_line            ? 
_entity_src_gen.pdbx_gene_src_atcc                 ? 
_entity_src_gen.pdbx_gene_src_organ                ? 
_entity_src_gen.pdbx_gene_src_organelle            ? 
_entity_src_gen.pdbx_gene_src_cell                 ? 
_entity_src_gen.pdbx_gene_src_cellular_location    ? 
_entity_src_gen.host_org_common_name               ? 
_entity_src_gen.pdbx_host_org_scientific_name      'Escherichia coli' 
_entity_src_gen.pdbx_host_org_ncbi_taxonomy_id     562 
_entity_src_gen.host_org_genus                     ? 
_entity_src_gen.pdbx_host_org_gene                 ? 
_entity_src_gen.pdbx_host_org_organ                ? 
_entity_src_gen.host_org_species                   ? 
_entity_src_gen.pdbx_host_org_tissue               ? 
_entity_src_gen.pdbx_host_org_tissue_fraction      ? 
_entity_src_gen.pdbx_host_org_strain               ? 
_entity_src_gen.pdbx_host_org_variant              ? 
_entity_src_gen.pdbx_host_org_cell_line            ? 
_entity_src_gen.pdbx_host_org_atcc                 ? 
_entity_src_gen.pdbx_host_org_culture_collection   ? 
_entity_src_gen.pdbx_host_org_cell                 ? 
_entity_src_gen.pdbx_host_org_organelle            ? 
_entity_src_gen.pdbx_host_org_cellular_location    ? 
_entity_src_gen.pdbx_host_org_vector_type          ? 
_entity_src_gen.pdbx_host_org_vector               ? 
_entity_src_gen.host_org_details                   ? 
_entity_src_gen.expression_system_id               ? 
_entity_src_gen.plasmid_name                       ? 
_entity_src_gen.plasmid_details                    ? 
_entity_src_gen.pdbx_description                   ? 
# 
_pdbx_entity_src_syn.entity_id              2 
_pdbx_entity_src_syn.pdbx_src_id            1 
_pdbx_entity_src_syn.pdbx_alt_source_flag   sample 
_pdbx_entity_src_syn.pdbx_beg_seq_num       1 
_pdbx_entity_src_syn.pdbx_end_seq_num       12 
_pdbx_entity_src_syn.organism_scientific    'Endothia gyrosa' 
_pdbx_entity_src_syn.organism_common_name   ? 
_pdbx_entity_src_syn.ncbi_taxonomy_id       40263 
_pdbx_entity_src_syn.details                ? 
# 
loop_
_chem_comp.id 
_chem_comp.type 
_chem_comp.mon_nstd_flag 
_chem_comp.name 
_chem_comp.pdbx_synonyms 
_chem_comp.formula 
_chem_comp.formula_weight 
ACE non-polymer         . 'ACETYL GROUP'                      ? 'C2 H4 O'        44.053  
ALA 'L-peptide linking' y ALANINE                             ? 'C3 H7 N O2'     89.093  
ARG 'L-peptide linking' y ARGININE                            ? 'C6 H15 N4 O2 1' 175.209 
ASN 'L-peptide linking' y ASPARAGINE                          ? 'C4 H8 N2 O3'    132.118 
ASP 'L-peptide linking' y 'ASPARTIC ACID'                     ? 'C4 H7 N O4'     133.103 
GLN 'L-peptide linking' y GLUTAMINE                           ? 'C5 H10 N2 O3'   146.144 
GLU 'L-peptide linking' y 'GLUTAMIC ACID'                     ? 'C5 H9 N O4'     147.129 
GLY 'peptide linking'   y GLYCINE                             ? 'C2 H5 N O2'     75.067  
HOH non-polymer         . WATER                               ? 'H2 O'           18.015  
ILE 'L-peptide linking' y ISOLEUCINE                          ? 'C6 H13 N O2'    131.173 
LEU 'L-peptide linking' y LEUCINE                             ? 'C6 H13 N O2'    131.173 
LYS 'L-peptide linking' y LYSINE                              ? 'C6 H15 N2 O2 1' 147.195 
MET 'L-peptide linking' y METHIONINE                          ? 'C5 H11 N O2 S'  149.211 
NA  non-polymer         . 'SODIUM ION'                        ? 'Na 1'           22.990  
NH2 non-polymer         . 'AMINO GROUP'                       ? 'H2 N'           16.023  
P4G non-polymer         . '1-ETHOXY-2-(2-ETHOXYETHOXY)ETHANE' ? 'C8 H18 O3'      162.227 
PEG non-polymer         . 'DI(HYDROXYETHYL)ETHER'             ? 'C4 H10 O3'      106.120 
PHE 'L-peptide linking' y PHENYLALANINE                       ? 'C9 H11 N O2'    165.189 
PRO 'L-peptide linking' y PROLINE                             ? 'C5 H9 N O2'     115.130 
SER 'L-peptide linking' y SERINE                              ? 'C3 H7 N O3'     105.093 
TRP 'L-peptide linking' y TRYPTOPHAN                          ? 'C11 H12 N2 O2'  204.225 
TYR 'L-peptide linking' y TYROSINE                            ? 'C9 H11 N O3'    181.189 
VAL 'L-peptide linking' y VALINE                              ? 'C5 H11 N O2'    117.146 
# 
loop_
_pdbx_poly_seq_scheme.asym_id 
_pdbx_poly_seq_scheme.entity_id 
_pdbx_poly_seq_scheme.seq_id 
_pdbx_poly_seq_scheme.mon_id 
_pdbx_poly_seq_scheme.ndb_seq_num 
_pdbx_poly_seq_scheme.pdb_seq_num 
_pdbx_poly_seq_scheme.auth_seq_num 
_pdbx_poly_seq_scheme.pdb_mon_id 
_pdbx_poly_seq_scheme.auth_mon_id 
_pdbx_poly_seq_scheme.pdb_strand_id 
_pdbx_poly_seq_scheme.pdb_ins_code 
_pdbx_poly_seq_scheme.hetero 
A 1 1  ALA 1  134 134 ALA ALA A . n 
A 1 2  GLU 2  135 135 GLU GLU A . n 
A 1 3  TYR 3  136 136 TYR TYR A . n 
A 1 4  VAL 4  137 137 VAL VAL A . n 
A 1 5  ARG 5  138 138 ARG ARG A . n 
A 1 6  ALA 6  139 139 ALA ALA A . n 
A 1 7  LEU 7  140 140 LEU LEU A . n 
A 1 8  PHE 8  141 141 PHE PHE A . n 
A 1 9  ASP 9  142 142 ASP ASP A . n 
A 1 10 PHE 10 143 143 PHE PHE A . n 
A 1 11 ASN 11 144 144 ASN ASN A . n 
A 1 12 GLY 12 145 145 GLY GLY A . n 
A 1 13 ASN 13 146 146 ASN ASN A . n 
A 1 14 ASP 14 147 147 ASP ASP A . n 
A 1 15 GLU 15 148 148 GLU GLU A . n 
A 1 16 GLU 16 149 149 GLU GLU A . n 
A 1 17 ASP 17 150 150 ASP ASP A . n 
A 1 18 LEU 18 151 151 LEU LEU A . n 
A 1 19 PRO 19 152 152 PRO PRO A . n 
A 1 20 PHE 20 153 153 PHE PHE A . n 
A 1 21 LYS 21 154 154 LYS LYS A . n 
A 1 22 LYS 22 155 155 LYS LYS A . n 
A 1 23 GLY 23 156 156 GLY GLY A . n 
A 1 24 ASP 24 157 157 ASP ASP A . n 
A 1 25 ILE 25 158 158 ILE ILE A . n 
A 1 26 LEU 26 159 159 LEU LEU A . n 
A 1 27 ARG 27 160 160 ARG ARG A . n 
A 1 28 ILE 28 161 161 ILE ILE A . n 
A 1 29 ARG 29 162 162 ARG ARG A . n 
A 1 30 ASP 30 163 163 ASP ASP A . n 
A 1 31 LYS 31 164 164 LYS LYS A . n 
A 1 32 PRO 32 165 165 PRO PRO A . n 
A 1 33 GLU 33 166 166 GLU GLU A . n 
A 1 34 GLU 34 167 167 GLU GLU A . n 
A 1 35 GLN 35 168 168 GLN GLN A . n 
A 1 36 TRP 36 169 169 TRP TRP A . n 
A 1 37 TRP 37 170 170 TRP TRP A . n 
A 1 38 ASN 38 171 171 ASN ASN A . n 
A 1 39 ALA 39 172 172 ALA ALA A . n 
A 1 40 GLU 40 173 173 GLU GLU A . n 
A 1 41 ASP 41 174 174 ASP ASP A . n 
A 1 42 SER 42 175 175 SER SER A . n 
A 1 43 GLU 43 176 176 GLU GLU A . n 
A 1 44 GLY 44 177 177 GLY GLY A . n 
A 1 45 LYS 45 178 178 LYS LYS A . n 
A 1 46 ARG 46 179 179 ARG ARG A . n 
A 1 47 GLY 47 180 180 GLY GLY A . n 
A 1 48 MET 48 181 181 MET MET A . n 
A 1 49 ILE 49 182 182 ILE ILE A . n 
A 1 50 PRO 50 183 183 PRO PRO A . n 
A 1 51 VAL 51 184 184 VAL VAL A . n 
A 1 52 PRO 52 185 185 PRO PRO A . n 
A 1 53 TYR 53 186 186 TYR TYR A . n 
A 1 54 VAL 54 187 187 VAL VAL A . n 
A 1 55 GLU 55 188 188 GLU GLU A . n 
A 1 56 LYS 56 189 189 LYS LYS A . n 
A 1 57 TYR 57 190 190 TYR TYR A . n 
A 1 58 ARG 58 191 191 ARG ARG A . n 
B 1 1  ALA 1  134 134 ALA ALA B . n 
B 1 2  GLU 2  135 135 GLU GLU B . n 
B 1 3  TYR 3  136 136 TYR TYR B . n 
B 1 4  VAL 4  137 137 VAL VAL B . n 
B 1 5  ARG 5  138 138 ARG ARG B . n 
B 1 6  ALA 6  139 139 ALA ALA B . n 
B 1 7  LEU 7  140 140 LEU LEU B . n 
B 1 8  PHE 8  141 141 PHE PHE B . n 
B 1 9  ASP 9  142 142 ASP ASP B . n 
B 1 10 PHE 10 143 143 PHE PHE B . n 
B 1 11 ASN 11 144 144 ASN ASN B . n 
B 1 12 GLY 12 145 145 GLY GLY B . n 
B 1 13 ASN 13 146 146 ASN ASN B . n 
B 1 14 ASP 14 147 147 ASP ASP B . n 
B 1 15 GLU 15 148 148 GLU GLU B . n 
B 1 16 GLU 16 149 149 GLU GLU B . n 
B 1 17 ASP 17 150 150 ASP ASP B . n 
B 1 18 LEU 18 151 151 LEU LEU B . n 
B 1 19 PRO 19 152 152 PRO PRO B . n 
B 1 20 PHE 20 153 153 PHE PHE B . n 
B 1 21 LYS 21 154 154 LYS LYS B . n 
B 1 22 LYS 22 155 155 LYS LYS B . n 
B 1 23 GLY 23 156 156 GLY GLY B . n 
B 1 24 ASP 24 157 157 ASP ASP B . n 
B 1 25 ILE 25 158 158 ILE ILE B . n 
B 1 26 LEU 26 159 159 LEU LEU B . n 
B 1 27 ARG 27 160 160 ARG ARG B . n 
B 1 28 ILE 28 161 161 ILE ILE B . n 
B 1 29 ARG 29 162 162 ARG ARG B . n 
B 1 30 ASP 30 163 163 ASP ASP B . n 
B 1 31 LYS 31 164 164 LYS LYS B . n 
B 1 32 PRO 32 165 165 PRO PRO B . n 
B 1 33 GLU 33 166 166 GLU GLU B . n 
B 1 34 GLU 34 167 167 GLU GLU B . n 
B 1 35 GLN 35 168 168 GLN GLN B . n 
B 1 36 TRP 36 169 169 TRP TRP B . n 
B 1 37 TRP 37 170 170 TRP TRP B . n 
B 1 38 ASN 38 171 171 ASN ASN B . n 
B 1 39 ALA 39 172 172 ALA ALA B . n 
B 1 40 GLU 40 173 173 GLU GLU B . n 
B 1 41 ASP 41 174 174 ASP ASP B . n 
B 1 42 SER 42 175 175 SER SER B . n 
B 1 43 GLU 43 176 176 GLU GLU B . n 
B 1 44 GLY 44 177 177 GLY GLY B . n 
B 1 45 LYS 45 178 178 LYS LYS B . n 
B 1 46 ARG 46 179 179 ARG ARG B . n 
B 1 47 GLY 47 180 180 GLY GLY B . n 
B 1 48 MET 48 181 181 MET MET B . n 
B 1 49 ILE 49 182 182 ILE ILE B . n 
B 1 50 PRO 50 183 183 PRO PRO B . n 
B 1 51 VAL 51 184 184 VAL VAL B . n 
B 1 52 PRO 52 185 185 PRO PRO B . n 
B 1 53 TYR 53 186 186 TYR TYR B . n 
B 1 54 VAL 54 187 187 VAL VAL B . n 
B 1 55 GLU 55 188 188 GLU GLU B . n 
B 1 56 LYS 56 189 189 LYS LYS B . n 
B 1 57 TYR 57 190 ?   ?   ?   B . n 
B 1 58 ARG 58 191 ?   ?   ?   B . n 
C 2 1  ACE 1  -1  -1  ACE ACE M . n 
C 2 2  TYR 2  0   0   TYR TYR M . n 
C 2 3  GLU 3  1   1   GLU GLU M . n 
C 2 4  LYS 4  2   2   LYS LYS M . n 
C 2 5  PRO 5  3   3   PRO PRO M . n 
C 2 6  ALA 6  4   4   ALA ALA M . n 
C 2 7  LEU 7  5   5   LEU LEU M . n 
C 2 8  PRO 8  6   6   PRO PRO M . n 
C 2 9  ARG 9  7   7   ARG ARG M . n 
C 2 10 LYS 10 8   8   LYS LYS M . n 
C 2 11 ARG 11 9   9   ARG ARG M . n 
C 2 12 NH2 12 10  10  NH2 NH2 M . n 
D 2 1  ACE 1  -1  -1  ACE ACE N . n 
D 2 2  TYR 2  0   0   TYR TYR N . n 
D 2 3  GLU 3  1   1   GLU GLU N . n 
D 2 4  LYS 4  2   2   LYS LYS N . n 
D 2 5  PRO 5  3   3   PRO PRO N . n 
D 2 6  ALA 6  4   4   ALA ALA N . n 
D 2 7  LEU 7  5   5   LEU LEU N . n 
D 2 8  PRO 8  6   6   PRO PRO N . n 
D 2 9  ARG 9  7   7   ARG ARG N . n 
D 2 10 LYS 10 8   8   LYS LYS N . n 
D 2 11 ARG 11 9   9   ARG ARG N . n 
D 2 12 NH2 12 10  10  NH2 NH2 N . n 
# 
loop_
_pdbx_nonpoly_scheme.asym_id 
_pdbx_nonpoly_scheme.entity_id 
_pdbx_nonpoly_scheme.mon_id 
_pdbx_nonpoly_scheme.ndb_seq_num 
_pdbx_nonpoly_scheme.pdb_seq_num 
_pdbx_nonpoly_scheme.auth_seq_num 
_pdbx_nonpoly_scheme.pdb_mon_id 
_pdbx_nonpoly_scheme.auth_mon_id 
_pdbx_nonpoly_scheme.pdb_strand_id 
_pdbx_nonpoly_scheme.pdb_ins_code 
E 3 PEG 1  201 1439 PEG PEG A . 
F 4 NA  1  202 1    NA  NA  A . 
G 4 NA  1  203 3    NA  NA  A . 
H 4 NA  1  204 6    NA  NA  A . 
I 5 P4G 1  201 1440 P4G PEG B . 
J 4 NA  1  202 9    NA  NA  B . 
K 5 P4G 1  101 1441 P4G PEG N . 
L 6 HOH 1  301 95   HOH HOH A . 
L 6 HOH 2  302 24   HOH HOH A . 
L 6 HOH 3  303 40   HOH HOH A . 
L 6 HOH 4  304 145  HOH HOH A . 
L 6 HOH 5  305 80   HOH HOH A . 
L 6 HOH 6  306 106  HOH HOH A . 
L 6 HOH 7  307 32   HOH HOH A . 
L 6 HOH 8  308 102  HOH HOH A . 
L 6 HOH 9  309 151  HOH HOH A . 
L 6 HOH 10 310 23   HOH HOH A . 
L 6 HOH 11 311 147  HOH HOH A . 
L 6 HOH 12 312 125  HOH HOH A . 
L 6 HOH 13 313 122  HOH HOH A . 
L 6 HOH 14 314 99   HOH HOH A . 
L 6 HOH 15 315 119  HOH HOH A . 
L 6 HOH 16 316 43   HOH HOH A . 
L 6 HOH 17 317 4    HOH HOH A . 
L 6 HOH 18 318 25   HOH HOH A . 
L 6 HOH 19 319 143  HOH HOH A . 
L 6 HOH 20 320 101  HOH HOH A . 
L 6 HOH 21 321 149  HOH HOH A . 
L 6 HOH 22 322 9    HOH HOH A . 
L 6 HOH 23 323 39   HOH HOH A . 
L 6 HOH 24 324 15   HOH HOH A . 
L 6 HOH 25 325 67   HOH HOH A . 
L 6 HOH 26 326 142  HOH HOH A . 
L 6 HOH 27 327 131  HOH HOH A . 
L 6 HOH 28 328 28   HOH HOH A . 
L 6 HOH 29 329 49   HOH HOH A . 
L 6 HOH 30 330 56   HOH HOH A . 
L 6 HOH 31 331 155  HOH HOH A . 
L 6 HOH 32 332 174  HOH HOH A . 
L 6 HOH 33 333 5    HOH HOH A . 
L 6 HOH 34 334 52   HOH HOH A . 
L 6 HOH 35 335 20   HOH HOH A . 
L 6 HOH 36 336 107  HOH HOH A . 
L 6 HOH 37 337 61   HOH HOH A . 
L 6 HOH 38 338 7    HOH HOH A . 
L 6 HOH 39 339 48   HOH HOH A . 
L 6 HOH 40 340 64   HOH HOH A . 
L 6 HOH 41 341 164  HOH HOH A . 
L 6 HOH 42 342 41   HOH HOH A . 
L 6 HOH 43 343 161  HOH HOH A . 
L 6 HOH 44 344 109  HOH HOH A . 
L 6 HOH 45 345 53   HOH HOH A . 
L 6 HOH 46 346 16   HOH HOH A . 
L 6 HOH 47 347 45   HOH HOH A . 
L 6 HOH 48 348 18   HOH HOH A . 
L 6 HOH 49 349 59   HOH HOH A . 
L 6 HOH 50 350 71   HOH HOH A . 
L 6 HOH 51 351 26   HOH HOH A . 
L 6 HOH 52 352 57   HOH HOH A . 
L 6 HOH 53 353 38   HOH HOH A . 
L 6 HOH 54 354 144  HOH HOH A . 
L 6 HOH 55 355 166  HOH HOH A . 
L 6 HOH 56 356 11   HOH HOH A . 
L 6 HOH 57 357 93   HOH HOH A . 
L 6 HOH 58 358 104  HOH HOH A . 
L 6 HOH 59 359 2    HOH HOH A . 
L 6 HOH 60 360 66   HOH HOH A . 
L 6 HOH 61 361 55   HOH HOH A . 
L 6 HOH 62 362 103  HOH HOH A . 
L 6 HOH 63 363 159  HOH HOH A . 
L 6 HOH 64 364 133  HOH HOH A . 
L 6 HOH 65 365 180  HOH HOH A . 
L 6 HOH 66 366 74   HOH HOH A . 
L 6 HOH 67 367 90   HOH HOH A . 
L 6 HOH 68 368 117  HOH HOH A . 
L 6 HOH 69 369 175  HOH HOH A . 
L 6 HOH 70 370 75   HOH HOH A . 
L 6 HOH 71 371 96   HOH HOH A . 
L 6 HOH 72 372 54   HOH HOH A . 
L 6 HOH 73 373 165  HOH HOH A . 
L 6 HOH 74 374 120  HOH HOH A . 
L 6 HOH 75 375 171  HOH HOH A . 
L 6 HOH 76 376 127  HOH HOH A . 
L 6 HOH 77 377 58   HOH HOH A . 
L 6 HOH 78 378 170  HOH HOH A . 
L 6 HOH 79 379 173  HOH HOH A . 
L 6 HOH 80 380 87   HOH HOH A . 
L 6 HOH 81 381 163  HOH HOH A . 
L 6 HOH 82 382 111  HOH HOH A . 
L 6 HOH 83 383 108  HOH HOH A . 
M 6 HOH 1  301 136  HOH HOH B . 
M 6 HOH 2  302 112  HOH HOH B . 
M 6 HOH 3  303 44   HOH HOH B . 
M 6 HOH 4  304 36   HOH HOH B . 
M 6 HOH 5  305 21   HOH HOH B . 
M 6 HOH 6  306 27   HOH HOH B . 
M 6 HOH 7  307 148  HOH HOH B . 
M 6 HOH 8  308 179  HOH HOH B . 
M 6 HOH 9  309 123  HOH HOH B . 
M 6 HOH 10 310 14   HOH HOH B . 
M 6 HOH 11 311 35   HOH HOH B . 
M 6 HOH 12 312 137  HOH HOH B . 
M 6 HOH 13 313 46   HOH HOH B . 
M 6 HOH 14 314 128  HOH HOH B . 
M 6 HOH 15 315 146  HOH HOH B . 
M 6 HOH 16 316 30   HOH HOH B . 
M 6 HOH 17 317 51   HOH HOH B . 
M 6 HOH 18 318 115  HOH HOH B . 
M 6 HOH 19 319 19   HOH HOH B . 
M 6 HOH 20 320 157  HOH HOH B . 
M 6 HOH 21 321 169  HOH HOH B . 
M 6 HOH 22 322 114  HOH HOH B . 
M 6 HOH 23 323 92   HOH HOH B . 
M 6 HOH 24 324 138  HOH HOH B . 
M 6 HOH 25 325 176  HOH HOH B . 
M 6 HOH 26 326 63   HOH HOH B . 
M 6 HOH 27 327 167  HOH HOH B . 
M 6 HOH 28 328 153  HOH HOH B . 
M 6 HOH 29 329 13   HOH HOH B . 
M 6 HOH 30 330 154  HOH HOH B . 
M 6 HOH 31 331 22   HOH HOH B . 
M 6 HOH 32 332 105  HOH HOH B . 
M 6 HOH 33 333 129  HOH HOH B . 
M 6 HOH 34 334 100  HOH HOH B . 
M 6 HOH 35 335 50   HOH HOH B . 
M 6 HOH 36 336 31   HOH HOH B . 
M 6 HOH 37 337 134  HOH HOH B . 
M 6 HOH 38 338 17   HOH HOH B . 
M 6 HOH 39 339 6    HOH HOH B . 
M 6 HOH 40 340 158  HOH HOH B . 
M 6 HOH 41 341 47   HOH HOH B . 
M 6 HOH 42 342 150  HOH HOH B . 
M 6 HOH 43 343 29   HOH HOH B . 
M 6 HOH 44 344 79   HOH HOH B . 
M 6 HOH 45 345 140  HOH HOH B . 
M 6 HOH 46 346 8    HOH HOH B . 
M 6 HOH 47 347 12   HOH HOH B . 
M 6 HOH 48 348 178  HOH HOH B . 
M 6 HOH 49 349 65   HOH HOH B . 
M 6 HOH 50 350 181  HOH HOH B . 
M 6 HOH 51 351 172  HOH HOH B . 
M 6 HOH 52 352 121  HOH HOH B . 
M 6 HOH 53 353 81   HOH HOH B . 
M 6 HOH 54 354 91   HOH HOH B . 
M 6 HOH 55 355 77   HOH HOH B . 
M 6 HOH 56 356 97   HOH HOH B . 
M 6 HOH 57 357 78   HOH HOH B . 
M 6 HOH 58 358 94   HOH HOH B . 
M 6 HOH 59 359 72   HOH HOH B . 
M 6 HOH 60 360 110  HOH HOH B . 
M 6 HOH 61 361 132  HOH HOH B . 
N 6 HOH 1  101 152  HOH HOH M . 
N 6 HOH 2  102 34   HOH HOH M . 
N 6 HOH 3  103 126  HOH HOH M . 
N 6 HOH 4  104 141  HOH HOH M . 
N 6 HOH 5  105 168  HOH HOH M . 
N 6 HOH 6  106 82   HOH HOH M . 
N 6 HOH 7  107 42   HOH HOH M . 
N 6 HOH 8  108 83   HOH HOH M . 
N 6 HOH 9  109 85   HOH HOH M . 
N 6 HOH 10 110 116  HOH HOH M . 
N 6 HOH 11 111 156  HOH HOH M . 
N 6 HOH 12 112 3    HOH HOH M . 
N 6 HOH 13 113 98   HOH HOH M . 
N 6 HOH 14 114 73   HOH HOH M . 
N 6 HOH 15 115 86   HOH HOH M . 
N 6 HOH 16 116 62   HOH HOH M . 
N 6 HOH 17 117 33   HOH HOH M . 
N 6 HOH 18 118 177  HOH HOH M . 
N 6 HOH 19 119 124  HOH HOH M . 
N 6 HOH 20 120 84   HOH HOH M . 
N 6 HOH 21 121 118  HOH HOH M . 
O 6 HOH 1  201 89   HOH HOH N . 
O 6 HOH 2  202 60   HOH HOH N . 
O 6 HOH 3  203 113  HOH HOH N . 
O 6 HOH 4  204 76   HOH HOH N . 
O 6 HOH 5  205 10   HOH HOH N . 
O 6 HOH 6  206 130  HOH HOH N . 
O 6 HOH 7  207 88   HOH HOH N . 
O 6 HOH 8  208 37   HOH HOH N . 
O 6 HOH 9  209 135  HOH HOH N . 
O 6 HOH 10 210 69   HOH HOH N . 
O 6 HOH 11 211 162  HOH HOH N . 
O 6 HOH 12 212 70   HOH HOH N . 
O 6 HOH 13 213 1    HOH HOH N . 
O 6 HOH 14 214 68   HOH HOH N . 
O 6 HOH 15 215 160  HOH HOH N . 
O 6 HOH 16 216 139  HOH HOH N . 
# 
loop_
_pdbx_unobs_or_zero_occ_atoms.id 
_pdbx_unobs_or_zero_occ_atoms.PDB_model_num 
_pdbx_unobs_or_zero_occ_atoms.polymer_flag 
_pdbx_unobs_or_zero_occ_atoms.occupancy_flag 
_pdbx_unobs_or_zero_occ_atoms.auth_asym_id 
_pdbx_unobs_or_zero_occ_atoms.auth_comp_id 
_pdbx_unobs_or_zero_occ_atoms.auth_seq_id 
_pdbx_unobs_or_zero_occ_atoms.PDB_ins_code 
_pdbx_unobs_or_zero_occ_atoms.auth_atom_id 
_pdbx_unobs_or_zero_occ_atoms.label_alt_id 
_pdbx_unobs_or_zero_occ_atoms.label_asym_id 
_pdbx_unobs_or_zero_occ_atoms.label_comp_id 
_pdbx_unobs_or_zero_occ_atoms.label_seq_id 
_pdbx_unobs_or_zero_occ_atoms.label_atom_id 
1 1 N 1 B P4G 201 ? C2 ? I P4G 1 C2 
2 1 N 1 B P4G 201 ? C1 ? I P4G 1 C1 
3 1 N 1 N P4G 101 ? C8 ? K P4G 1 C8 
4 1 N 1 N P4G 101 ? C7 ? K P4G 1 C7 
5 1 N 1 N P4G 101 ? O4 ? K P4G 1 O4 
6 1 N 1 N P4G 101 ? C6 ? K P4G 1 C6 
7 1 N 1 N P4G 101 ? C5 ? K P4G 1 C5 
# 
loop_
_software.citation_id 
_software.classification 
_software.compiler_name 
_software.compiler_version 
_software.contact_author 
_software.contact_author_email 
_software.date 
_software.description 
_software.dependencies 
_software.hardware 
_software.language 
_software.location 
_software.mods 
_software.name 
_software.os 
_software.os_version 
_software.type 
_software.version 
_software.pdbx_ordinal 
? refinement       ? ? ? ? ? ? ? ? ? ? ? REFMAC   ? ? ? 5.8.0103 1 
? 'data reduction' ? ? ? ? ? ? ? ? ? ? ? HKL-2000 ? ? ? .        2 
? 'data scaling'   ? ? ? ? ? ? ? ? ? ? ? HKL-2000 ? ? ? .        3 
? phasing          ? ? ? ? ? ? ? ? ? ? ? PHASER   ? ? ? .        4 
# 
_cell.angle_alpha                  90.00 
_cell.angle_alpha_esd              ? 
_cell.angle_beta                   94.31 
_cell.angle_beta_esd               ? 
_cell.angle_gamma                  90.00 
_cell.angle_gamma_esd              ? 
_cell.entry_id                     5IH2 
_cell.details                      ? 
_cell.formula_units_Z              ? 
_cell.length_a                     45.222 
_cell.length_a_esd                 ? 
_cell.length_b                     29.479 
_cell.length_b_esd                 ? 
_cell.length_c                     45.756 
_cell.length_c_esd                 ? 
_cell.volume                       ? 
_cell.volume_esd                   ? 
_cell.Z_PDB                        4 
_cell.reciprocal_angle_alpha       ? 
_cell.reciprocal_angle_beta        ? 
_cell.reciprocal_angle_gamma       ? 
_cell.reciprocal_angle_alpha_esd   ? 
_cell.reciprocal_angle_beta_esd    ? 
_cell.reciprocal_angle_gamma_esd   ? 
_cell.reciprocal_length_a          ? 
_cell.reciprocal_length_b          ? 
_cell.reciprocal_length_c          ? 
_cell.reciprocal_length_a_esd      ? 
_cell.reciprocal_length_b_esd      ? 
_cell.reciprocal_length_c_esd      ? 
_cell.pdbx_unique_axis             ? 
# 
_symmetry.entry_id                         5IH2 
_symmetry.cell_setting                     ? 
_symmetry.Int_Tables_number                4 
_symmetry.space_group_name_Hall            ? 
_symmetry.space_group_name_H-M             'P 1 21 1' 
_symmetry.pdbx_full_space_group_name_H-M   ? 
# 
_exptl.absorpt_coefficient_mu     ? 
_exptl.absorpt_correction_T_max   ? 
_exptl.absorpt_correction_T_min   ? 
_exptl.absorpt_correction_type    ? 
_exptl.absorpt_process_details    ? 
_exptl.entry_id                   5IH2 
_exptl.crystals_number            1 
_exptl.details                    ? 
_exptl.method                     'X-RAY DIFFRACTION' 
_exptl.method_details             ? 
# 
_exptl_crystal.colour                      ? 
_exptl_crystal.density_diffrn              ? 
_exptl_crystal.density_Matthews            1.84 
_exptl_crystal.density_method              ? 
_exptl_crystal.density_percent_sol         33.21 
_exptl_crystal.description                 ? 
_exptl_crystal.F_000                       ? 
_exptl_crystal.id                          1 
_exptl_crystal.preparation                 ? 
_exptl_crystal.size_max                    ? 
_exptl_crystal.size_mid                    ? 
_exptl_crystal.size_min                    ? 
_exptl_crystal.size_rad                    ? 
_exptl_crystal.colour_lustre               ? 
_exptl_crystal.colour_modifier             ? 
_exptl_crystal.colour_primary              ? 
_exptl_crystal.density_meas                ? 
_exptl_crystal.density_meas_esd            ? 
_exptl_crystal.density_meas_gt             ? 
_exptl_crystal.density_meas_lt             ? 
_exptl_crystal.density_meas_temp           ? 
_exptl_crystal.density_meas_temp_esd       ? 
_exptl_crystal.density_meas_temp_gt        ? 
_exptl_crystal.density_meas_temp_lt        ? 
_exptl_crystal.pdbx_crystal_image_url      ? 
_exptl_crystal.pdbx_crystal_image_format   ? 
_exptl_crystal.pdbx_mosaicity              ? 
_exptl_crystal.pdbx_mosaicity_esd          ? 
# 
_exptl_crystal_grow.apparatus       ? 
_exptl_crystal_grow.atmosphere      ? 
_exptl_crystal_grow.crystal_id      1 
_exptl_crystal_grow.details         ? 
_exptl_crystal_grow.method          'VAPOR DIFFUSION, SITTING DROP' 
_exptl_crystal_grow.method_ref      ? 
_exptl_crystal_grow.pH              ? 
_exptl_crystal_grow.pressure        ? 
_exptl_crystal_grow.pressure_esd    ? 
_exptl_crystal_grow.seeding         ? 
_exptl_crystal_grow.seeding_ref     ? 
_exptl_crystal_grow.temp            293 
_exptl_crystal_grow.temp_details    ? 
_exptl_crystal_grow.temp_esd        ? 
_exptl_crystal_grow.time            ? 
_exptl_crystal_grow.pdbx_details    ? 
_exptl_crystal_grow.pdbx_pH_range   ? 
# 
_diffrn.ambient_environment    ? 
_diffrn.ambient_temp           113 
_diffrn.ambient_temp_details   ? 
_diffrn.ambient_temp_esd       ? 
_diffrn.crystal_id             1 
_diffrn.crystal_support        ? 
_diffrn.crystal_treatment      ? 
_diffrn.details                ? 
_diffrn.id                     1 
_diffrn.ambient_pressure       ? 
_diffrn.ambient_pressure_esd   ? 
_diffrn.ambient_pressure_gt    ? 
_diffrn.ambient_pressure_lt    ? 
_diffrn.ambient_temp_gt        ? 
_diffrn.ambient_temp_lt        ? 
# 
_diffrn_detector.details                      ? 
_diffrn_detector.detector                     'IMAGE PLATE' 
_diffrn_detector.diffrn_id                    1 
_diffrn_detector.type                         'RIGAKU RAXIS IV++' 
_diffrn_detector.area_resol_mean              ? 
_diffrn_detector.dtime                        ? 
_diffrn_detector.pdbx_frames_total            ? 
_diffrn_detector.pdbx_collection_time_total   ? 
_diffrn_detector.pdbx_collection_date         2014-02-18 
# 
_diffrn_radiation.collimation                      ? 
_diffrn_radiation.diffrn_id                        1 
_diffrn_radiation.filter_edge                      ? 
_diffrn_radiation.inhomogeneity                    ? 
_diffrn_radiation.monochromator                    ? 
_diffrn_radiation.polarisn_norm                    ? 
_diffrn_radiation.polarisn_ratio                   ? 
_diffrn_radiation.probe                            ? 
_diffrn_radiation.type                             ? 
_diffrn_radiation.xray_symbol                      ? 
_diffrn_radiation.wavelength_id                    1 
_diffrn_radiation.pdbx_monochromatic_or_laue_m_l   M 
_diffrn_radiation.pdbx_wavelength_list             ? 
_diffrn_radiation.pdbx_wavelength                  ? 
_diffrn_radiation.pdbx_diffrn_protocol             'SINGLE WAVELENGTH' 
_diffrn_radiation.pdbx_analyzer                    ? 
_diffrn_radiation.pdbx_scattering_type             x-ray 
# 
_diffrn_radiation_wavelength.id           1 
_diffrn_radiation_wavelength.wavelength   1.5 
_diffrn_radiation_wavelength.wt           1.0 
# 
_diffrn_source.current                     ? 
_diffrn_source.details                     ? 
_diffrn_source.diffrn_id                   1 
_diffrn_source.power                       ? 
_diffrn_source.size                        ? 
_diffrn_source.source                      'ROTATING ANODE' 
_diffrn_source.target                      ? 
_diffrn_source.type                        RIGAKU 
_diffrn_source.voltage                     ? 
_diffrn_source.take-off_angle              ? 
_diffrn_source.pdbx_wavelength_list        1.5 
_diffrn_source.pdbx_wavelength             ? 
_diffrn_source.pdbx_synchrotron_beamline   ? 
_diffrn_source.pdbx_synchrotron_site       ? 
# 
_reflns.B_iso_Wilson_estimate            ? 
_reflns.entry_id                         5IH2 
_reflns.data_reduction_details           ? 
_reflns.data_reduction_method            ? 
_reflns.d_resolution_high                1.8 
_reflns.d_resolution_low                 50 
_reflns.details                          ? 
_reflns.limit_h_max                      ? 
_reflns.limit_h_min                      ? 
_reflns.limit_k_max                      ? 
_reflns.limit_k_min                      ? 
_reflns.limit_l_max                      ? 
_reflns.limit_l_min                      ? 
_reflns.number_all                       ? 
_reflns.number_obs                       11478 
_reflns.observed_criterion               ? 
_reflns.observed_criterion_F_max         ? 
_reflns.observed_criterion_F_min         ? 
_reflns.observed_criterion_I_max         ? 
_reflns.observed_criterion_I_min         ? 
_reflns.observed_criterion_sigma_F       ? 
_reflns.observed_criterion_sigma_I       ? 
_reflns.percent_possible_obs             99.1 
_reflns.R_free_details                   ? 
_reflns.Rmerge_F_all                     ? 
_reflns.Rmerge_F_obs                     ? 
_reflns.Friedel_coverage                 ? 
_reflns.number_gt                        ? 
_reflns.threshold_expression             ? 
_reflns.pdbx_redundancy                  3.5 
_reflns.pdbx_Rmerge_I_obs                0.144 
_reflns.pdbx_Rmerge_I_all                ? 
_reflns.pdbx_Rsym_value                  ? 
_reflns.pdbx_netI_over_av_sigmaI         ? 
_reflns.pdbx_netI_over_sigmaI            38.055 
_reflns.pdbx_res_netI_over_av_sigmaI_2   ? 
_reflns.pdbx_res_netI_over_sigmaI_2      ? 
_reflns.pdbx_chi_squared                 ? 
_reflns.pdbx_scaling_rejects             ? 
_reflns.pdbx_d_res_high_opt              ? 
_reflns.pdbx_d_res_low_opt               ? 
_reflns.pdbx_d_res_opt_method            ? 
_reflns.phase_calculation_details        ? 
_reflns.pdbx_Rrim_I_all                  ? 
_reflns.pdbx_Rpim_I_all                  ? 
_reflns.pdbx_d_opt                       ? 
_reflns.pdbx_number_measured_all         ? 
_reflns.pdbx_diffrn_id                   1 
_reflns.pdbx_ordinal                     1 
_reflns.pdbx_CC_half                     ? 
_reflns.pdbx_R_split                     ? 
# 
_reflns_shell.d_res_high                  1.8 
_reflns_shell.d_res_low                   1.83 
_reflns_shell.meanI_over_sigI_all         ? 
_reflns_shell.meanI_over_sigI_obs         ? 
_reflns_shell.number_measured_all         ? 
_reflns_shell.number_measured_obs         ? 
_reflns_shell.number_possible             ? 
_reflns_shell.number_unique_all           ? 
_reflns_shell.number_unique_obs           ? 
_reflns_shell.percent_possible_all        ? 
_reflns_shell.percent_possible_obs        ? 
_reflns_shell.Rmerge_F_all                ? 
_reflns_shell.Rmerge_F_obs                ? 
_reflns_shell.Rmerge_I_all                ? 
_reflns_shell.Rmerge_I_obs                ? 
_reflns_shell.meanI_over_sigI_gt          ? 
_reflns_shell.meanI_over_uI_all           ? 
_reflns_shell.meanI_over_uI_gt            ? 
_reflns_shell.number_measured_gt          ? 
_reflns_shell.number_unique_gt            ? 
_reflns_shell.percent_possible_gt         ? 
_reflns_shell.Rmerge_F_gt                 ? 
_reflns_shell.Rmerge_I_gt                 ? 
_reflns_shell.pdbx_redundancy             ? 
_reflns_shell.pdbx_Rsym_value             ? 
_reflns_shell.pdbx_chi_squared            ? 
_reflns_shell.pdbx_netI_over_sigmaI_all   ? 
_reflns_shell.pdbx_netI_over_sigmaI_obs   ? 
_reflns_shell.pdbx_Rrim_I_all             ? 
_reflns_shell.pdbx_Rpim_I_all             ? 
_reflns_shell.pdbx_rejects                ? 
_reflns_shell.pdbx_ordinal                1 
_reflns_shell.pdbx_diffrn_id              1 
_reflns_shell.pdbx_CC_half                ? 
_reflns_shell.pdbx_R_split                ? 
# 
_refine.aniso_B[1][1]                            -0.52 
_refine.aniso_B[1][2]                            0.00 
_refine.aniso_B[1][3]                            0.10 
_refine.aniso_B[2][2]                            -0.03 
_refine.aniso_B[2][3]                            0.00 
_refine.aniso_B[3][3]                            0.53 
_refine.B_iso_max                                ? 
_refine.B_iso_mean                               20.533 
_refine.B_iso_min                                ? 
_refine.correlation_coeff_Fo_to_Fc               0.956 
_refine.correlation_coeff_Fo_to_Fc_free          0.900 
_refine.details                                  'HYDROGENS HAVE BEEN ADDED IN THE RIDING POSITIONS' 
_refine.diff_density_max                         ? 
_refine.diff_density_max_esd                     ? 
_refine.diff_density_min                         ? 
_refine.diff_density_min_esd                     ? 
_refine.diff_density_rms                         ? 
_refine.diff_density_rms_esd                     ? 
_refine.entry_id                                 5IH2 
_refine.pdbx_refine_id                           'X-RAY DIFFRACTION' 
_refine.ls_abs_structure_details                 ? 
_refine.ls_abs_structure_Flack                   ? 
_refine.ls_abs_structure_Flack_esd               ? 
_refine.ls_abs_structure_Rogers                  ? 
_refine.ls_abs_structure_Rogers_esd              ? 
_refine.ls_d_res_high                            1.80 
_refine.ls_d_res_low                             45.63 
_refine.ls_extinction_coef                       ? 
_refine.ls_extinction_coef_esd                   ? 
_refine.ls_extinction_expression                 ? 
_refine.ls_extinction_method                     ? 
_refine.ls_goodness_of_fit_all                   ? 
_refine.ls_goodness_of_fit_all_esd               ? 
_refine.ls_goodness_of_fit_obs                   ? 
_refine.ls_goodness_of_fit_obs_esd               ? 
_refine.ls_hydrogen_treatment                    ? 
_refine.ls_matrix_type                           ? 
_refine.ls_number_constraints                    ? 
_refine.ls_number_parameters                     ? 
_refine.ls_number_reflns_all                     ? 
_refine.ls_number_reflns_obs                     10714 
_refine.ls_number_reflns_R_free                  612 
_refine.ls_number_reflns_R_work                  ? 
_refine.ls_number_restraints                     ? 
_refine.ls_percent_reflns_obs                    98.81 
_refine.ls_percent_reflns_R_free                 5.4 
_refine.ls_R_factor_all                          ? 
_refine.ls_R_factor_obs                          0.17323 
_refine.ls_R_factor_R_free                       0.24252 
_refine.ls_R_factor_R_free_error                 ? 
_refine.ls_R_factor_R_free_error_details         ? 
_refine.ls_R_factor_R_work                       0.16964 
_refine.ls_R_Fsqd_factor_obs                     ? 
_refine.ls_R_I_factor_obs                        ? 
_refine.ls_redundancy_reflns_all                 ? 
_refine.ls_redundancy_reflns_obs                 ? 
_refine.ls_restrained_S_all                      ? 
_refine.ls_restrained_S_obs                      ? 
_refine.ls_shift_over_esd_max                    ? 
_refine.ls_shift_over_esd_mean                   ? 
_refine.ls_structure_factor_coef                 ? 
_refine.ls_weighting_details                     ? 
_refine.ls_weighting_scheme                      ? 
_refine.ls_wR_factor_all                         ? 
_refine.ls_wR_factor_obs                         ? 
_refine.ls_wR_factor_R_free                      ? 
_refine.ls_wR_factor_R_work                      ? 
_refine.occupancy_max                            ? 
_refine.occupancy_min                            ? 
_refine.solvent_model_details                    ? 
_refine.solvent_model_param_bsol                 ? 
_refine.solvent_model_param_ksol                 ? 
_refine.ls_R_factor_gt                           ? 
_refine.ls_goodness_of_fit_gt                    ? 
_refine.ls_goodness_of_fit_ref                   ? 
_refine.ls_shift_over_su_max                     ? 
_refine.ls_shift_over_su_max_lt                  ? 
_refine.ls_shift_over_su_mean                    ? 
_refine.ls_shift_over_su_mean_lt                 ? 
_refine.pdbx_ls_sigma_I                          ? 
_refine.pdbx_ls_sigma_F                          ? 
_refine.pdbx_ls_sigma_Fsqd                       ? 
_refine.pdbx_data_cutoff_high_absF               ? 
_refine.pdbx_data_cutoff_high_rms_absF           ? 
_refine.pdbx_data_cutoff_low_absF                ? 
_refine.pdbx_isotropic_thermal_model             ? 
_refine.pdbx_ls_cross_valid_method               THROUGHOUT 
_refine.pdbx_method_to_determine_struct          'MOLECULAR REPLACEMENT' 
_refine.pdbx_starting_model                      1cka 
_refine.pdbx_stereochemistry_target_values       ? 
_refine.pdbx_R_Free_selection_details            RANDOM 
_refine.pdbx_stereochem_target_val_spec_case     ? 
_refine.pdbx_overall_ESU_R                       0.163 
_refine.pdbx_overall_ESU_R_Free                  0.161 
_refine.pdbx_solvent_vdw_probe_radii             1.20 
_refine.pdbx_solvent_ion_probe_radii             0.80 
_refine.pdbx_solvent_shrinkage_radii             0.80 
_refine.pdbx_real_space_R                        ? 
_refine.pdbx_density_correlation                 ? 
_refine.pdbx_pd_number_of_powder_patterns        ? 
_refine.pdbx_pd_number_of_points                 ? 
_refine.pdbx_pd_meas_number_of_points            ? 
_refine.pdbx_pd_proc_ls_prof_R_factor            ? 
_refine.pdbx_pd_proc_ls_prof_wR_factor           ? 
_refine.pdbx_pd_Marquardt_correlation_coeff      ? 
_refine.pdbx_pd_Fsqrd_R_factor                   ? 
_refine.pdbx_pd_ls_matrix_band_width             ? 
_refine.pdbx_overall_phase_error                 ? 
_refine.pdbx_overall_SU_R_free_Cruickshank_DPI   ? 
_refine.pdbx_overall_SU_R_free_Blow_DPI          ? 
_refine.pdbx_overall_SU_R_Blow_DPI               ? 
_refine.pdbx_TLS_residual_ADP_flag               ? 
_refine.pdbx_diffrn_id                           1 
_refine.overall_SU_B                             ? 
_refine.overall_SU_ML                            ? 
_refine.overall_SU_R_Cruickshank_DPI             ? 
_refine.overall_SU_R_free                        ? 
_refine.overall_FOM_free_R_set                   ? 
_refine.overall_FOM_work_R_set                   ? 
_refine.pdbx_average_fsc_overall                 ? 
_refine.pdbx_average_fsc_work                    ? 
_refine.pdbx_average_fsc_free                    ? 
# 
_refine_hist.pdbx_refine_id                   'X-RAY DIFFRACTION' 
_refine_hist.cycle_id                         1 
_refine_hist.pdbx_number_atoms_protein        1146 
_refine_hist.pdbx_number_atoms_nucleic_acid   0 
_refine_hist.pdbx_number_atoms_ligand         26 
_refine_hist.number_atoms_solvent             181 
_refine_hist.number_atoms_total               1353 
_refine_hist.d_res_high                       1.80 
_refine_hist.d_res_low                        45.63 
# 
loop_
_refine_ls_restr.pdbx_refine_id 
_refine_ls_restr.criterion 
_refine_ls_restr.dev_ideal 
_refine_ls_restr.dev_ideal_target 
_refine_ls_restr.number 
_refine_ls_restr.rejects 
_refine_ls_restr.type 
_refine_ls_restr.weight 
_refine_ls_restr.pdbx_restraint_function 
'X-RAY DIFFRACTION' ? 0.022  0.020  1238 ? r_bond_refined_d             ? ? 
'X-RAY DIFFRACTION' ? 0.000  0.020  1168 ? r_bond_other_d               ? ? 
'X-RAY DIFFRACTION' ? 2.039  1.995  1656 ? r_angle_refined_deg          ? ? 
'X-RAY DIFFRACTION' ? 3.453  3.012  2710 ? r_angle_other_deg            ? ? 
'X-RAY DIFFRACTION' ? 6.132  5.000  138  ? r_dihedral_angle_1_deg       ? ? 
'X-RAY DIFFRACTION' ? 40.848 23.425 73   ? r_dihedral_angle_2_deg       ? ? 
'X-RAY DIFFRACTION' ? 12.171 15.000 221  ? r_dihedral_angle_3_deg       ? ? 
'X-RAY DIFFRACTION' ? 17.973 15.000 13   ? r_dihedral_angle_4_deg       ? ? 
'X-RAY DIFFRACTION' ? 0.113  0.200  150  ? r_chiral_restr               ? ? 
'X-RAY DIFFRACTION' ? 0.011  0.021  1381 ? r_gen_planes_refined         ? ? 
'X-RAY DIFFRACTION' ? 0.024  0.020  280  ? r_gen_planes_other           ? ? 
'X-RAY DIFFRACTION' ? ?      ?      ?    ? r_nbd_refined                ? ? 
'X-RAY DIFFRACTION' ? ?      ?      ?    ? r_nbd_other                  ? ? 
'X-RAY DIFFRACTION' ? ?      ?      ?    ? r_nbtor_refined              ? ? 
'X-RAY DIFFRACTION' ? ?      ?      ?    ? r_nbtor_other                ? ? 
'X-RAY DIFFRACTION' ? ?      ?      ?    ? r_xyhbond_nbd_refined        ? ? 
'X-RAY DIFFRACTION' ? ?      ?      ?    ? r_xyhbond_nbd_other          ? ? 
'X-RAY DIFFRACTION' ? ?      ?      ?    ? r_metal_ion_refined          ? ? 
'X-RAY DIFFRACTION' ? ?      ?      ?    ? r_metal_ion_other            ? ? 
'X-RAY DIFFRACTION' ? ?      ?      ?    ? r_symmetry_vdw_refined       ? ? 
'X-RAY DIFFRACTION' ? ?      ?      ?    ? r_symmetry_vdw_other         ? ? 
'X-RAY DIFFRACTION' ? ?      ?      ?    ? r_symmetry_hbond_refined     ? ? 
'X-RAY DIFFRACTION' ? ?      ?      ?    ? r_symmetry_hbond_other       ? ? 
'X-RAY DIFFRACTION' ? ?      ?      ?    ? r_symmetry_metal_ion_refined ? ? 
'X-RAY DIFFRACTION' ? ?      ?      ?    ? r_symmetry_metal_ion_other   ? ? 
'X-RAY DIFFRACTION' ? 1.538  1.776  556  ? r_mcbond_it                  ? ? 
'X-RAY DIFFRACTION' ? 1.536  1.774  555  ? r_mcbond_other               ? ? 
'X-RAY DIFFRACTION' ? 2.096  2.642  694  ? r_mcangle_it                 ? ? 
'X-RAY DIFFRACTION' ? 2.096  2.645  695  ? r_mcangle_other              ? ? 
'X-RAY DIFFRACTION' ? 2.792  2.144  682  ? r_scbond_it                  ? ? 
'X-RAY DIFFRACTION' ? 2.927  2.142  683  ? r_scbond_other               ? ? 
'X-RAY DIFFRACTION' ? ?      ?      ?    ? r_scangle_it                 ? ? 
'X-RAY DIFFRACTION' ? 4.236  3.090  963  ? r_scangle_other              ? ? 
'X-RAY DIFFRACTION' ? 6.450  16.411 1517 ? r_long_range_B_refined       ? ? 
'X-RAY DIFFRACTION' ? 5.884  15.548 1437 ? r_long_range_B_other         ? ? 
'X-RAY DIFFRACTION' ? ?      ?      ?    ? r_rigid_bond_restr           ? ? 
'X-RAY DIFFRACTION' ? ?      ?      ?    ? r_sphericity_free            ? ? 
'X-RAY DIFFRACTION' ? ?      ?      ?    ? r_sphericity_bonded          ? ? 
# 
_refine_ls_shell.pdbx_refine_id                   'X-RAY DIFFRACTION' 
_refine_ls_shell.d_res_high                       1.798 
_refine_ls_shell.d_res_low                        1.845 
_refine_ls_shell.number_reflns_all                ? 
_refine_ls_shell.number_reflns_obs                ? 
_refine_ls_shell.number_reflns_R_free             48 
_refine_ls_shell.number_reflns_R_work             762 
_refine_ls_shell.percent_reflns_obs               96.09 
_refine_ls_shell.percent_reflns_R_free            ? 
_refine_ls_shell.R_factor_all                     ? 
_refine_ls_shell.R_factor_obs                     ? 
_refine_ls_shell.R_factor_R_free                  0.273 
_refine_ls_shell.R_factor_R_free_error            ? 
_refine_ls_shell.R_factor_R_work                  0.101 
_refine_ls_shell.redundancy_reflns_all            ? 
_refine_ls_shell.redundancy_reflns_obs            ? 
_refine_ls_shell.wR_factor_all                    ? 
_refine_ls_shell.wR_factor_obs                    ? 
_refine_ls_shell.wR_factor_R_free                 ? 
_refine_ls_shell.wR_factor_R_work                 ? 
_refine_ls_shell.pdbx_total_number_of_bins_used   20 
_refine_ls_shell.pdbx_phase_error                 ? 
_refine_ls_shell.pdbx_fsc_work                    ? 
_refine_ls_shell.pdbx_fsc_free                    ? 
# 
_struct.entry_id                     5IH2 
_struct.title                        
;Structure, thermodynamics, and the role of conformational dynamics in the interactions between the N-terminal SH3 domain of CrkII and proline-rich motifs in cAbl
;
_struct.pdbx_model_details           ? 
_struct.pdbx_formula_weight          ? 
_struct.pdbx_formula_weight_method   ? 
_struct.pdbx_model_type_details      ? 
_struct.pdbx_CASP_flag               ? 
# 
_struct_keywords.entry_id        5IH2 
_struct_keywords.text            'SH3 domain Polyproline II motif, SIGNALING PROTEIN' 
_struct_keywords.pdbx_keywords   'SIGNALING PROTEIN' 
# 
loop_
_struct_asym.id 
_struct_asym.pdbx_blank_PDB_chainid_flag 
_struct_asym.pdbx_modified 
_struct_asym.entity_id 
_struct_asym.details 
A N N 1 ? 
B N N 1 ? 
C N N 2 ? 
D N N 2 ? 
E N N 3 ? 
F N N 4 ? 
G N N 4 ? 
H N N 4 ? 
I N N 5 ? 
J N N 4 ? 
K N N 5 ? 
L N N 6 ? 
M N N 6 ? 
N N N 6 ? 
O N N 6 ? 
# 
loop_
_struct_ref.id 
_struct_ref.db_name 
_struct_ref.db_code 
_struct_ref.pdbx_db_accession 
_struct_ref.pdbx_db_isoform 
_struct_ref.entity_id 
_struct_ref.pdbx_seq_one_letter_code 
_struct_ref.pdbx_align_begin 
1 UNP CRK_MOUSE Q64010 ? 1 AEYVRALFDFNGNDEEDLPFKKGDILRIRDKPEEQWWNAEDSEGKRGMIPVPYVEKYR 134 
2 PDB 5IH2      5IH2   ? 2 ?                                                          1   
# 
loop_
_struct_ref_seq.align_id 
_struct_ref_seq.ref_id 
_struct_ref_seq.pdbx_PDB_id_code 
_struct_ref_seq.pdbx_strand_id 
_struct_ref_seq.seq_align_beg 
_struct_ref_seq.pdbx_seq_align_beg_ins_code 
_struct_ref_seq.seq_align_end 
_struct_ref_seq.pdbx_seq_align_end_ins_code 
_struct_ref_seq.pdbx_db_accession 
_struct_ref_seq.db_align_beg 
_struct_ref_seq.pdbx_db_align_beg_ins_code 
_struct_ref_seq.db_align_end 
_struct_ref_seq.pdbx_db_align_end_ins_code 
_struct_ref_seq.pdbx_auth_seq_align_beg 
_struct_ref_seq.pdbx_auth_seq_align_end 
1 1 5IH2 A 1 ? 58 ? Q64010 134 ? 191 ? 134 191 
2 1 5IH2 B 1 ? 58 ? Q64010 134 ? 191 ? 134 191 
3 2 5IH2 M 1 ? 12 ? 5IH2   -1  ? 10  ? -1  10  
4 2 5IH2 N 1 ? 12 ? 5IH2   -1  ? 10  ? -1  10  
# 
loop_
_pdbx_struct_assembly.id 
_pdbx_struct_assembly.details 
_pdbx_struct_assembly.method_details 
_pdbx_struct_assembly.oligomeric_details 
_pdbx_struct_assembly.oligomeric_count 
1 author_and_software_defined_assembly PISA dimeric 2 
2 author_and_software_defined_assembly PISA dimeric 2 
# 
loop_
_pdbx_struct_assembly_prop.biol_id 
_pdbx_struct_assembly_prop.type 
_pdbx_struct_assembly_prop.value 
_pdbx_struct_assembly_prop.details 
1 'ABSA (A^2)' 1550 ? 
1 MORE         -25  ? 
1 'SSA (A^2)'  5540 ? 
2 'ABSA (A^2)' 1160 ? 
2 MORE         -17  ? 
2 'SSA (A^2)'  5220 ? 
# 
loop_
_pdbx_struct_assembly_gen.assembly_id 
_pdbx_struct_assembly_gen.oper_expression 
_pdbx_struct_assembly_gen.asym_id_list 
1 1 A,C,E,F,G,H,L,N 
2 1 B,D,I,J,K,M,O   
# 
_pdbx_struct_oper_list.id                   1 
_pdbx_struct_oper_list.type                 'identity operation' 
_pdbx_struct_oper_list.name                 1_555 
_pdbx_struct_oper_list.symmetry_operation   x,y,z 
_pdbx_struct_oper_list.matrix[1][1]         1.0000000000 
_pdbx_struct_oper_list.matrix[1][2]         0.0000000000 
_pdbx_struct_oper_list.matrix[1][3]         0.0000000000 
_pdbx_struct_oper_list.vector[1]            0.0000000000 
_pdbx_struct_oper_list.matrix[2][1]         0.0000000000 
_pdbx_struct_oper_list.matrix[2][2]         1.0000000000 
_pdbx_struct_oper_list.matrix[2][3]         0.0000000000 
_pdbx_struct_oper_list.vector[2]            0.0000000000 
_pdbx_struct_oper_list.matrix[3][1]         0.0000000000 
_pdbx_struct_oper_list.matrix[3][2]         0.0000000000 
_pdbx_struct_oper_list.matrix[3][3]         1.0000000000 
_pdbx_struct_oper_list.vector[3]            0.0000000000 
# 
loop_
_struct_conn.id 
_struct_conn.conn_type_id 
_struct_conn.pdbx_leaving_atom_flag 
_struct_conn.pdbx_PDB_id 
_struct_conn.ptnr1_label_asym_id 
_struct_conn.ptnr1_label_comp_id 
_struct_conn.ptnr1_label_seq_id 
_struct_conn.ptnr1_label_atom_id 
_struct_conn.pdbx_ptnr1_label_alt_id 
_struct_conn.pdbx_ptnr1_PDB_ins_code 
_struct_conn.pdbx_ptnr1_standard_comp_id 
_struct_conn.ptnr1_symmetry 
_struct_conn.ptnr2_label_asym_id 
_struct_conn.ptnr2_label_comp_id 
_struct_conn.ptnr2_label_seq_id 
_struct_conn.ptnr2_label_atom_id 
_struct_conn.pdbx_ptnr2_label_alt_id 
_struct_conn.pdbx_ptnr2_PDB_ins_code 
_struct_conn.ptnr1_auth_asym_id 
_struct_conn.ptnr1_auth_comp_id 
_struct_conn.ptnr1_auth_seq_id 
_struct_conn.ptnr2_auth_asym_id 
_struct_conn.ptnr2_auth_comp_id 
_struct_conn.ptnr2_auth_seq_id 
_struct_conn.ptnr2_symmetry 
_struct_conn.pdbx_ptnr3_label_atom_id 
_struct_conn.pdbx_ptnr3_label_seq_id 
_struct_conn.pdbx_ptnr3_label_comp_id 
_struct_conn.pdbx_ptnr3_label_asym_id 
_struct_conn.pdbx_ptnr3_label_alt_id 
_struct_conn.pdbx_ptnr3_PDB_ins_code 
_struct_conn.details 
_struct_conn.pdbx_dist_value 
_struct_conn.pdbx_value_order 
_struct_conn.pdbx_role 
covale1  covale both ? C ACE 1  C  ? ? ? 1_555 C TYR 2  N  ? ? M ACE -1  M TYR 0   1_555 ? ? ? ? ? ? ? 1.461 ? ? 
covale2  covale both ? C ARG 11 C  ? ? ? 1_555 C NH2 12 N  ? ? M ARG 9   M NH2 10  1_555 ? ? ? ? ? ? ? 1.490 ? ? 
covale3  covale both ? D ACE 1  C  ? ? ? 1_555 D TYR 2  N  ? ? N ACE -1  N TYR 0   1_555 ? ? ? ? ? ? ? 1.470 ? ? 
covale4  covale both ? D ARG 11 C  ? ? ? 1_555 D NH2 12 N  ? ? N ARG 9   N NH2 10  1_555 ? ? ? ? ? ? ? 1.295 ? ? 
metalc1  metalc ?    ? A ALA 1  O  ? ? ? 1_555 G NA  .  NA ? ? A ALA 134 A NA  203 1_555 ? ? ? ? ? ? ? 2.370 ? ? 
metalc2  metalc ?    ? A ARG 46 O  ? ? ? 1_555 F NA  .  NA ? ? A ARG 179 A NA  202 1_555 ? ? ? ? ? ? ? 2.449 ? ? 
metalc3  metalc ?    ? F NA  .  NA ? ? ? 1_555 L HOH .  O  ? ? A NA  202 A HOH 305 1_565 ? ? ? ? ? ? ? 2.323 ? ? 
metalc4  metalc ?    ? F NA  .  NA ? ? ? 1_555 L HOH .  O  ? ? A NA  202 A HOH 309 1_555 ? ? ? ? ? ? ? 2.370 ? ? 
metalc5  metalc ?    ? F NA  .  NA ? ? ? 1_555 M HOH .  O  ? ? A NA  202 B HOH 335 1_555 ? ? ? ? ? ? ? 2.592 ? ? 
metalc6  metalc ?    ? G NA  .  NA ? ? ? 1_555 L HOH .  O  ? ? A NA  203 A HOH 351 1_555 ? ? ? ? ? ? ? 2.768 ? ? 
metalc7  metalc ?    ? G NA  .  NA ? ? ? 1_555 L HOH .  O  ? ? A NA  203 A HOH 362 1_555 ? ? ? ? ? ? ? 2.541 ? ? 
metalc8  metalc ?    ? G NA  .  NA ? ? ? 1_555 L HOH .  O  ? ? A NA  203 A HOH 365 1_555 ? ? ? ? ? ? ? 2.350 ? ? 
metalc9  metalc ?    ? G NA  .  NA ? ? ? 1_555 L HOH .  O  ? ? A NA  203 A HOH 381 1_555 ? ? ? ? ? ? ? 2.397 ? ? 
metalc10 metalc ?    ? G NA  .  NA ? ? ? 1_555 M HOH .  O  ? ? A NA  203 B HOH 342 1_545 ? ? ? ? ? ? ? 2.481 ? ? 
metalc11 metalc ?    ? G NA  .  NA ? ? ? 1_555 M HOH .  O  ? ? A NA  203 B HOH 350 1_545 ? ? ? ? ? ? ? 2.253 ? ? 
metalc12 metalc ?    ? H NA  .  NA ? ? ? 1_555 N HOH .  O  ? ? A NA  204 M HOH 116 1_555 ? ? ? ? ? ? ? 3.110 ? ? 
metalc13 metalc ?    ? B GLY 12 O  ? ? ? 1_555 J NA  .  NA ? ? B GLY 145 B NA  202 1_555 ? ? ? ? ? ? ? 2.358 ? ? 
metalc14 metalc ?    ? B ASP 14 O  ? ? ? 1_555 J NA  .  NA ? ? B ASP 147 B NA  202 1_555 ? ? ? ? ? ? ? 2.431 ? ? 
metalc15 metalc ?    ? B ASP 17 O  ? ? ? 1_555 J NA  .  NA ? ? B ASP 150 B NA  202 1_555 ? ? ? ? ? ? ? 2.501 ? ? 
metalc16 metalc ?    ? J NA  .  NA ? ? ? 1_555 M HOH .  O  ? ? B NA  202 B HOH 319 1_555 ? ? ? ? ? ? ? 2.342 ? ? 
metalc17 metalc ?    ? J NA  .  NA ? ? ? 1_555 M HOH .  O  ? ? B NA  202 B HOH 324 1_555 ? ? ? ? ? ? ? 2.209 ? ? 
# 
loop_
_struct_conn_type.id 
_struct_conn_type.criteria 
_struct_conn_type.reference 
covale ? ? 
metalc ? ? 
# 
loop_
_pdbx_struct_conn_angle.id 
_pdbx_struct_conn_angle.ptnr1_label_atom_id 
_pdbx_struct_conn_angle.ptnr1_label_alt_id 
_pdbx_struct_conn_angle.ptnr1_label_asym_id 
_pdbx_struct_conn_angle.ptnr1_label_comp_id 
_pdbx_struct_conn_angle.ptnr1_label_seq_id 
_pdbx_struct_conn_angle.ptnr1_auth_atom_id 
_pdbx_struct_conn_angle.ptnr1_auth_asym_id 
_pdbx_struct_conn_angle.ptnr1_auth_comp_id 
_pdbx_struct_conn_angle.ptnr1_auth_seq_id 
_pdbx_struct_conn_angle.ptnr1_PDB_ins_code 
_pdbx_struct_conn_angle.ptnr1_symmetry 
_pdbx_struct_conn_angle.ptnr2_label_atom_id 
_pdbx_struct_conn_angle.ptnr2_label_alt_id 
_pdbx_struct_conn_angle.ptnr2_label_asym_id 
_pdbx_struct_conn_angle.ptnr2_label_comp_id 
_pdbx_struct_conn_angle.ptnr2_label_seq_id 
_pdbx_struct_conn_angle.ptnr2_auth_atom_id 
_pdbx_struct_conn_angle.ptnr2_auth_asym_id 
_pdbx_struct_conn_angle.ptnr2_auth_comp_id 
_pdbx_struct_conn_angle.ptnr2_auth_seq_id 
_pdbx_struct_conn_angle.ptnr2_PDB_ins_code 
_pdbx_struct_conn_angle.ptnr2_symmetry 
_pdbx_struct_conn_angle.ptnr3_label_atom_id 
_pdbx_struct_conn_angle.ptnr3_label_alt_id 
_pdbx_struct_conn_angle.ptnr3_label_asym_id 
_pdbx_struct_conn_angle.ptnr3_label_comp_id 
_pdbx_struct_conn_angle.ptnr3_label_seq_id 
_pdbx_struct_conn_angle.ptnr3_auth_atom_id 
_pdbx_struct_conn_angle.ptnr3_auth_asym_id 
_pdbx_struct_conn_angle.ptnr3_auth_comp_id 
_pdbx_struct_conn_angle.ptnr3_auth_seq_id 
_pdbx_struct_conn_angle.ptnr3_PDB_ins_code 
_pdbx_struct_conn_angle.ptnr3_symmetry 
_pdbx_struct_conn_angle.value 
_pdbx_struct_conn_angle.value_esd 
1  O ? A ALA 1  ? A ALA 134 ? 1_555 NA ? G NA . ? A NA 203 ? 1_555 O ? L HOH .  ? A HOH 351 ? 1_555 97.7  ? 
2  O ? A ALA 1  ? A ALA 134 ? 1_555 NA ? G NA . ? A NA 203 ? 1_555 O ? L HOH .  ? A HOH 362 ? 1_555 83.3  ? 
3  O ? L HOH .  ? A HOH 351 ? 1_555 NA ? G NA . ? A NA 203 ? 1_555 O ? L HOH .  ? A HOH 362 ? 1_555 85.2  ? 
4  O ? A ALA 1  ? A ALA 134 ? 1_555 NA ? G NA . ? A NA 203 ? 1_555 O ? L HOH .  ? A HOH 365 ? 1_555 94.4  ? 
5  O ? L HOH .  ? A HOH 351 ? 1_555 NA ? G NA . ? A NA 203 ? 1_555 O ? L HOH .  ? A HOH 365 ? 1_555 163.9 ? 
6  O ? L HOH .  ? A HOH 362 ? 1_555 NA ? G NA . ? A NA 203 ? 1_555 O ? L HOH .  ? A HOH 365 ? 1_555 85.7  ? 
7  O ? A ALA 1  ? A ALA 134 ? 1_555 NA ? G NA . ? A NA 203 ? 1_555 O ? L HOH .  ? A HOH 381 ? 1_555 177.3 ? 
8  O ? L HOH .  ? A HOH 351 ? 1_555 NA ? G NA . ? A NA 203 ? 1_555 O ? L HOH .  ? A HOH 381 ? 1_555 82.2  ? 
9  O ? L HOH .  ? A HOH 362 ? 1_555 NA ? G NA . ? A NA 203 ? 1_555 O ? L HOH .  ? A HOH 381 ? 1_555 94.0  ? 
10 O ? L HOH .  ? A HOH 365 ? 1_555 NA ? G NA . ? A NA 203 ? 1_555 O ? L HOH .  ? A HOH 381 ? 1_555 85.2  ? 
11 O ? A ALA 1  ? A ALA 134 ? 1_555 NA ? G NA . ? A NA 203 ? 1_555 O ? M HOH .  ? B HOH 342 ? 1_545 91.9  ? 
12 O ? L HOH .  ? A HOH 351 ? 1_555 NA ? G NA . ? A NA 203 ? 1_555 O ? M HOH .  ? B HOH 342 ? 1_545 90.5  ? 
13 O ? L HOH .  ? A HOH 362 ? 1_555 NA ? G NA . ? A NA 203 ? 1_555 O ? M HOH .  ? B HOH 342 ? 1_545 173.0 ? 
14 O ? L HOH .  ? A HOH 365 ? 1_555 NA ? G NA . ? A NA 203 ? 1_555 O ? M HOH .  ? B HOH 342 ? 1_545 99.8  ? 
15 O ? L HOH .  ? A HOH 381 ? 1_555 NA ? G NA . ? A NA 203 ? 1_555 O ? M HOH .  ? B HOH 342 ? 1_545 90.8  ? 
16 O ? A ALA 1  ? A ALA 134 ? 1_555 NA ? G NA . ? A NA 203 ? 1_555 O ? M HOH .  ? B HOH 350 ? 1_545 101.7 ? 
17 O ? L HOH .  ? A HOH 351 ? 1_555 NA ? G NA . ? A NA 203 ? 1_555 O ? M HOH .  ? B HOH 350 ? 1_545 135.6 ? 
18 O ? L HOH .  ? A HOH 362 ? 1_555 NA ? G NA . ? A NA 203 ? 1_555 O ? M HOH .  ? B HOH 350 ? 1_545 136.2 ? 
19 O ? L HOH .  ? A HOH 365 ? 1_555 NA ? G NA . ? A NA 203 ? 1_555 O ? M HOH .  ? B HOH 350 ? 1_545 50.8  ? 
20 O ? L HOH .  ? A HOH 381 ? 1_555 NA ? G NA . ? A NA 203 ? 1_555 O ? M HOH .  ? B HOH 350 ? 1_545 80.1  ? 
21 O ? M HOH .  ? B HOH 342 ? 1_545 NA ? G NA . ? A NA 203 ? 1_555 O ? M HOH .  ? B HOH 350 ? 1_545 49.7  ? 
22 O ? A ARG 46 ? A ARG 179 ? 1_555 NA ? F NA . ? A NA 202 ? 1_555 O ? L HOH .  ? A HOH 305 ? 1_565 90.7  ? 
23 O ? A ARG 46 ? A ARG 179 ? 1_555 NA ? F NA . ? A NA 202 ? 1_555 O ? L HOH .  ? A HOH 309 ? 1_555 97.6  ? 
24 O ? L HOH .  ? A HOH 305 ? 1_565 NA ? F NA . ? A NA 202 ? 1_555 O ? L HOH .  ? A HOH 309 ? 1_555 98.6  ? 
25 O ? A ARG 46 ? A ARG 179 ? 1_555 NA ? F NA . ? A NA 202 ? 1_555 O ? M HOH .  ? B HOH 335 ? 1_555 85.7  ? 
26 O ? L HOH .  ? A HOH 305 ? 1_565 NA ? F NA . ? A NA 202 ? 1_555 O ? M HOH .  ? B HOH 335 ? 1_555 85.6  ? 
27 O ? L HOH .  ? A HOH 309 ? 1_555 NA ? F NA . ? A NA 202 ? 1_555 O ? M HOH .  ? B HOH 335 ? 1_555 174.6 ? 
28 O ? B GLY 12 ? B GLY 145 ? 1_555 NA ? J NA . ? B NA 202 ? 1_555 O ? B ASP 14 ? B ASP 147 ? 1_555 81.1  ? 
29 O ? B GLY 12 ? B GLY 145 ? 1_555 NA ? J NA . ? B NA 202 ? 1_555 O ? B ASP 17 ? B ASP 150 ? 1_555 100.2 ? 
30 O ? B ASP 14 ? B ASP 147 ? 1_555 NA ? J NA . ? B NA 202 ? 1_555 O ? B ASP 17 ? B ASP 150 ? 1_555 91.0  ? 
31 O ? B GLY 12 ? B GLY 145 ? 1_555 NA ? J NA . ? B NA 202 ? 1_555 O ? M HOH .  ? B HOH 319 ? 1_555 84.7  ? 
32 O ? B ASP 14 ? B ASP 147 ? 1_555 NA ? J NA . ? B NA 202 ? 1_555 O ? M HOH .  ? B HOH 319 ? 1_555 92.7  ? 
33 O ? B ASP 17 ? B ASP 150 ? 1_555 NA ? J NA . ? B NA 202 ? 1_555 O ? M HOH .  ? B HOH 319 ? 1_555 174.3 ? 
34 O ? B GLY 12 ? B GLY 145 ? 1_555 NA ? J NA . ? B NA 202 ? 1_555 O ? M HOH .  ? B HOH 324 ? 1_555 134.3 ? 
35 O ? B ASP 14 ? B ASP 147 ? 1_555 NA ? J NA . ? B NA 202 ? 1_555 O ? M HOH .  ? B HOH 324 ? 1_555 144.5 ? 
36 O ? B ASP 17 ? B ASP 150 ? 1_555 NA ? J NA . ? B NA 202 ? 1_555 O ? M HOH .  ? B HOH 324 ? 1_555 82.0  ? 
37 O ? M HOH .  ? B HOH 319 ? 1_555 NA ? J NA . ? B NA 202 ? 1_555 O ? M HOH .  ? B HOH 324 ? 1_555 92.5  ? 
# 
loop_
_pdbx_modification_feature.ordinal 
_pdbx_modification_feature.label_comp_id 
_pdbx_modification_feature.label_asym_id 
_pdbx_modification_feature.label_seq_id 
_pdbx_modification_feature.label_alt_id 
_pdbx_modification_feature.modified_residue_label_comp_id 
_pdbx_modification_feature.modified_residue_label_asym_id 
_pdbx_modification_feature.modified_residue_label_seq_id 
_pdbx_modification_feature.modified_residue_label_alt_id 
_pdbx_modification_feature.auth_comp_id 
_pdbx_modification_feature.auth_asym_id 
_pdbx_modification_feature.auth_seq_id 
_pdbx_modification_feature.PDB_ins_code 
_pdbx_modification_feature.symmetry 
_pdbx_modification_feature.modified_residue_auth_comp_id 
_pdbx_modification_feature.modified_residue_auth_asym_id 
_pdbx_modification_feature.modified_residue_auth_seq_id 
_pdbx_modification_feature.modified_residue_PDB_ins_code 
_pdbx_modification_feature.modified_residue_symmetry 
_pdbx_modification_feature.comp_id_linking_atom 
_pdbx_modification_feature.modified_residue_id_linking_atom 
_pdbx_modification_feature.modified_residue_id 
_pdbx_modification_feature.ref_pcm_id 
_pdbx_modification_feature.ref_comp_id 
_pdbx_modification_feature.type 
_pdbx_modification_feature.category 
1 ACE C 1  ? TYR C 2  ? ACE M -1 ? 1_555 TYR M 0 ? 1_555 . . TYR 5 ACE None 'Terminal acetylation' 
2 ACE D 1  ? TYR D 2  ? ACE N -1 ? 1_555 TYR N 0 ? 1_555 . . TYR 5 ACE None 'Terminal acetylation' 
3 NH2 C 12 ? ARG C 11 ? NH2 M 10 ? 1_555 ARG M 9 ? 1_555 . . ARG 8 NH2 None 'Terminal amidation'   
4 NH2 D 12 ? ARG D 11 ? NH2 N 10 ? 1_555 ARG N 9 ? 1_555 . . ARG 8 NH2 None 'Terminal amidation'   
# 
loop_
_struct_sheet.id 
_struct_sheet.type 
_struct_sheet.number_strands 
_struct_sheet.details 
AA1 ? 5 ? 
AA2 ? 5 ? 
# 
loop_
_struct_sheet_order.sheet_id 
_struct_sheet_order.range_id_1 
_struct_sheet_order.range_id_2 
_struct_sheet_order.offset 
_struct_sheet_order.sense 
AA1 1 2 ? anti-parallel 
AA1 2 3 ? anti-parallel 
AA1 3 4 ? anti-parallel 
AA1 4 5 ? anti-parallel 
AA2 1 2 ? anti-parallel 
AA2 2 3 ? anti-parallel 
AA2 3 4 ? anti-parallel 
AA2 4 5 ? anti-parallel 
# 
loop_
_struct_sheet_range.sheet_id 
_struct_sheet_range.id 
_struct_sheet_range.beg_label_comp_id 
_struct_sheet_range.beg_label_asym_id 
_struct_sheet_range.beg_label_seq_id 
_struct_sheet_range.pdbx_beg_PDB_ins_code 
_struct_sheet_range.end_label_comp_id 
_struct_sheet_range.end_label_asym_id 
_struct_sheet_range.end_label_seq_id 
_struct_sheet_range.pdbx_end_PDB_ins_code 
_struct_sheet_range.beg_auth_comp_id 
_struct_sheet_range.beg_auth_asym_id 
_struct_sheet_range.beg_auth_seq_id 
_struct_sheet_range.end_auth_comp_id 
_struct_sheet_range.end_auth_asym_id 
_struct_sheet_range.end_auth_seq_id 
AA1 1 ARG A 46 ? PRO A 50 ? ARG A 179 PRO A 183 
AA1 2 TRP A 36 ? GLU A 40 ? TRP A 169 GLU A 173 
AA1 3 ILE A 25 ? ASP A 30 ? ILE A 158 ASP A 163 
AA1 4 GLU A 2  ? ALA A 6  ? GLU A 135 ALA A 139 
AA1 5 VAL A 54 ? LYS A 56 ? VAL A 187 LYS A 189 
AA2 1 ARG B 46 ? PRO B 50 ? ARG B 179 PRO B 183 
AA2 2 TRP B 36 ? GLU B 40 ? TRP B 169 GLU B 173 
AA2 3 ILE B 25 ? ASP B 30 ? ILE B 158 ASP B 163 
AA2 4 TYR B 3  ? ALA B 6  ? TYR B 136 ALA B 139 
AA2 5 VAL B 54 ? GLU B 55 ? VAL B 187 GLU B 188 
# 
loop_
_pdbx_struct_sheet_hbond.sheet_id 
_pdbx_struct_sheet_hbond.range_id_1 
_pdbx_struct_sheet_hbond.range_id_2 
_pdbx_struct_sheet_hbond.range_1_label_atom_id 
_pdbx_struct_sheet_hbond.range_1_label_comp_id 
_pdbx_struct_sheet_hbond.range_1_label_asym_id 
_pdbx_struct_sheet_hbond.range_1_label_seq_id 
_pdbx_struct_sheet_hbond.range_1_PDB_ins_code 
_pdbx_struct_sheet_hbond.range_1_auth_atom_id 
_pdbx_struct_sheet_hbond.range_1_auth_comp_id 
_pdbx_struct_sheet_hbond.range_1_auth_asym_id 
_pdbx_struct_sheet_hbond.range_1_auth_seq_id 
_pdbx_struct_sheet_hbond.range_2_label_atom_id 
_pdbx_struct_sheet_hbond.range_2_label_comp_id 
_pdbx_struct_sheet_hbond.range_2_label_asym_id 
_pdbx_struct_sheet_hbond.range_2_label_seq_id 
_pdbx_struct_sheet_hbond.range_2_PDB_ins_code 
_pdbx_struct_sheet_hbond.range_2_auth_atom_id 
_pdbx_struct_sheet_hbond.range_2_auth_comp_id 
_pdbx_struct_sheet_hbond.range_2_auth_asym_id 
_pdbx_struct_sheet_hbond.range_2_auth_seq_id 
AA1 1 2 O GLY A 47 ? O GLY A 180 N ALA A 39 ? N ALA A 172 
AA1 2 3 O GLU A 40 ? O GLU A 173 N ARG A 27 ? N ARG A 160 
AA1 3 4 O ILE A 28 ? O ILE A 161 N GLU A 2  ? N GLU A 135 
AA1 4 5 N ARG A 5  ? N ARG A 138 O GLU A 55 ? O GLU A 188 
AA2 1 2 O ILE B 49 ? O ILE B 182 N TRP B 37 ? N TRP B 170 
AA2 2 3 O ASN B 38 ? O ASN B 171 N ARG B 29 ? N ARG B 162 
AA2 3 4 O LEU B 26 ? O LEU B 159 N VAL B 4  ? N VAL B 137 
AA2 4 5 N ARG B 5  ? N ARG B 138 O GLU B 55 ? O GLU B 188 
# 
loop_
_struct_site.id 
_struct_site.pdbx_evidence_code 
_struct_site.pdbx_auth_asym_id 
_struct_site.pdbx_auth_comp_id 
_struct_site.pdbx_auth_seq_id 
_struct_site.pdbx_auth_ins_code 
_struct_site.pdbx_num_residues 
_struct_site.details 
AC1 Software A PEG 201 ? 7 'binding site for residue PEG A 201' 
AC2 Software A NA  202 ? 4 'binding site for residue NA A 202'  
AC3 Software A NA  203 ? 7 'binding site for residue NA A 203'  
AC4 Software A NA  204 ? 2 'binding site for residue NA A 204'  
AC5 Software B P4G 201 ? 3 'binding site for residue P4G B 201' 
AC6 Software B NA  202 ? 6 'binding site for residue NA B 202'  
AC7 Software N P4G 101 ? 5 'binding site for residue P4G N 101' 
# 
loop_
_struct_site_gen.id 
_struct_site_gen.site_id 
_struct_site_gen.pdbx_num_res 
_struct_site_gen.label_comp_id 
_struct_site_gen.label_asym_id 
_struct_site_gen.label_seq_id 
_struct_site_gen.pdbx_auth_ins_code 
_struct_site_gen.auth_comp_id 
_struct_site_gen.auth_asym_id 
_struct_site_gen.auth_seq_id 
_struct_site_gen.label_atom_id 
_struct_site_gen.label_alt_id 
_struct_site_gen.symmetry 
_struct_site_gen.details 
1  AC1 7 ILE A 25 ? ILE A 158 . ? 1_555 ? 
2  AC1 7 GLU A 40 ? GLU A 173 . ? 1_555 ? 
3  AC1 7 ASP A 41 ? ASP A 174 . ? 1_555 ? 
4  AC1 7 SER A 42 ? SER A 175 . ? 1_555 ? 
5  AC1 7 HOH L .  ? HOH A 321 . ? 1_555 ? 
6  AC1 7 HOH L .  ? HOH A 326 . ? 1_555 ? 
7  AC1 7 HOH L .  ? HOH A 327 . ? 1_555 ? 
8  AC2 4 ARG A 46 ? ARG A 179 . ? 1_555 ? 
9  AC2 4 HOH L .  ? HOH A 305 . ? 1_565 ? 
10 AC2 4 HOH L .  ? HOH A 309 . ? 1_555 ? 
11 AC2 4 HOH M .  ? HOH B 335 . ? 1_555 ? 
12 AC3 7 ALA A 1  ? ALA A 134 . ? 1_555 ? 
13 AC3 7 HOH L .  ? HOH A 351 . ? 1_555 ? 
14 AC3 7 HOH L .  ? HOH A 362 . ? 1_555 ? 
15 AC3 7 HOH L .  ? HOH A 365 . ? 1_555 ? 
16 AC3 7 HOH L .  ? HOH A 381 . ? 1_555 ? 
17 AC3 7 HOH M .  ? HOH B 342 . ? 1_545 ? 
18 AC3 7 HOH M .  ? HOH B 350 . ? 1_545 ? 
19 AC4 2 ASN A 11 ? ASN A 144 . ? 1_555 ? 
20 AC4 2 LYS A 21 ? LYS A 154 . ? 1_555 ? 
21 AC5 3 ASP B 41 ? ASP B 174 . ? 1_555 ? 
22 AC5 3 SER B 42 ? SER B 175 . ? 1_555 ? 
23 AC5 3 HOH M .  ? HOH B 337 . ? 1_555 ? 
24 AC6 6 GLY B 12 ? GLY B 145 . ? 1_555 ? 
25 AC6 6 ASP B 14 ? ASP B 147 . ? 1_555 ? 
26 AC6 6 GLU B 15 ? GLU B 148 . ? 1_555 ? 
27 AC6 6 ASP B 17 ? ASP B 150 . ? 1_555 ? 
28 AC6 6 HOH M .  ? HOH B 319 . ? 1_555 ? 
29 AC6 6 HOH M .  ? HOH B 324 . ? 1_555 ? 
30 AC7 5 PHE B 8  ? PHE B 141 . ? 1_555 ? 
31 AC7 5 ASP B 9  ? ASP B 142 . ? 1_555 ? 
32 AC7 5 TYR D 2  ? TYR N 0   . ? 1_555 ? 
33 AC7 5 LYS D 4  ? LYS N 2   . ? 1_555 ? 
34 AC7 5 HOH O .  ? HOH N 203 . ? 1_555 ? 
# 
_pdbx_entry_details.entry_id                   5IH2 
_pdbx_entry_details.compound_details           ? 
_pdbx_entry_details.source_details             ? 
_pdbx_entry_details.nonpolymer_details         ? 
_pdbx_entry_details.sequence_details           ? 
_pdbx_entry_details.has_ligand_of_interest     ? 
_pdbx_entry_details.has_protein_modification   Y 
# 
_pdbx_validate_close_contact.id               1 
_pdbx_validate_close_contact.PDB_model_num    1 
_pdbx_validate_close_contact.auth_atom_id_1   O 
_pdbx_validate_close_contact.auth_asym_id_1   B 
_pdbx_validate_close_contact.auth_comp_id_1   HOH 
_pdbx_validate_close_contact.auth_seq_id_1    342 
_pdbx_validate_close_contact.PDB_ins_code_1   ? 
_pdbx_validate_close_contact.label_alt_id_1   ? 
_pdbx_validate_close_contact.auth_atom_id_2   O 
_pdbx_validate_close_contact.auth_asym_id_2   B 
_pdbx_validate_close_contact.auth_comp_id_2   HOH 
_pdbx_validate_close_contact.auth_seq_id_2    350 
_pdbx_validate_close_contact.PDB_ins_code_2   ? 
_pdbx_validate_close_contact.label_alt_id_2   ? 
_pdbx_validate_close_contact.dist             2.00 
# 
_pdbx_validate_symm_contact.id                1 
_pdbx_validate_symm_contact.PDB_model_num     1 
_pdbx_validate_symm_contact.auth_atom_id_1    O 
_pdbx_validate_symm_contact.auth_asym_id_1    A 
_pdbx_validate_symm_contact.auth_comp_id_1    HOH 
_pdbx_validate_symm_contact.auth_seq_id_1     365 
_pdbx_validate_symm_contact.PDB_ins_code_1    ? 
_pdbx_validate_symm_contact.label_alt_id_1    ? 
_pdbx_validate_symm_contact.site_symmetry_1   1_555 
_pdbx_validate_symm_contact.auth_atom_id_2    O 
_pdbx_validate_symm_contact.auth_asym_id_2    B 
_pdbx_validate_symm_contact.auth_comp_id_2    HOH 
_pdbx_validate_symm_contact.auth_seq_id_2     350 
_pdbx_validate_symm_contact.PDB_ins_code_2    ? 
_pdbx_validate_symm_contact.label_alt_id_2    ? 
_pdbx_validate_symm_contact.site_symmetry_2   1_545 
_pdbx_validate_symm_contact.dist              1.98 
# 
_pdbx_validate_rmsd_bond.id                        1 
_pdbx_validate_rmsd_bond.PDB_model_num             1 
_pdbx_validate_rmsd_bond.auth_atom_id_1            C 
_pdbx_validate_rmsd_bond.auth_asym_id_1            M 
_pdbx_validate_rmsd_bond.auth_comp_id_1            ARG 
_pdbx_validate_rmsd_bond.auth_seq_id_1             9 
_pdbx_validate_rmsd_bond.PDB_ins_code_1            ? 
_pdbx_validate_rmsd_bond.label_alt_id_1            ? 
_pdbx_validate_rmsd_bond.auth_atom_id_2            N 
_pdbx_validate_rmsd_bond.auth_asym_id_2            M 
_pdbx_validate_rmsd_bond.auth_comp_id_2            NH2 
_pdbx_validate_rmsd_bond.auth_seq_id_2             10 
_pdbx_validate_rmsd_bond.PDB_ins_code_2            ? 
_pdbx_validate_rmsd_bond.label_alt_id_2            ? 
_pdbx_validate_rmsd_bond.bond_value                1.490 
_pdbx_validate_rmsd_bond.bond_target_value         1.336 
_pdbx_validate_rmsd_bond.bond_deviation            0.154 
_pdbx_validate_rmsd_bond.bond_standard_deviation   0.023 
_pdbx_validate_rmsd_bond.linker_flag               Y 
# 
loop_
_pdbx_validate_rmsd_angle.id 
_pdbx_validate_rmsd_angle.PDB_model_num 
_pdbx_validate_rmsd_angle.auth_atom_id_1 
_pdbx_validate_rmsd_angle.auth_asym_id_1 
_pdbx_validate_rmsd_angle.auth_comp_id_1 
_pdbx_validate_rmsd_angle.auth_seq_id_1 
_pdbx_validate_rmsd_angle.PDB_ins_code_1 
_pdbx_validate_rmsd_angle.label_alt_id_1 
_pdbx_validate_rmsd_angle.auth_atom_id_2 
_pdbx_validate_rmsd_angle.auth_asym_id_2 
_pdbx_validate_rmsd_angle.auth_comp_id_2 
_pdbx_validate_rmsd_angle.auth_seq_id_2 
_pdbx_validate_rmsd_angle.PDB_ins_code_2 
_pdbx_validate_rmsd_angle.label_alt_id_2 
_pdbx_validate_rmsd_angle.auth_atom_id_3 
_pdbx_validate_rmsd_angle.auth_asym_id_3 
_pdbx_validate_rmsd_angle.auth_comp_id_3 
_pdbx_validate_rmsd_angle.auth_seq_id_3 
_pdbx_validate_rmsd_angle.PDB_ins_code_3 
_pdbx_validate_rmsd_angle.label_alt_id_3 
_pdbx_validate_rmsd_angle.angle_value 
_pdbx_validate_rmsd_angle.angle_target_value 
_pdbx_validate_rmsd_angle.angle_deviation 
_pdbx_validate_rmsd_angle.angle_standard_deviation 
_pdbx_validate_rmsd_angle.linker_flag 
1 1 NE A ARG 138 ? ? CZ A ARG 138 ? ? NH1 A ARG 138 ? ? 128.57 120.30 8.27  0.50 N 
2 1 NE A ARG 138 ? ? CZ A ARG 138 ? ? NH2 A ARG 138 ? ? 113.79 120.30 -6.51 0.50 N 
3 1 NE B ARG 138 ? ? CZ B ARG 138 ? ? NH2 B ARG 138 ? ? 117.00 120.30 -3.30 0.50 N 
4 1 NE N ARG 7   ? ? CZ N ARG 7   ? ? NH2 N ARG 7   ? ? 116.76 120.30 -3.54 0.50 N 
# 
loop_
_pdbx_unobs_or_zero_occ_residues.id 
_pdbx_unobs_or_zero_occ_residues.PDB_model_num 
_pdbx_unobs_or_zero_occ_residues.polymer_flag 
_pdbx_unobs_or_zero_occ_residues.occupancy_flag 
_pdbx_unobs_or_zero_occ_residues.auth_asym_id 
_pdbx_unobs_or_zero_occ_residues.auth_comp_id 
_pdbx_unobs_or_zero_occ_residues.auth_seq_id 
_pdbx_unobs_or_zero_occ_residues.PDB_ins_code 
_pdbx_unobs_or_zero_occ_residues.label_asym_id 
_pdbx_unobs_or_zero_occ_residues.label_comp_id 
_pdbx_unobs_or_zero_occ_residues.label_seq_id 
1 1 Y 1 B TYR 190 ? B TYR 57 
2 1 Y 1 B ARG 191 ? B ARG 58 
# 
loop_
_chem_comp_atom.comp_id 
_chem_comp_atom.atom_id 
_chem_comp_atom.type_symbol 
_chem_comp_atom.pdbx_aromatic_flag 
_chem_comp_atom.pdbx_stereo_config 
_chem_comp_atom.pdbx_ordinal 
ACE C    C  N N 1   
ACE O    O  N N 2   
ACE CH3  C  N N 3   
ACE H    H  N N 4   
ACE H1   H  N N 5   
ACE H2   H  N N 6   
ACE H3   H  N N 7   
ALA N    N  N N 8   
ALA CA   C  N S 9   
ALA C    C  N N 10  
ALA O    O  N N 11  
ALA CB   C  N N 12  
ALA OXT  O  N N 13  
ALA H    H  N N 14  
ALA H2   H  N N 15  
ALA HA   H  N N 16  
ALA HB1  H  N N 17  
ALA HB2  H  N N 18  
ALA HB3  H  N N 19  
ALA HXT  H  N N 20  
ARG N    N  N N 21  
ARG CA   C  N S 22  
ARG C    C  N N 23  
ARG O    O  N N 24  
ARG CB   C  N N 25  
ARG CG   C  N N 26  
ARG CD   C  N N 27  
ARG NE   N  N N 28  
ARG CZ   C  N N 29  
ARG NH1  N  N N 30  
ARG NH2  N  N N 31  
ARG OXT  O  N N 32  
ARG H    H  N N 33  
ARG H2   H  N N 34  
ARG HA   H  N N 35  
ARG HB2  H  N N 36  
ARG HB3  H  N N 37  
ARG HG2  H  N N 38  
ARG HG3  H  N N 39  
ARG HD2  H  N N 40  
ARG HD3  H  N N 41  
ARG HE   H  N N 42  
ARG HH11 H  N N 43  
ARG HH12 H  N N 44  
ARG HH21 H  N N 45  
ARG HH22 H  N N 46  
ARG HXT  H  N N 47  
ASN N    N  N N 48  
ASN CA   C  N S 49  
ASN C    C  N N 50  
ASN O    O  N N 51  
ASN CB   C  N N 52  
ASN CG   C  N N 53  
ASN OD1  O  N N 54  
ASN ND2  N  N N 55  
ASN OXT  O  N N 56  
ASN H    H  N N 57  
ASN H2   H  N N 58  
ASN HA   H  N N 59  
ASN HB2  H  N N 60  
ASN HB3  H  N N 61  
ASN HD21 H  N N 62  
ASN HD22 H  N N 63  
ASN HXT  H  N N 64  
ASP N    N  N N 65  
ASP CA   C  N S 66  
ASP C    C  N N 67  
ASP O    O  N N 68  
ASP CB   C  N N 69  
ASP CG   C  N N 70  
ASP OD1  O  N N 71  
ASP OD2  O  N N 72  
ASP OXT  O  N N 73  
ASP H    H  N N 74  
ASP H2   H  N N 75  
ASP HA   H  N N 76  
ASP HB2  H  N N 77  
ASP HB3  H  N N 78  
ASP HD2  H  N N 79  
ASP HXT  H  N N 80  
GLN N    N  N N 81  
GLN CA   C  N S 82  
GLN C    C  N N 83  
GLN O    O  N N 84  
GLN CB   C  N N 85  
GLN CG   C  N N 86  
GLN CD   C  N N 87  
GLN OE1  O  N N 88  
GLN NE2  N  N N 89  
GLN OXT  O  N N 90  
GLN H    H  N N 91  
GLN H2   H  N N 92  
GLN HA   H  N N 93  
GLN HB2  H  N N 94  
GLN HB3  H  N N 95  
GLN HG2  H  N N 96  
GLN HG3  H  N N 97  
GLN HE21 H  N N 98  
GLN HE22 H  N N 99  
GLN HXT  H  N N 100 
GLU N    N  N N 101 
GLU CA   C  N S 102 
GLU C    C  N N 103 
GLU O    O  N N 104 
GLU CB   C  N N 105 
GLU CG   C  N N 106 
GLU CD   C  N N 107 
GLU OE1  O  N N 108 
GLU OE2  O  N N 109 
GLU OXT  O  N N 110 
GLU H    H  N N 111 
GLU H2   H  N N 112 
GLU HA   H  N N 113 
GLU HB2  H  N N 114 
GLU HB3  H  N N 115 
GLU HG2  H  N N 116 
GLU HG3  H  N N 117 
GLU HE2  H  N N 118 
GLU HXT  H  N N 119 
GLY N    N  N N 120 
GLY CA   C  N N 121 
GLY C    C  N N 122 
GLY O    O  N N 123 
GLY OXT  O  N N 124 
GLY H    H  N N 125 
GLY H2   H  N N 126 
GLY HA2  H  N N 127 
GLY HA3  H  N N 128 
GLY HXT  H  N N 129 
HOH O    O  N N 130 
HOH H1   H  N N 131 
HOH H2   H  N N 132 
ILE N    N  N N 133 
ILE CA   C  N S 134 
ILE C    C  N N 135 
ILE O    O  N N 136 
ILE CB   C  N S 137 
ILE CG1  C  N N 138 
ILE CG2  C  N N 139 
ILE CD1  C  N N 140 
ILE OXT  O  N N 141 
ILE H    H  N N 142 
ILE H2   H  N N 143 
ILE HA   H  N N 144 
ILE HB   H  N N 145 
ILE HG12 H  N N 146 
ILE HG13 H  N N 147 
ILE HG21 H  N N 148 
ILE HG22 H  N N 149 
ILE HG23 H  N N 150 
ILE HD11 H  N N 151 
ILE HD12 H  N N 152 
ILE HD13 H  N N 153 
ILE HXT  H  N N 154 
LEU N    N  N N 155 
LEU CA   C  N S 156 
LEU C    C  N N 157 
LEU O    O  N N 158 
LEU CB   C  N N 159 
LEU CG   C  N N 160 
LEU CD1  C  N N 161 
LEU CD2  C  N N 162 
LEU OXT  O  N N 163 
LEU H    H  N N 164 
LEU H2   H  N N 165 
LEU HA   H  N N 166 
LEU HB2  H  N N 167 
LEU HB3  H  N N 168 
LEU HG   H  N N 169 
LEU HD11 H  N N 170 
LEU HD12 H  N N 171 
LEU HD13 H  N N 172 
LEU HD21 H  N N 173 
LEU HD22 H  N N 174 
LEU HD23 H  N N 175 
LEU HXT  H  N N 176 
LYS N    N  N N 177 
LYS CA   C  N S 178 
LYS C    C  N N 179 
LYS O    O  N N 180 
LYS CB   C  N N 181 
LYS CG   C  N N 182 
LYS CD   C  N N 183 
LYS CE   C  N N 184 
LYS NZ   N  N N 185 
LYS OXT  O  N N 186 
LYS H    H  N N 187 
LYS H2   H  N N 188 
LYS HA   H  N N 189 
LYS HB2  H  N N 190 
LYS HB3  H  N N 191 
LYS HG2  H  N N 192 
LYS HG3  H  N N 193 
LYS HD2  H  N N 194 
LYS HD3  H  N N 195 
LYS HE2  H  N N 196 
LYS HE3  H  N N 197 
LYS HZ1  H  N N 198 
LYS HZ2  H  N N 199 
LYS HZ3  H  N N 200 
LYS HXT  H  N N 201 
MET N    N  N N 202 
MET CA   C  N S 203 
MET C    C  N N 204 
MET O    O  N N 205 
MET CB   C  N N 206 
MET CG   C  N N 207 
MET SD   S  N N 208 
MET CE   C  N N 209 
MET OXT  O  N N 210 
MET H    H  N N 211 
MET H2   H  N N 212 
MET HA   H  N N 213 
MET HB2  H  N N 214 
MET HB3  H  N N 215 
MET HG2  H  N N 216 
MET HG3  H  N N 217 
MET HE1  H  N N 218 
MET HE2  H  N N 219 
MET HE3  H  N N 220 
MET HXT  H  N N 221 
NA  NA   NA N N 222 
NH2 N    N  N N 223 
NH2 HN1  H  N N 224 
NH2 HN2  H  N N 225 
P4G C8   C  N N 226 
P4G C7   C  N N 227 
P4G O4   O  N N 228 
P4G C6   C  N N 229 
P4G C5   C  N N 230 
P4G O3   O  N N 231 
P4G C4   C  N N 232 
P4G C3   C  N N 233 
P4G O2   O  N N 234 
P4G C2   C  N N 235 
P4G C1   C  N N 236 
P4G H81  H  N N 237 
P4G H82  H  N N 238 
P4G H83  H  N N 239 
P4G H71  H  N N 240 
P4G H72  H  N N 241 
P4G H61  H  N N 242 
P4G H62  H  N N 243 
P4G H51  H  N N 244 
P4G H52  H  N N 245 
P4G H41  H  N N 246 
P4G H42  H  N N 247 
P4G H31  H  N N 248 
P4G H32  H  N N 249 
P4G H21  H  N N 250 
P4G H22  H  N N 251 
P4G H11  H  N N 252 
P4G H12  H  N N 253 
P4G H13  H  N N 254 
PEG C1   C  N N 255 
PEG O1   O  N N 256 
PEG C2   C  N N 257 
PEG O2   O  N N 258 
PEG C3   C  N N 259 
PEG C4   C  N N 260 
PEG O4   O  N N 261 
PEG H11  H  N N 262 
PEG H12  H  N N 263 
PEG HO1  H  N N 264 
PEG H21  H  N N 265 
PEG H22  H  N N 266 
PEG H31  H  N N 267 
PEG H32  H  N N 268 
PEG H41  H  N N 269 
PEG H42  H  N N 270 
PEG HO4  H  N N 271 
PHE N    N  N N 272 
PHE CA   C  N S 273 
PHE C    C  N N 274 
PHE O    O  N N 275 
PHE CB   C  N N 276 
PHE CG   C  Y N 277 
PHE CD1  C  Y N 278 
PHE CD2  C  Y N 279 
PHE CE1  C  Y N 280 
PHE CE2  C  Y N 281 
PHE CZ   C  Y N 282 
PHE OXT  O  N N 283 
PHE H    H  N N 284 
PHE H2   H  N N 285 
PHE HA   H  N N 286 
PHE HB2  H  N N 287 
PHE HB3  H  N N 288 
PHE HD1  H  N N 289 
PHE HD2  H  N N 290 
PHE HE1  H  N N 291 
PHE HE2  H  N N 292 
PHE HZ   H  N N 293 
PHE HXT  H  N N 294 
PRO N    N  N N 295 
PRO CA   C  N S 296 
PRO C    C  N N 297 
PRO O    O  N N 298 
PRO CB   C  N N 299 
PRO CG   C  N N 300 
PRO CD   C  N N 301 
PRO OXT  O  N N 302 
PRO H    H  N N 303 
PRO HA   H  N N 304 
PRO HB2  H  N N 305 
PRO HB3  H  N N 306 
PRO HG2  H  N N 307 
PRO HG3  H  N N 308 
PRO HD2  H  N N 309 
PRO HD3  H  N N 310 
PRO HXT  H  N N 311 
SER N    N  N N 312 
SER CA   C  N S 313 
SER C    C  N N 314 
SER O    O  N N 315 
SER CB   C  N N 316 
SER OG   O  N N 317 
SER OXT  O  N N 318 
SER H    H  N N 319 
SER H2   H  N N 320 
SER HA   H  N N 321 
SER HB2  H  N N 322 
SER HB3  H  N N 323 
SER HG   H  N N 324 
SER HXT  H  N N 325 
TRP N    N  N N 326 
TRP CA   C  N S 327 
TRP C    C  N N 328 
TRP O    O  N N 329 
TRP CB   C  N N 330 
TRP CG   C  Y N 331 
TRP CD1  C  Y N 332 
TRP CD2  C  Y N 333 
TRP NE1  N  Y N 334 
TRP CE2  C  Y N 335 
TRP CE3  C  Y N 336 
TRP CZ2  C  Y N 337 
TRP CZ3  C  Y N 338 
TRP CH2  C  Y N 339 
TRP OXT  O  N N 340 
TRP H    H  N N 341 
TRP H2   H  N N 342 
TRP HA   H  N N 343 
TRP HB2  H  N N 344 
TRP HB3  H  N N 345 
TRP HD1  H  N N 346 
TRP HE1  H  N N 347 
TRP HE3  H  N N 348 
TRP HZ2  H  N N 349 
TRP HZ3  H  N N 350 
TRP HH2  H  N N 351 
TRP HXT  H  N N 352 
TYR N    N  N N 353 
TYR CA   C  N S 354 
TYR C    C  N N 355 
TYR O    O  N N 356 
TYR CB   C  N N 357 
TYR CG   C  Y N 358 
TYR CD1  C  Y N 359 
TYR CD2  C  Y N 360 
TYR CE1  C  Y N 361 
TYR CE2  C  Y N 362 
TYR CZ   C  Y N 363 
TYR OH   O  N N 364 
TYR OXT  O  N N 365 
TYR H    H  N N 366 
TYR H2   H  N N 367 
TYR HA   H  N N 368 
TYR HB2  H  N N 369 
TYR HB3  H  N N 370 
TYR HD1  H  N N 371 
TYR HD2  H  N N 372 
TYR HE1  H  N N 373 
TYR HE2  H  N N 374 
TYR HH   H  N N 375 
TYR HXT  H  N N 376 
VAL N    N  N N 377 
VAL CA   C  N S 378 
VAL C    C  N N 379 
VAL O    O  N N 380 
VAL CB   C  N N 381 
VAL CG1  C  N N 382 
VAL CG2  C  N N 383 
VAL OXT  O  N N 384 
VAL H    H  N N 385 
VAL H2   H  N N 386 
VAL HA   H  N N 387 
VAL HB   H  N N 388 
VAL HG11 H  N N 389 
VAL HG12 H  N N 390 
VAL HG13 H  N N 391 
VAL HG21 H  N N 392 
VAL HG22 H  N N 393 
VAL HG23 H  N N 394 
VAL HXT  H  N N 395 
# 
loop_
_chem_comp_bond.comp_id 
_chem_comp_bond.atom_id_1 
_chem_comp_bond.atom_id_2 
_chem_comp_bond.value_order 
_chem_comp_bond.pdbx_aromatic_flag 
_chem_comp_bond.pdbx_stereo_config 
_chem_comp_bond.pdbx_ordinal 
ACE C   O    doub N N 1   
ACE C   CH3  sing N N 2   
ACE C   H    sing N N 3   
ACE CH3 H1   sing N N 4   
ACE CH3 H2   sing N N 5   
ACE CH3 H3   sing N N 6   
ALA N   CA   sing N N 7   
ALA N   H    sing N N 8   
ALA N   H2   sing N N 9   
ALA CA  C    sing N N 10  
ALA CA  CB   sing N N 11  
ALA CA  HA   sing N N 12  
ALA C   O    doub N N 13  
ALA C   OXT  sing N N 14  
ALA CB  HB1  sing N N 15  
ALA CB  HB2  sing N N 16  
ALA CB  HB3  sing N N 17  
ALA OXT HXT  sing N N 18  
ARG N   CA   sing N N 19  
ARG N   H    sing N N 20  
ARG N   H2   sing N N 21  
ARG CA  C    sing N N 22  
ARG CA  CB   sing N N 23  
ARG CA  HA   sing N N 24  
ARG C   O    doub N N 25  
ARG C   OXT  sing N N 26  
ARG CB  CG   sing N N 27  
ARG CB  HB2  sing N N 28  
ARG CB  HB3  sing N N 29  
ARG CG  CD   sing N N 30  
ARG CG  HG2  sing N N 31  
ARG CG  HG3  sing N N 32  
ARG CD  NE   sing N N 33  
ARG CD  HD2  sing N N 34  
ARG CD  HD3  sing N N 35  
ARG NE  CZ   sing N N 36  
ARG NE  HE   sing N N 37  
ARG CZ  NH1  sing N N 38  
ARG CZ  NH2  doub N N 39  
ARG NH1 HH11 sing N N 40  
ARG NH1 HH12 sing N N 41  
ARG NH2 HH21 sing N N 42  
ARG NH2 HH22 sing N N 43  
ARG OXT HXT  sing N N 44  
ASN N   CA   sing N N 45  
ASN N   H    sing N N 46  
ASN N   H2   sing N N 47  
ASN CA  C    sing N N 48  
ASN CA  CB   sing N N 49  
ASN CA  HA   sing N N 50  
ASN C   O    doub N N 51  
ASN C   OXT  sing N N 52  
ASN CB  CG   sing N N 53  
ASN CB  HB2  sing N N 54  
ASN CB  HB3  sing N N 55  
ASN CG  OD1  doub N N 56  
ASN CG  ND2  sing N N 57  
ASN ND2 HD21 sing N N 58  
ASN ND2 HD22 sing N N 59  
ASN OXT HXT  sing N N 60  
ASP N   CA   sing N N 61  
ASP N   H    sing N N 62  
ASP N   H2   sing N N 63  
ASP CA  C    sing N N 64  
ASP CA  CB   sing N N 65  
ASP CA  HA   sing N N 66  
ASP C   O    doub N N 67  
ASP C   OXT  sing N N 68  
ASP CB  CG   sing N N 69  
ASP CB  HB2  sing N N 70  
ASP CB  HB3  sing N N 71  
ASP CG  OD1  doub N N 72  
ASP CG  OD2  sing N N 73  
ASP OD2 HD2  sing N N 74  
ASP OXT HXT  sing N N 75  
GLN N   CA   sing N N 76  
GLN N   H    sing N N 77  
GLN N   H2   sing N N 78  
GLN CA  C    sing N N 79  
GLN CA  CB   sing N N 80  
GLN CA  HA   sing N N 81  
GLN C   O    doub N N 82  
GLN C   OXT  sing N N 83  
GLN CB  CG   sing N N 84  
GLN CB  HB2  sing N N 85  
GLN CB  HB3  sing N N 86  
GLN CG  CD   sing N N 87  
GLN CG  HG2  sing N N 88  
GLN CG  HG3  sing N N 89  
GLN CD  OE1  doub N N 90  
GLN CD  NE2  sing N N 91  
GLN NE2 HE21 sing N N 92  
GLN NE2 HE22 sing N N 93  
GLN OXT HXT  sing N N 94  
GLU N   CA   sing N N 95  
GLU N   H    sing N N 96  
GLU N   H2   sing N N 97  
GLU CA  C    sing N N 98  
GLU CA  CB   sing N N 99  
GLU CA  HA   sing N N 100 
GLU C   O    doub N N 101 
GLU C   OXT  sing N N 102 
GLU CB  CG   sing N N 103 
GLU CB  HB2  sing N N 104 
GLU CB  HB3  sing N N 105 
GLU CG  CD   sing N N 106 
GLU CG  HG2  sing N N 107 
GLU CG  HG3  sing N N 108 
GLU CD  OE1  doub N N 109 
GLU CD  OE2  sing N N 110 
GLU OE2 HE2  sing N N 111 
GLU OXT HXT  sing N N 112 
GLY N   CA   sing N N 113 
GLY N   H    sing N N 114 
GLY N   H2   sing N N 115 
GLY CA  C    sing N N 116 
GLY CA  HA2  sing N N 117 
GLY CA  HA3  sing N N 118 
GLY C   O    doub N N 119 
GLY C   OXT  sing N N 120 
GLY OXT HXT  sing N N 121 
HOH O   H1   sing N N 122 
HOH O   H2   sing N N 123 
ILE N   CA   sing N N 124 
ILE N   H    sing N N 125 
ILE N   H2   sing N N 126 
ILE CA  C    sing N N 127 
ILE CA  CB   sing N N 128 
ILE CA  HA   sing N N 129 
ILE C   O    doub N N 130 
ILE C   OXT  sing N N 131 
ILE CB  CG1  sing N N 132 
ILE CB  CG2  sing N N 133 
ILE CB  HB   sing N N 134 
ILE CG1 CD1  sing N N 135 
ILE CG1 HG12 sing N N 136 
ILE CG1 HG13 sing N N 137 
ILE CG2 HG21 sing N N 138 
ILE CG2 HG22 sing N N 139 
ILE CG2 HG23 sing N N 140 
ILE CD1 HD11 sing N N 141 
ILE CD1 HD12 sing N N 142 
ILE CD1 HD13 sing N N 143 
ILE OXT HXT  sing N N 144 
LEU N   CA   sing N N 145 
LEU N   H    sing N N 146 
LEU N   H2   sing N N 147 
LEU CA  C    sing N N 148 
LEU CA  CB   sing N N 149 
LEU CA  HA   sing N N 150 
LEU C   O    doub N N 151 
LEU C   OXT  sing N N 152 
LEU CB  CG   sing N N 153 
LEU CB  HB2  sing N N 154 
LEU CB  HB3  sing N N 155 
LEU CG  CD1  sing N N 156 
LEU CG  CD2  sing N N 157 
LEU CG  HG   sing N N 158 
LEU CD1 HD11 sing N N 159 
LEU CD1 HD12 sing N N 160 
LEU CD1 HD13 sing N N 161 
LEU CD2 HD21 sing N N 162 
LEU CD2 HD22 sing N N 163 
LEU CD2 HD23 sing N N 164 
LEU OXT HXT  sing N N 165 
LYS N   CA   sing N N 166 
LYS N   H    sing N N 167 
LYS N   H2   sing N N 168 
LYS CA  C    sing N N 169 
LYS CA  CB   sing N N 170 
LYS CA  HA   sing N N 171 
LYS C   O    doub N N 172 
LYS C   OXT  sing N N 173 
LYS CB  CG   sing N N 174 
LYS CB  HB2  sing N N 175 
LYS CB  HB3  sing N N 176 
LYS CG  CD   sing N N 177 
LYS CG  HG2  sing N N 178 
LYS CG  HG3  sing N N 179 
LYS CD  CE   sing N N 180 
LYS CD  HD2  sing N N 181 
LYS CD  HD3  sing N N 182 
LYS CE  NZ   sing N N 183 
LYS CE  HE2  sing N N 184 
LYS CE  HE3  sing N N 185 
LYS NZ  HZ1  sing N N 186 
LYS NZ  HZ2  sing N N 187 
LYS NZ  HZ3  sing N N 188 
LYS OXT HXT  sing N N 189 
MET N   CA   sing N N 190 
MET N   H    sing N N 191 
MET N   H2   sing N N 192 
MET CA  C    sing N N 193 
MET CA  CB   sing N N 194 
MET CA  HA   sing N N 195 
MET C   O    doub N N 196 
MET C   OXT  sing N N 197 
MET CB  CG   sing N N 198 
MET CB  HB2  sing N N 199 
MET CB  HB3  sing N N 200 
MET CG  SD   sing N N 201 
MET CG  HG2  sing N N 202 
MET CG  HG3  sing N N 203 
MET SD  CE   sing N N 204 
MET CE  HE1  sing N N 205 
MET CE  HE2  sing N N 206 
MET CE  HE3  sing N N 207 
MET OXT HXT  sing N N 208 
NH2 N   HN1  sing N N 209 
NH2 N   HN2  sing N N 210 
P4G C8  C7   sing N N 211 
P4G C8  H81  sing N N 212 
P4G C8  H82  sing N N 213 
P4G C8  H83  sing N N 214 
P4G C7  O4   sing N N 215 
P4G C7  H71  sing N N 216 
P4G C7  H72  sing N N 217 
P4G O4  C6   sing N N 218 
P4G C6  C5   sing N N 219 
P4G C6  H61  sing N N 220 
P4G C6  H62  sing N N 221 
P4G C5  O3   sing N N 222 
P4G C5  H51  sing N N 223 
P4G C5  H52  sing N N 224 
P4G O3  C4   sing N N 225 
P4G C4  C3   sing N N 226 
P4G C4  H41  sing N N 227 
P4G C4  H42  sing N N 228 
P4G C3  O2   sing N N 229 
P4G C3  H31  sing N N 230 
P4G C3  H32  sing N N 231 
P4G O2  C2   sing N N 232 
P4G C2  C1   sing N N 233 
P4G C2  H21  sing N N 234 
P4G C2  H22  sing N N 235 
P4G C1  H11  sing N N 236 
P4G C1  H12  sing N N 237 
P4G C1  H13  sing N N 238 
PEG C1  O1   sing N N 239 
PEG C1  C2   sing N N 240 
PEG C1  H11  sing N N 241 
PEG C1  H12  sing N N 242 
PEG O1  HO1  sing N N 243 
PEG C2  O2   sing N N 244 
PEG C2  H21  sing N N 245 
PEG C2  H22  sing N N 246 
PEG O2  C3   sing N N 247 
PEG C3  C4   sing N N 248 
PEG C3  H31  sing N N 249 
PEG C3  H32  sing N N 250 
PEG C4  O4   sing N N 251 
PEG C4  H41  sing N N 252 
PEG C4  H42  sing N N 253 
PEG O4  HO4  sing N N 254 
PHE N   CA   sing N N 255 
PHE N   H    sing N N 256 
PHE N   H2   sing N N 257 
PHE CA  C    sing N N 258 
PHE CA  CB   sing N N 259 
PHE CA  HA   sing N N 260 
PHE C   O    doub N N 261 
PHE C   OXT  sing N N 262 
PHE CB  CG   sing N N 263 
PHE CB  HB2  sing N N 264 
PHE CB  HB3  sing N N 265 
PHE CG  CD1  doub Y N 266 
PHE CG  CD2  sing Y N 267 
PHE CD1 CE1  sing Y N 268 
PHE CD1 HD1  sing N N 269 
PHE CD2 CE2  doub Y N 270 
PHE CD2 HD2  sing N N 271 
PHE CE1 CZ   doub Y N 272 
PHE CE1 HE1  sing N N 273 
PHE CE2 CZ   sing Y N 274 
PHE CE2 HE2  sing N N 275 
PHE CZ  HZ   sing N N 276 
PHE OXT HXT  sing N N 277 
PRO N   CA   sing N N 278 
PRO N   CD   sing N N 279 
PRO N   H    sing N N 280 
PRO CA  C    sing N N 281 
PRO CA  CB   sing N N 282 
PRO CA  HA   sing N N 283 
PRO C   O    doub N N 284 
PRO C   OXT  sing N N 285 
PRO CB  CG   sing N N 286 
PRO CB  HB2  sing N N 287 
PRO CB  HB3  sing N N 288 
PRO CG  CD   sing N N 289 
PRO CG  HG2  sing N N 290 
PRO CG  HG3  sing N N 291 
PRO CD  HD2  sing N N 292 
PRO CD  HD3  sing N N 293 
PRO OXT HXT  sing N N 294 
SER N   CA   sing N N 295 
SER N   H    sing N N 296 
SER N   H2   sing N N 297 
SER CA  C    sing N N 298 
SER CA  CB   sing N N 299 
SER CA  HA   sing N N 300 
SER C   O    doub N N 301 
SER C   OXT  sing N N 302 
SER CB  OG   sing N N 303 
SER CB  HB2  sing N N 304 
SER CB  HB3  sing N N 305 
SER OG  HG   sing N N 306 
SER OXT HXT  sing N N 307 
TRP N   CA   sing N N 308 
TRP N   H    sing N N 309 
TRP N   H2   sing N N 310 
TRP CA  C    sing N N 311 
TRP CA  CB   sing N N 312 
TRP CA  HA   sing N N 313 
TRP C   O    doub N N 314 
TRP C   OXT  sing N N 315 
TRP CB  CG   sing N N 316 
TRP CB  HB2  sing N N 317 
TRP CB  HB3  sing N N 318 
TRP CG  CD1  doub Y N 319 
TRP CG  CD2  sing Y N 320 
TRP CD1 NE1  sing Y N 321 
TRP CD1 HD1  sing N N 322 
TRP CD2 CE2  doub Y N 323 
TRP CD2 CE3  sing Y N 324 
TRP NE1 CE2  sing Y N 325 
TRP NE1 HE1  sing N N 326 
TRP CE2 CZ2  sing Y N 327 
TRP CE3 CZ3  doub Y N 328 
TRP CE3 HE3  sing N N 329 
TRP CZ2 CH2  doub Y N 330 
TRP CZ2 HZ2  sing N N 331 
TRP CZ3 CH2  sing Y N 332 
TRP CZ3 HZ3  sing N N 333 
TRP CH2 HH2  sing N N 334 
TRP OXT HXT  sing N N 335 
TYR N   CA   sing N N 336 
TYR N   H    sing N N 337 
TYR N   H2   sing N N 338 
TYR CA  C    sing N N 339 
TYR CA  CB   sing N N 340 
TYR CA  HA   sing N N 341 
TYR C   O    doub N N 342 
TYR C   OXT  sing N N 343 
TYR CB  CG   sing N N 344 
TYR CB  HB2  sing N N 345 
TYR CB  HB3  sing N N 346 
TYR CG  CD1  doub Y N 347 
TYR CG  CD2  sing Y N 348 
TYR CD1 CE1  sing Y N 349 
TYR CD1 HD1  sing N N 350 
TYR CD2 CE2  doub Y N 351 
TYR CD2 HD2  sing N N 352 
TYR CE1 CZ   doub Y N 353 
TYR CE1 HE1  sing N N 354 
TYR CE2 CZ   sing Y N 355 
TYR CE2 HE2  sing N N 356 
TYR CZ  OH   sing N N 357 
TYR OH  HH   sing N N 358 
TYR OXT HXT  sing N N 359 
VAL N   CA   sing N N 360 
VAL N   H    sing N N 361 
VAL N   H2   sing N N 362 
VAL CA  C    sing N N 363 
VAL CA  CB   sing N N 364 
VAL CA  HA   sing N N 365 
VAL C   O    doub N N 366 
VAL C   OXT  sing N N 367 
VAL CB  CG1  sing N N 368 
VAL CB  CG2  sing N N 369 
VAL CB  HB   sing N N 370 
VAL CG1 HG11 sing N N 371 
VAL CG1 HG12 sing N N 372 
VAL CG1 HG13 sing N N 373 
VAL CG2 HG21 sing N N 374 
VAL CG2 HG22 sing N N 375 
VAL CG2 HG23 sing N N 376 
VAL OXT HXT  sing N N 377 
# 
_pdbx_initial_refinement_model.id               1 
_pdbx_initial_refinement_model.entity_id_list   ? 
_pdbx_initial_refinement_model.type             'experimental model' 
_pdbx_initial_refinement_model.source_name      PDB 
_pdbx_initial_refinement_model.accession_code   1CKA 
_pdbx_initial_refinement_model.details          ? 
# 
_atom_sites.entry_id                    5IH2 
_atom_sites.fract_transf_matrix[1][1]   0.01189446 
_atom_sites.fract_transf_matrix[1][2]   -0.00771240 
_atom_sites.fract_transf_matrix[1][3]   0.01705308 
_atom_sites.fract_transf_matrix[2][1]   -0.02847211 
_atom_sites.fract_transf_matrix[2][2]   -0.01069362 
_atom_sites.fract_transf_matrix[2][3]   0.01502290 
_atom_sites.fract_transf_matrix[3][1]   0.00281614 
_atom_sites.fract_transf_matrix[3][2]   -0.01987097 
_atom_sites.fract_transf_matrix[3][3]   -0.00880731 
_atom_sites.fract_transf_vector[1]      0.011012 
_atom_sites.fract_transf_vector[2]      0.057267 
_atom_sites.fract_transf_vector[3]      -0.236173 
# 
loop_
_atom_type.symbol 
C  
N  
NA 
O  
S  
# 
loop_
_atom_site.group_PDB 
_atom_site.id 
_atom_site.type_symbol 
_atom_site.label_atom_id 
_atom_site.label_alt_id 
_atom_site.label_comp_id 
_atom_site.label_asym_id 
_atom_site.label_entity_id 
_atom_site.label_seq_id 
_atom_site.pdbx_PDB_ins_code 
_atom_site.Cartn_x 
_atom_site.Cartn_y 
_atom_site.Cartn_z 
_atom_site.occupancy 
_atom_site.B_iso_or_equiv 
_atom_site.pdbx_formal_charge 
_atom_site.auth_seq_id 
_atom_site.auth_comp_id 
_atom_site.auth_asym_id 
_atom_site.auth_atom_id 
_atom_site.pdbx_PDB_model_num 
ATOM   1    N  N   . ALA A 1 1  ? 10.912  -0.244  -3.430  1.00 26.27 ? 134 ALA A N   1 
ATOM   2    C  CA  . ALA A 1 1  ? 9.563   0.279   -3.842  1.00 24.74 ? 134 ALA A CA  1 
ATOM   3    C  C   . ALA A 1 1  ? 9.495   0.607   -5.291  1.00 22.07 ? 134 ALA A C   1 
ATOM   4    O  O   . ALA A 1 1  ? 10.526  0.753   -5.977  1.00 23.48 ? 134 ALA A O   1 
ATOM   5    C  CB  . ALA A 1 1  ? 9.242   1.518   -3.035  1.00 23.06 ? 134 ALA A CB  1 
ATOM   6    N  N   . GLU A 1 2  ? 8.261   0.638   -5.812  1.00 21.26 ? 135 GLU A N   1 
ATOM   7    C  CA  . GLU A 1 2  ? 7.989   0.805   -7.238  1.00 20.79 ? 135 GLU A CA  1 
ATOM   8    C  C   . GLU A 1 2  ? 7.204   2.041   -7.336  1.00 17.74 ? 135 GLU A C   1 
ATOM   9    O  O   . GLU A 1 2  ? 6.135   2.042   -6.818  1.00 16.19 ? 135 GLU A O   1 
ATOM   10   C  CB  . GLU A 1 2  ? 7.126   -0.347  -7.715  1.00 24.20 ? 135 GLU A CB  1 
ATOM   11   C  CG  . GLU A 1 2  ? 6.917   -0.406  -9.174  1.00 24.90 ? 135 GLU A CG  1 
ATOM   12   C  CD  . GLU A 1 2  ? 6.257   -1.696  -9.597  1.00 29.54 ? 135 GLU A CD  1 
ATOM   13   O  OE1 . GLU A 1 2  ? 5.993   -2.595  -8.712  1.00 29.99 ? 135 GLU A OE1 1 
ATOM   14   O  OE2 . GLU A 1 2  ? 5.921   -1.734  -10.802 1.00 27.57 ? 135 GLU A OE2 1 
ATOM   15   N  N   . TYR A 1 3  ? 7.714   3.079   -8.008  1.00 16.35 ? 136 TYR A N   1 
ATOM   16   C  CA  . TYR A 1 3  ? 7.000   4.322   -8.180  1.00 16.55 ? 136 TYR A CA  1 
ATOM   17   C  C   . TYR A 1 3  ? 6.700   4.535   -9.657  1.00 16.85 ? 136 TYR A C   1 
ATOM   18   O  O   . TYR A 1 3  ? 7.499   4.172   -10.567 1.00 15.63 ? 136 TYR A O   1 
ATOM   19   C  CB  . TYR A 1 3  ? 7.854   5.475   -7.733  1.00 17.40 ? 136 TYR A CB  1 
ATOM   20   C  CG  . TYR A 1 3  ? 8.050   5.476   -6.214  1.00 18.42 ? 136 TYR A CG  1 
ATOM   21   C  CD1 . TYR A 1 3  ? 9.116   4.786   -5.607  1.00 22.71 ? 136 TYR A CD1 1 
ATOM   22   C  CD2 . TYR A 1 3  ? 7.161   6.163   -5.388  1.00 19.88 ? 136 TYR A CD2 1 
ATOM   23   C  CE1 . TYR A 1 3  ? 9.291   4.861   -4.215  1.00 22.66 ? 136 TYR A CE1 1 
ATOM   24   C  CE2 . TYR A 1 3  ? 7.320   6.194   -4.016  1.00 20.57 ? 136 TYR A CE2 1 
ATOM   25   C  CZ  . TYR A 1 3  ? 8.399   5.569   -3.454  1.00 21.69 ? 136 TYR A CZ  1 
ATOM   26   O  OH  . TYR A 1 3  ? 8.476   5.679   -2.040  1.00 28.80 ? 136 TYR A OH  1 
ATOM   27   N  N   . VAL A 1 4  ? 5.534   5.088   -9.854  1.00 15.68 ? 137 VAL A N   1 
ATOM   28   C  CA  . VAL A 1 4  ? 5.062   5.573   -11.167 1.00 15.61 ? 137 VAL A CA  1 
ATOM   29   C  C   . VAL A 1 4  ? 4.760   7.101   -11.173 1.00 15.63 ? 137 VAL A C   1 
ATOM   30   O  O   . VAL A 1 4  ? 4.646   7.723   -10.169 1.00 15.48 ? 137 VAL A O   1 
ATOM   31   C  CB  . VAL A 1 4  ? 3.833   4.810   -11.692 1.00 16.24 ? 137 VAL A CB  1 
ATOM   32   C  CG1 . VAL A 1 4  ? 4.154   3.345   -11.898 1.00 14.86 ? 137 VAL A CG1 1 
ATOM   33   C  CG2 . VAL A 1 4  ? 2.637   5.051   -10.772 1.00 16.33 ? 137 VAL A CG2 1 
ATOM   34   N  N   . ARG A 1 5  ? 4.677   7.670   -12.367 1.00 15.62 ? 138 ARG A N   1 
ATOM   35   C  CA  . ARG A 1 5  ? 4.356   9.073   -12.547 1.00 16.79 ? 138 ARG A CA  1 
ATOM   36   C  C   . ARG A 1 5  ? 3.158   9.153   -13.513 1.00 15.48 ? 138 ARG A C   1 
ATOM   37   O  O   . ARG A 1 5  ? 3.158   8.561   -14.586 1.00 14.90 ? 138 ARG A O   1 
ATOM   38   C  CB  . ARG A 1 5  ? 5.564   9.834   -13.091 1.00 17.83 ? 138 ARG A CB  1 
ATOM   39   C  CG  . ARG A 1 5  ? 5.243   11.276  -13.536 1.00 20.83 ? 138 ARG A CG  1 
ATOM   40   C  CD  . ARG A 1 5  ? 6.244   11.661  -14.596 1.00 28.11 ? 138 ARG A CD  1 
ATOM   41   N  NE  . ARG A 1 5  ? 7.564   11.797  -14.073 1.00 30.18 ? 138 ARG A NE  1 
ATOM   42   C  CZ  . ARG A 1 5  ? 8.715   11.195  -14.415 1.00 24.80 ? 138 ARG A CZ  1 
ATOM   43   N  NH1 . ARG A 1 5  ? 8.919   10.254  -15.333 1.00 26.20 ? 138 ARG A NH1 1 
ATOM   44   N  NH2 . ARG A 1 5  ? 9.753   11.606  -13.725 1.00 26.11 ? 138 ARG A NH2 1 
ATOM   45   N  N   . ALA A 1 6  ? 2.130   9.868   -13.078 1.00 14.67 ? 139 ALA A N   1 
ATOM   46   C  CA  . ALA A 1 6  ? 0.917   10.055  -13.904 1.00 15.54 ? 139 ALA A CA  1 
ATOM   47   C  C   . ALA A 1 6  ? 1.209   10.896  -15.170 1.00 15.28 ? 139 ALA A C   1 
ATOM   48   O  O   . ALA A 1 6  ? 1.776   11.999  -15.114 1.00 15.68 ? 139 ALA A O   1 
ATOM   49   C  CB  . ALA A 1 6  ? -0.203  10.696  -13.101 1.00 14.92 ? 139 ALA A CB  1 
ATOM   50   N  N   . LEU A 1 7  ? 0.811   10.330  -16.319 1.00 15.41 ? 140 LEU A N   1 
ATOM   51   C  CA  . LEU A 1 7  ? 0.868   10.995  -17.629 1.00 15.53 ? 140 LEU A CA  1 
ATOM   52   C  C   . LEU A 1 7  ? -0.344  11.829  -17.971 1.00 15.41 ? 140 LEU A C   1 
ATOM   53   O  O   . LEU A 1 7  ? -0.263  12.781  -18.802 1.00 14.30 ? 140 LEU A O   1 
ATOM   54   C  CB  . LEU A 1 7  ? 1.089   9.907   -18.718 1.00 17.85 ? 140 LEU A CB  1 
ATOM   55   C  CG  . LEU A 1 7  ? 2.341   9.081   -18.649 1.00 20.51 ? 140 LEU A CG  1 
ATOM   56   C  CD1 . LEU A 1 7  ? 2.149   7.913   -19.604 1.00 21.44 ? 140 LEU A CD1 1 
ATOM   57   C  CD2 . LEU A 1 7  ? 3.656   9.828   -18.935 1.00 21.00 ? 140 LEU A CD2 1 
ATOM   58   N  N   . PHE A 1 8  ? -1.452  11.477  -17.328 1.00 15.19 ? 141 PHE A N   1 
ATOM   59   C  CA  . PHE A 1 8  ? -2.759  12.065  -17.508 1.00 16.15 ? 141 PHE A CA  1 
ATOM   60   C  C   . PHE A 1 8  ? -3.511  12.130  -16.182 1.00 15.22 ? 141 PHE A C   1 
ATOM   61   O  O   . PHE A 1 8  ? -3.147  11.496  -15.182 1.00 15.35 ? 141 PHE A O   1 
ATOM   62   C  CB  . PHE A 1 8  ? -3.566  11.179  -18.478 1.00 15.58 ? 141 PHE A CB  1 
ATOM   63   C  CG  . PHE A 1 8  ? -2.932  11.040  -19.844 1.00 15.73 ? 141 PHE A CG  1 
ATOM   64   C  CD1 . PHE A 1 8  ? -3.044  12.090  -20.727 1.00 17.97 ? 141 PHE A CD1 1 
ATOM   65   C  CD2 . PHE A 1 8  ? -2.222  9.896   -20.200 1.00 17.25 ? 141 PHE A CD2 1 
ATOM   66   C  CE1 . PHE A 1 8  ? -2.488  11.987  -21.956 1.00 19.47 ? 141 PHE A CE1 1 
ATOM   67   C  CE2 . PHE A 1 8  ? -1.644  9.813   -21.435 1.00 18.04 ? 141 PHE A CE2 1 
ATOM   68   C  CZ  . PHE A 1 8  ? -1.766  10.876  -22.300 1.00 17.11 ? 141 PHE A CZ  1 
ATOM   69   N  N   . ASP A 1 9  ? -4.589  12.911  -16.230 1.00 16.80 ? 142 ASP A N   1 
ATOM   70   C  CA  . ASP A 1 9  ? -5.520  13.056  -15.114 1.00 15.93 ? 142 ASP A CA  1 
ATOM   71   C  C   . ASP A 1 9  ? -6.428  11.840  -15.069 1.00 16.13 ? 142 ASP A C   1 
ATOM   72   O  O   . ASP A 1 9  ? -6.703  11.232  -16.104 1.00 15.37 ? 142 ASP A O   1 
ATOM   73   C  CB  . ASP A 1 9  ? -6.401  14.309  -15.281 1.00 17.86 ? 142 ASP A CB  1 
ATOM   74   C  CG  . ASP A 1 9  ? -5.658  15.616  -15.125 1.00 19.76 ? 142 ASP A CG  1 
ATOM   75   O  OD1 . ASP A 1 9  ? -4.480  15.645  -14.740 1.00 17.95 ? 142 ASP A OD1 1 
ATOM   76   O  OD2 . ASP A 1 9  ? -6.343  16.633  -15.416 1.00 19.48 ? 142 ASP A OD2 1 
ATOM   77   N  N   . PHE A 1 10 ? -6.875  11.487  -13.872 1.00 15.19 ? 143 PHE A N   1 
ATOM   78   C  CA  . PHE A 1 10 ? -7.844  10.418  -13.652 1.00 15.45 ? 143 PHE A CA  1 
ATOM   79   C  C   . PHE A 1 10 ? -8.808  10.834  -12.565 1.00 15.91 ? 143 PHE A C   1 
ATOM   80   O  O   . PHE A 1 10 ? -8.402  11.165  -11.467 1.00 16.48 ? 143 PHE A O   1 
ATOM   81   C  CB  . PHE A 1 10 ? -7.099  9.138   -13.294 1.00 15.42 ? 143 PHE A CB  1 
ATOM   82   C  CG  . PHE A 1 10 ? -7.966  7.989   -12.920 1.00 14.36 ? 143 PHE A CG  1 
ATOM   83   C  CD1 . PHE A 1 10 ? -8.989  7.569   -13.714 1.00 15.62 ? 143 PHE A CD1 1 
ATOM   84   C  CD2 . PHE A 1 10 ? -7.758  7.326   -11.686 1.00 16.37 ? 143 PHE A CD2 1 
ATOM   85   C  CE1 . PHE A 1 10 ? -9.789  6.525   -13.325 1.00 15.14 ? 143 PHE A CE1 1 
ATOM   86   C  CE2 . PHE A 1 10 ? -8.552  6.295   -11.303 1.00 14.65 ? 143 PHE A CE2 1 
ATOM   87   C  CZ  . PHE A 1 10 ? -9.563  5.846   -12.146 1.00 13.94 ? 143 PHE A CZ  1 
ATOM   88   N  N   . ASN A 1 11 ? -10.122 10.885  -12.879 1.00 15.80 ? 144 ASN A N   1 
ATOM   89   C  CA  . ASN A 1 11 ? -11.104 11.338  -11.905 1.00 16.75 ? 144 ASN A CA  1 
ATOM   90   C  C   . ASN A 1 11 ? -11.377 10.378  -10.759 1.00 17.11 ? 144 ASN A C   1 
ATOM   91   O  O   . ASN A 1 11 ? -11.788 10.798  -9.676  1.00 19.90 ? 144 ASN A O   1 
ATOM   92   C  CB  . ASN A 1 11 ? -12.421 11.575  -12.654 1.00 17.27 ? 144 ASN A CB  1 
ATOM   93   C  CG  . ASN A 1 11 ? -13.468 12.131  -11.806 1.00 20.08 ? 144 ASN A CG  1 
ATOM   94   O  OD1 . ASN A 1 11 ? -13.260 13.175  -11.199 1.00 20.55 ? 144 ASN A OD1 1 
ATOM   95   N  ND2 . ASN A 1 11 ? -14.632 11.429  -11.724 1.00 21.81 ? 144 ASN A ND2 1 
ATOM   96   N  N   . GLY A 1 12 ? -11.230 9.081   -11.021 1.00 16.78 ? 145 GLY A N   1 
ATOM   97   C  CA  . GLY A 1 12 ? -11.555 8.068   -10.006 1.00 18.55 ? 145 GLY A CA  1 
ATOM   98   C  C   . GLY A 1 12 ? -13.018 7.745   -9.903  1.00 20.26 ? 145 GLY A C   1 
ATOM   99   O  O   . GLY A 1 12 ? -13.696 8.120   -8.969  1.00 22.66 ? 145 GLY A O   1 
ATOM   100  N  N   . ASN A 1 13 ? -13.540 7.085   -10.907 1.00 17.60 ? 146 ASN A N   1 
ATOM   101  C  CA  . ASN A 1 13 ? -15.013 6.969   -11.107 1.00 18.50 ? 146 ASN A CA  1 
ATOM   102  C  C   . ASN A 1 13 ? -15.800 5.877   -10.362 1.00 17.73 ? 146 ASN A C   1 
ATOM   103  O  O   . ASN A 1 13 ? -17.030 5.873   -10.353 1.00 18.73 ? 146 ASN A O   1 
ATOM   104  C  CB  . ASN A 1 13 ? -15.189 6.818   -12.608 1.00 18.59 ? 146 ASN A CB  1 
ATOM   105  C  CG  . ASN A 1 13 ? -14.465 7.884   -13.346 1.00 17.11 ? 146 ASN A CG  1 
ATOM   106  O  OD1 . ASN A 1 13 ? -14.639 9.037   -13.065 1.00 16.83 ? 146 ASN A OD1 1 
ATOM   107  N  ND2 . ASN A 1 13 ? -13.570 7.498   -14.196 1.00 18.56 ? 146 ASN A ND2 1 
ATOM   108  N  N   . ASP A 1 14 ? -15.058 4.891   -9.852  1.00 18.04 ? 147 ASP A N   1 
ATOM   109  C  CA  . ASP A 1 14 ? -15.571 3.913   -8.890  1.00 18.81 ? 147 ASP A CA  1 
ATOM   110  C  C   . ASP A 1 14 ? -14.943 4.224   -7.533  1.00 18.90 ? 147 ASP A C   1 
ATOM   111  O  O   . ASP A 1 14 ? -13.883 4.861   -7.451  1.00 17.50 ? 147 ASP A O   1 
ATOM   112  C  CB  . ASP A 1 14 ? -15.211 2.480   -9.281  1.00 20.02 ? 147 ASP A CB  1 
ATOM   113  C  CG  . ASP A 1 14 ? -15.808 2.022   -10.606 1.00 20.18 ? 147 ASP A CG  1 
ATOM   114  O  OD1 . ASP A 1 14 ? -16.738 2.682   -11.165 1.00 18.92 ? 147 ASP A OD1 1 
ATOM   115  O  OD2 . ASP A 1 14 ? -15.372 0.910   -11.036 1.00 17.24 ? 147 ASP A OD2 1 
ATOM   116  N  N   . GLU A 1 15 ? -15.604 3.854   -6.438  1.00 18.48 ? 148 GLU A N   1 
ATOM   117  C  CA  . GLU A 1 15 ? -15.089 4.269   -5.138  1.00 18.60 ? 148 GLU A CA  1 
ATOM   118  C  C   . GLU A 1 15 ? -13.778 3.602   -4.734  1.00 16.89 ? 148 GLU A C   1 
ATOM   119  O  O   . GLU A 1 15 ? -13.082 4.147   -3.853  1.00 15.72 ? 148 GLU A O   1 
ATOM   120  C  CB  . GLU A 1 15 ? -16.155 4.052   -4.032  1.00 21.77 ? 148 GLU A CB  1 
ATOM   121  C  CG  . GLU A 1 15 ? -17.355 4.950   -4.177  1.00 24.47 ? 148 GLU A CG  1 
ATOM   122  C  CD  . GLU A 1 15 ? -16.975 6.407   -3.964  1.00 31.87 ? 148 GLU A CD  1 
ATOM   123  O  OE1 . GLU A 1 15 ? -16.446 6.715   -2.899  1.00 34.71 ? 148 GLU A OE1 1 
ATOM   124  O  OE2 . GLU A 1 15 ? -17.176 7.225   -4.869  1.00 32.66 ? 148 GLU A OE2 1 
ATOM   125  N  N   . GLU A 1 16 ? -13.411 2.487   -5.347  1.00 15.34 ? 149 GLU A N   1 
ATOM   126  C  CA  . GLU A 1 16 ? -12.149 1.848   -5.039  1.00 14.54 ? 149 GLU A CA  1 
ATOM   127  C  C   . GLU A 1 16 ? -10.994 2.634   -5.636  1.00 14.72 ? 149 GLU A C   1 
ATOM   128  O  O   . GLU A 1 16 ? -9.815  2.342   -5.336  1.00 14.15 ? 149 GLU A O   1 
ATOM   129  C  CB  . GLU A 1 16 ? -12.076 0.379   -5.549  1.00 16.37 ? 149 GLU A CB  1 
ATOM   130  C  CG  . GLU A 1 16 ? -11.987 0.207   -7.054  1.00 17.10 ? 149 GLU A CG  1 
ATOM   131  C  CD  . GLU A 1 16 ? -11.841 -1.258  -7.475  1.00 19.52 ? 149 GLU A CD  1 
ATOM   132  O  OE1 . GLU A 1 16 ? -11.582 -2.137  -6.610  1.00 18.96 ? 149 GLU A OE1 1 
ATOM   133  O  OE2 . GLU A 1 16 ? -11.926 -1.484  -8.692  1.00 19.30 ? 149 GLU A OE2 1 
ATOM   134  N  N   . ASP A 1 17 ? -11.303 3.532   -6.562  1.00 14.00 ? 150 ASP A N   1 
ATOM   135  C  CA  . ASP A 1 17 ? -10.239 4.161   -7.306  1.00 14.11 ? 150 ASP A CA  1 
ATOM   136  C  C   . ASP A 1 17 ? -9.488  5.222   -6.533  1.00 14.73 ? 150 ASP A C   1 
ATOM   137  O  O   . ASP A 1 17 ? -10.057 5.872   -5.651  1.00 14.46 ? 150 ASP A O   1 
ATOM   138  C  CB  . ASP A 1 17 ? -10.829 4.796   -8.553  1.00 13.72 ? 150 ASP A CB  1 
ATOM   139  C  CG  . ASP A 1 17 ? -11.395 3.816   -9.562  1.00 15.23 ? 150 ASP A CG  1 
ATOM   140  O  OD1 . ASP A 1 17 ? -11.169 2.621   -9.526  1.00 15.62 ? 150 ASP A OD1 1 
ATOM   141  O  OD2 . ASP A 1 17 ? -12.128 4.330   -10.433 1.00 14.57 ? 150 ASP A OD2 1 
ATOM   142  N  N   . LEU A 1 18 ? -8.219  5.461   -6.899  1.00 13.15 ? 151 LEU A N   1 
ATOM   143  C  CA  . LEU A 1 18 ? -7.438  6.659   -6.468  1.00 13.53 ? 151 LEU A CA  1 
ATOM   144  C  C   . LEU A 1 18 ? -7.357  7.735   -7.542  1.00 14.35 ? 151 LEU A C   1 
ATOM   145  O  O   . LEU A 1 18 ? -6.741  7.523   -8.550  1.00 17.01 ? 151 LEU A O   1 
ATOM   146  C  CB  . LEU A 1 18 ? -6.009  6.296   -6.085  1.00 14.84 ? 151 LEU A CB  1 
ATOM   147  C  CG  . LEU A 1 18 ? -5.077  7.407   -5.610  1.00 15.43 ? 151 LEU A CG  1 
ATOM   148  C  CD1 . LEU A 1 18 ? -5.550  7.936   -4.255  1.00 17.10 ? 151 LEU A CD1 1 
ATOM   149  C  CD2 . LEU A 1 18 ? -3.698  6.729   -5.523  1.00 15.69 ? 151 LEU A CD2 1 
ATOM   150  N  N   . PRO A 1 19 ? -8.022  8.900   -7.329  1.00 15.34 ? 152 PRO A N   1 
ATOM   151  C  CA  . PRO A 1 19 ? -7.908  9.954   -8.332  1.00 14.82 ? 152 PRO A CA  1 
ATOM   152  C  C   . PRO A 1 19 ? -6.499  10.535  -8.290  1.00 14.23 ? 152 PRO A C   1 
ATOM   153  O  O   . PRO A 1 19 ? -5.850  10.487  -7.262  1.00 18.68 ? 152 PRO A O   1 
ATOM   154  C  CB  . PRO A 1 19 ? -8.929  10.972  -7.880  1.00 17.24 ? 152 PRO A CB  1 
ATOM   155  C  CG  . PRO A 1 19 ? -9.805  10.291  -6.900  1.00 17.69 ? 152 PRO A CG  1 
ATOM   156  C  CD  . PRO A 1 19 ? -8.939  9.300   -6.237  1.00 18.28 ? 152 PRO A CD  1 
ATOM   157  N  N   . PHE A 1 20 ? -6.072  11.122  -9.384  1.00 14.57 ? 153 PHE A N   1 
ATOM   158  C  CA  . PHE A 1 20 ? -4.793  11.722  -9.525  1.00 15.39 ? 153 PHE A CA  1 
ATOM   159  C  C   . PHE A 1 20 ? -4.794  12.664  -10.689 1.00 16.92 ? 153 PHE A C   1 
ATOM   160  O  O   . PHE A 1 20 ? -5.697  12.632  -11.499 1.00 15.37 ? 153 PHE A O   1 
ATOM   161  C  CB  . PHE A 1 20 ? -3.660  10.688  -9.579  1.00 15.49 ? 153 PHE A CB  1 
ATOM   162  C  CG  . PHE A 1 20 ? -3.757  9.684   -10.693 1.00 13.57 ? 153 PHE A CG  1 
ATOM   163  C  CD1 . PHE A 1 20 ? -3.404  10.003  -12.005 1.00 14.45 ? 153 PHE A CD1 1 
ATOM   164  C  CD2 . PHE A 1 20 ? -4.205  8.406   -10.435 1.00 13.07 ? 153 PHE A CD2 1 
ATOM   165  C  CE1 . PHE A 1 20 ? -3.544  9.101   -13.014 1.00 13.50 ? 153 PHE A CE1 1 
ATOM   166  C  CE2 . PHE A 1 20 ? -4.284  7.495   -11.457 1.00 12.54 ? 153 PHE A CE2 1 
ATOM   167  C  CZ  . PHE A 1 20 ? -3.888  7.822   -12.752 1.00 13.20 ? 153 PHE A CZ  1 
ATOM   168  N  N   . LYS A 1 21 ? -3.768  13.516  -10.739 1.00 15.47 ? 154 LYS A N   1 
ATOM   169  C  CA  . LYS A 1 21 ? -3.554  14.479  -11.797 1.00 13.60 ? 154 LYS A CA  1 
ATOM   170  C  C   . LYS A 1 21 ? -2.205  14.205  -12.463 1.00 14.39 ? 154 LYS A C   1 
ATOM   171  O  O   . LYS A 1 21 ? -1.278  13.744  -11.841 1.00 13.99 ? 154 LYS A O   1 
ATOM   172  C  CB  . LYS A 1 21 ? -3.535  15.919  -11.293 1.00 13.84 ? 154 LYS A CB  1 
ATOM   173  C  CG  . LYS A 1 21 ? -4.723  16.376  -10.423 1.00 15.77 ? 154 LYS A CG  1 
ATOM   174  C  CD  . LYS A 1 21 ? -5.997  16.355  -11.265 1.00 18.16 ? 154 LYS A CD  1 
ATOM   175  C  CE  . LYS A 1 21 ? -7.314  16.789  -10.582 1.00 17.87 ? 154 LYS A CE  1 
ATOM   176  N  NZ  . LYS A 1 21 ? -8.431  16.797  -11.557 1.00 17.07 ? 154 LYS A NZ  1 
ATOM   177  N  N   . LYS A 1 22 ? -2.107  14.509  -13.735 1.00 15.28 ? 155 LYS A N   1 
ATOM   178  C  CA  . LYS A 1 22 ? -0.826  14.444  -14.435 1.00 16.33 ? 155 LYS A CA  1 
ATOM   179  C  C   . LYS A 1 22 ? 0.333   15.023  -13.609 1.00 14.93 ? 155 LYS A C   1 
ATOM   180  O  O   . LYS A 1 22 ? 0.209   16.075  -13.028 1.00 16.29 ? 155 LYS A O   1 
ATOM   181  C  CB  . LYS A 1 22 ? -0.905  15.241  -15.740 1.00 16.70 ? 155 LYS A CB  1 
ATOM   182  C  CG  . LYS A 1 22 ? 0.395   15.288  -16.487 1.00 18.20 ? 155 LYS A CG  1 
ATOM   183  C  CD  . LYS A 1 22 ? 0.134   16.057  -17.781 1.00 21.93 ? 155 LYS A CD  1 
ATOM   184  C  CE  . LYS A 1 22 ? 1.293   16.014  -18.722 1.00 24.45 ? 155 LYS A CE  1 
ATOM   185  N  NZ  . LYS A 1 22 ? 2.560   16.401  -18.126 1.00 31.02 ? 155 LYS A NZ  1 
ATOM   186  N  N   . GLY A 1 23 ? 1.402   14.249  -13.470 1.00 15.63 ? 156 GLY A N   1 
ATOM   187  C  CA  . GLY A 1 23 ? 2.627   14.630  -12.789 1.00 15.55 ? 156 GLY A CA  1 
ATOM   188  C  C   . GLY A 1 23 ? 2.731   14.014  -11.410 1.00 15.17 ? 156 GLY A C   1 
ATOM   189  O  O   . GLY A 1 23 ? 3.824   14.023  -10.826 1.00 16.57 ? 156 GLY A O   1 
ATOM   190  N  N   . ASP A 1 24 ? 1.602   13.560  -10.845 1.00 14.18 ? 157 ASP A N   1 
ATOM   191  C  CA  . ASP A 1 24 ? 1.599   12.880  -9.516  1.00 14.34 ? 157 ASP A CA  1 
ATOM   192  C  C   . ASP A 1 24 ? 2.504   11.700  -9.495  1.00 14.38 ? 157 ASP A C   1 
ATOM   193  O  O   . ASP A 1 24 ? 2.513   10.923  -10.453 1.00 16.88 ? 157 ASP A O   1 
ATOM   194  C  CB  . ASP A 1 24 ? 0.170   12.460  -9.070  1.00 14.12 ? 157 ASP A CB  1 
ATOM   195  C  CG  . ASP A 1 24 ? -0.688  13.614  -8.660  1.00 16.08 ? 157 ASP A CG  1 
ATOM   196  O  OD1 . ASP A 1 24 ? -0.191  14.793  -8.559  1.00 17.14 ? 157 ASP A OD1 1 
ATOM   197  O  OD2 . ASP A 1 24 ? -1.913  13.392  -8.444  1.00 15.94 ? 157 ASP A OD2 1 
ATOM   198  N  N   . ILE A 1 25 ? 3.309   11.542  -8.430  1.00 13.24 ? 158 ILE A N   1 
ATOM   199  C  CA  . ILE A 1 25 ? 4.092   10.337  -8.196  1.00 15.24 ? 158 ILE A CA  1 
ATOM   200  C  C   . ILE A 1 25 ? 3.384   9.423   -7.229  1.00 14.27 ? 158 ILE A C   1 
ATOM   201  O  O   . ILE A 1 25 ? 2.956   9.859   -6.199  1.00 16.10 ? 158 ILE A O   1 
ATOM   202  C  CB  . ILE A 1 25 ? 5.477   10.711  -7.652  1.00 15.91 ? 158 ILE A CB  1 
ATOM   203  C  CG1 . ILE A 1 25 ? 6.134   11.758  -8.531  1.00 18.76 ? 158 ILE A CG1 1 
ATOM   204  C  CG2 . ILE A 1 25 ? 6.338   9.476   -7.532  1.00 16.30 ? 158 ILE A CG2 1 
ATOM   205  C  CD1 . ILE A 1 25 ? 6.359   11.450  -9.958  1.00 21.04 ? 158 ILE A CD1 1 
ATOM   206  N  N   . LEU A 1 26 ? 3.227   8.162   -7.604  1.00 15.24 ? 159 LEU A N   1 
ATOM   207  C  CA  . LEU A 1 26 ? 2.412   7.250   -6.880  1.00 15.29 ? 159 LEU A CA  1 
ATOM   208  C  C   . LEU A 1 26 ? 3.271   6.010   -6.600  1.00 14.97 ? 159 LEU A C   1 
ATOM   209  O  O   . LEU A 1 26 ? 4.033   5.507   -7.494  1.00 15.02 ? 159 LEU A O   1 
ATOM   210  C  CB  . LEU A 1 26 ? 1.159   6.891   -7.694  1.00 15.90 ? 159 LEU A CB  1 
ATOM   211  C  CG  . LEU A 1 26 ? 0.279   8.000   -8.276  1.00 16.95 ? 159 LEU A CG  1 
ATOM   212  C  CD1 . LEU A 1 26 ? -0.780  7.351   -9.159  1.00 18.79 ? 159 LEU A CD1 1 
ATOM   213  C  CD2 . LEU A 1 26 ? -0.387  8.728   -7.108  1.00 17.26 ? 159 LEU A CD2 1 
ATOM   214  N  N   . ARG A 1 27 ? 3.145   5.442   -5.390  1.00 15.49 ? 160 ARG A N   1 
ATOM   215  C  CA  . ARG A 1 27 ? 3.826   4.192   -5.068  1.00 15.01 ? 160 ARG A CA  1 
ATOM   216  C  C   . ARG A 1 27 ? 2.965   2.975   -5.350  1.00 14.78 ? 160 ARG A C   1 
ATOM   217  O  O   . ARG A 1 27 ? 1.819   2.946   -4.868  1.00 13.62 ? 160 ARG A O   1 
ATOM   218  C  CB  . ARG A 1 27 ? 4.203   4.181   -3.565  1.00 15.90 ? 160 ARG A CB  1 
ATOM   219  C  CG  . ARG A 1 27 ? 5.274   3.204   -3.257  1.00 16.16 ? 160 ARG A CG  1 
ATOM   220  C  CD  . ARG A 1 27 ? 5.866   3.199   -1.868  1.00 17.26 ? 160 ARG A CD  1 
ATOM   221  N  NE  . ARG A 1 27 ? 4.853   3.141   -0.845  1.00 21.85 ? 160 ARG A NE  1 
ATOM   222  C  CZ  . ARG A 1 27 ? 4.233   2.032   -0.535  1.00 20.62 ? 160 ARG A CZ  1 
ATOM   223  N  NH1 . ARG A 1 27 ? 4.516   0.907   -1.194  1.00 23.66 ? 160 ARG A NH1 1 
ATOM   224  N  NH2 . ARG A 1 27 ? 3.284   2.032   0.395   1.00 22.36 ? 160 ARG A NH2 1 
ATOM   225  N  N   . ILE A 1 28 ? 3.476   1.991   -6.056  1.00 14.11 ? 161 ILE A N   1 
ATOM   226  C  CA  . ILE A 1 28 ? 2.666   0.844   -6.326  1.00 16.30 ? 161 ILE A CA  1 
ATOM   227  C  C   . ILE A 1 28 ? 2.712   -0.117  -5.144  1.00 18.20 ? 161 ILE A C   1 
ATOM   228  O  O   . ILE A 1 28 ? 3.806   -0.558  -4.717  1.00 17.33 ? 161 ILE A O   1 
ATOM   229  C  CB  . ILE A 1 28 ? 3.143   0.124   -7.567  1.00 16.21 ? 161 ILE A CB  1 
ATOM   230  C  CG1 . ILE A 1 28 ? 3.130   1.091   -8.765  1.00 17.16 ? 161 ILE A CG1 1 
ATOM   231  C  CG2 . ILE A 1 28 ? 2.276   -1.081  -7.866  1.00 15.66 ? 161 ILE A CG2 1 
ATOM   232  C  CD1 . ILE A 1 28 ? 1.834   1.865   -8.960  1.00 19.04 ? 161 ILE A CD1 1 
ATOM   233  N  N   . ARG A 1 29 ? 1.532   -0.505  -4.675  1.00 16.61 ? 162 ARG A N   1 
ATOM   234  C  CA  . ARG A 1 29 ? 1.419   -1.390  -3.525  1.00 15.85 ? 162 ARG A CA  1 
ATOM   235  C  C   . ARG A 1 29 ? 1.149   -2.855  -3.920  1.00 16.23 ? 162 ARG A C   1 
ATOM   236  O  O   . ARG A 1 29 ? 1.511   -3.820  -3.163  1.00 14.05 ? 162 ARG A O   1 
ATOM   237  C  CB  . ARG A 1 29 ? 0.317   -0.874  -2.588  1.00 16.26 ? 162 ARG A CB  1 
ATOM   238  C  CG  . ARG A 1 29 ? 0.670   0.459   -1.999  1.00 15.03 ? 162 ARG A CG  1 
ATOM   239  C  CD  . ARG A 1 29 ? -0.280  0.882   -0.949  1.00 15.59 ? 162 ARG A CD  1 
ATOM   240  N  NE  . ARG A 1 29 ? -0.356  -0.066  0.133   1.00 15.54 ? 162 ARG A NE  1 
ATOM   241  C  CZ  . ARG A 1 29 ? -1.339  -0.907  0.399   1.00 16.59 ? 162 ARG A CZ  1 
ATOM   242  N  NH1 . ARG A 1 29 ? -2.444  -0.998  -0.349  1.00 15.55 ? 162 ARG A NH1 1 
ATOM   243  N  NH2 . ARG A 1 29 ? -1.235  -1.704  1.459   1.00 16.86 ? 162 ARG A NH2 1 
ATOM   244  N  N   . ASP A 1 30 ? 0.343   -3.043  -4.976  1.00 14.93 ? 163 ASP A N   1 
ATOM   245  C  CA  . ASP A 1 30 ? -0.114  -4.407  -5.365  1.00 16.43 ? 163 ASP A CA  1 
ATOM   246  C  C   . ASP A 1 30 ? -0.552  -4.396  -6.813  1.00 15.78 ? 163 ASP A C   1 
ATOM   247  O  O   . ASP A 1 30 ? -0.964  -3.330  -7.309  1.00 17.69 ? 163 ASP A O   1 
ATOM   248  C  CB  . ASP A 1 30 ? -1.308  -4.893  -4.464  1.00 19.53 ? 163 ASP A CB  1 
ATOM   249  C  CG  . ASP A 1 30 ? -1.506  -6.414  -4.496  1.00 22.25 ? 163 ASP A CG  1 
ATOM   250  O  OD1 . ASP A 1 30 ? -0.539  -7.170  -4.673  1.00 25.86 ? 163 ASP A OD1 1 
ATOM   251  O  OD2 . ASP A 1 30 ? -2.658  -6.841  -4.305  1.00 22.44 ? 163 ASP A OD2 1 
ATOM   252  N  N   . LYS A 1 31 ? -0.448  -5.547  -7.490  1.00 16.54 ? 164 LYS A N   1 
ATOM   253  C  CA  . LYS A 1 31 ? -0.917  -5.708  -8.861  1.00 16.58 ? 164 LYS A CA  1 
ATOM   254  C  C   . LYS A 1 31 ? -1.941  -6.812  -8.984  1.00 17.31 ? 164 LYS A C   1 
ATOM   255  O  O   . LYS A 1 31 ? -1.648  -7.865  -9.549  1.00 17.26 ? 164 LYS A O   1 
ATOM   256  C  CB  . LYS A 1 31 ? 0.236   -5.979  -9.831  1.00 18.63 ? 164 LYS A CB  1 
ATOM   257  C  CG  . LYS A 1 31 ? 1.336   -4.930  -9.716  1.00 16.39 ? 164 LYS A CG  1 
ATOM   258  C  CD  . LYS A 1 31 ? 2.487   -5.065  -10.687 1.00 17.81 ? 164 LYS A CD  1 
ATOM   259  C  CE  . LYS A 1 31 ? 3.478   -3.900  -10.516 1.00 20.60 ? 164 LYS A CE  1 
ATOM   260  N  NZ  . LYS A 1 31 ? 4.795   -4.086  -11.271 1.00 20.59 ? 164 LYS A NZ  1 
ATOM   261  N  N   . PRO A 1 32 ? -3.174  -6.591  -8.508  1.00 16.12 ? 165 PRO A N   1 
ATOM   262  C  CA  . PRO A 1 32 ? -4.147  -7.675  -8.552  1.00 16.44 ? 165 PRO A CA  1 
ATOM   263  C  C   . PRO A 1 32 ? -4.703  -7.967  -9.943  1.00 18.35 ? 165 PRO A C   1 
ATOM   264  O  O   . PRO A 1 32 ? -5.292  -9.055  -10.168 1.00 19.13 ? 165 PRO A O   1 
ATOM   265  C  CB  . PRO A 1 32 ? -5.246  -7.154  -7.592  1.00 17.56 ? 165 PRO A CB  1 
ATOM   266  C  CG  . PRO A 1 32 ? -5.131  -5.681  -7.716  1.00 17.25 ? 165 PRO A CG  1 
ATOM   267  C  CD  . PRO A 1 32 ? -3.673  -5.425  -7.783  1.00 16.34 ? 165 PRO A CD  1 
ATOM   268  N  N   . GLU A 1 33 ? -4.628  -6.966  -10.807 1.00 16.86 ? 166 GLU A N   1 
ATOM   269  C  CA  . GLU A 1 33 ? -5.015  -7.051  -12.199 1.00 18.87 ? 166 GLU A CA  1 
ATOM   270  C  C   . GLU A 1 33 ? -3.882  -6.533  -13.052 1.00 18.50 ? 166 GLU A C   1 
ATOM   271  O  O   . GLU A 1 33 ? -3.076  -5.750  -12.584 1.00 19.73 ? 166 GLU A O   1 
ATOM   272  C  CB  . GLU A 1 33 ? -6.261  -6.218  -12.440 1.00 20.09 ? 166 GLU A CB  1 
ATOM   273  C  CG  . GLU A 1 33 ? -7.560  -6.846  -12.064 1.00 22.92 ? 166 GLU A CG  1 
ATOM   274  C  CD  . GLU A 1 33 ? -7.834  -6.864  -10.614 1.00 23.14 ? 166 GLU A CD  1 
ATOM   275  O  OE1 . GLU A 1 33 ? -7.605  -5.820  -9.970  1.00 25.61 ? 166 GLU A OE1 1 
ATOM   276  O  OE2 . GLU A 1 33 ? -8.252  -7.909  -10.108 1.00 24.73 ? 166 GLU A OE2 1 
ATOM   277  N  N   . GLU A 1 34 ? -3.865  -6.907  -14.332 1.00 17.72 ? 167 GLU A N   1 
ATOM   278  C  CA  . GLU A 1 34 ? -2.809  -6.435  -15.227 1.00 19.60 ? 167 GLU A CA  1 
ATOM   279  C  C   . GLU A 1 34 ? -2.768  -4.916  -15.465 1.00 18.09 ? 167 GLU A C   1 
ATOM   280  O  O   . GLU A 1 34 ? -1.663  -4.339  -15.572 1.00 21.34 ? 167 GLU A O   1 
ATOM   281  C  CB  . GLU A 1 34 ? -2.907  -7.146  -16.570 1.00 17.92 ? 167 GLU A CB  1 
ATOM   282  C  CG  . GLU A 1 34 ? -2.557  -8.606  -16.481 1.00 18.90 ? 167 GLU A CG  1 
ATOM   283  C  CD  . GLU A 1 34 ? -2.588  -9.375  -17.765 1.00 19.26 ? 167 GLU A CD  1 
ATOM   284  O  OE1 . GLU A 1 34 ? -2.993  -8.793  -18.801 1.00 19.51 ? 167 GLU A OE1 1 
ATOM   285  O  OE2 . GLU A 1 34 ? -2.262  -10.591 -17.695 1.00 17.76 ? 167 GLU A OE2 1 
ATOM   286  N  N   . GLN A 1 35 ? -3.936  -4.286  -15.553 1.00 17.36 ? 168 GLN A N   1 
ATOM   287  C  CA  . GLN A 1 35 ? -4.038  -2.873  -15.919 1.00 17.36 ? 168 GLN A CA  1 
ATOM   288  C  C   . GLN A 1 35 ? -4.644  -2.028  -14.789 1.00 16.02 ? 168 GLN A C   1 
ATOM   289  O  O   . GLN A 1 35 ? -4.827  -0.821  -14.970 1.00 14.08 ? 168 GLN A O   1 
ATOM   290  C  CB  . GLN A 1 35 ? -4.917  -2.698  -17.133 1.00 20.35 ? 168 GLN A CB  1 
ATOM   291  C  CG  . GLN A 1 35 ? -4.506  -3.549  -18.360 1.00 21.30 ? 168 GLN A CG  1 
ATOM   292  C  CD  . GLN A 1 35 ? -5.188  -3.049  -19.574 1.00 24.05 ? 168 GLN A CD  1 
ATOM   293  O  OE1 . GLN A 1 35 ? -6.245  -3.552  -19.959 1.00 25.13 ? 168 GLN A OE1 1 
ATOM   294  N  NE2 . GLN A 1 35 ? -4.606  -2.052  -20.205 1.00 23.86 ? 168 GLN A NE2 1 
ATOM   295  N  N   . TRP A 1 36 ? -4.980  -2.643  -13.653 1.00 14.46 ? 169 TRP A N   1 
ATOM   296  C  CA  . TRP A 1 36 ? -5.441  -1.873  -12.501 1.00 14.23 ? 169 TRP A CA  1 
ATOM   297  C  C   . TRP A 1 36 ? -4.599  -2.246  -11.302 1.00 14.63 ? 169 TRP A C   1 
ATOM   298  O  O   . TRP A 1 36 ? -4.591  -3.386  -10.910 1.00 13.73 ? 169 TRP A O   1 
ATOM   299  C  CB  . TRP A 1 36 ? -6.885  -2.125  -12.233 1.00 15.79 ? 169 TRP A CB  1 
ATOM   300  C  CG  . TRP A 1 36 ? -7.766  -1.490  -13.250 1.00 16.17 ? 169 TRP A CG  1 
ATOM   301  C  CD1 . TRP A 1 36 ? -8.260  -2.058  -14.406 1.00 16.66 ? 169 TRP A CD1 1 
ATOM   302  C  CD2 . TRP A 1 36 ? -8.264  -0.166  -13.203 1.00 15.83 ? 169 TRP A CD2 1 
ATOM   303  N  NE1 . TRP A 1 36 ? -9.008  -1.127  -15.091 1.00 15.37 ? 169 TRP A NE1 1 
ATOM   304  C  CE2 . TRP A 1 36 ? -9.046  0.031   -14.350 1.00 15.44 ? 169 TRP A CE2 1 
ATOM   305  C  CE3 . TRP A 1 36 ? -8.131  0.883   -12.289 1.00 16.86 ? 169 TRP A CE3 1 
ATOM   306  C  CZ2 . TRP A 1 36 ? -9.680  1.245   -14.609 1.00 15.28 ? 169 TRP A CZ2 1 
ATOM   307  C  CZ3 . TRP A 1 36 ? -8.801  2.045   -12.511 1.00 17.96 ? 169 TRP A CZ3 1 
ATOM   308  C  CH2 . TRP A 1 36 ? -9.563  2.228   -13.658 1.00 16.25 ? 169 TRP A CH2 1 
ATOM   309  N  N   . TRP A 1 37 ? -3.823  -1.296  -10.767 1.00 14.56 ? 170 TRP A N   1 
ATOM   310  C  CA  . TRP A 1 37 ? -2.903  -1.573  -9.657  1.00 15.35 ? 170 TRP A CA  1 
ATOM   311  C  C   . TRP A 1 37 ? -3.284  -0.808  -8.390  1.00 15.63 ? 170 TRP A C   1 
ATOM   312  O  O   . TRP A 1 37 ? -3.831  0.269   -8.508  1.00 14.81 ? 170 TRP A O   1 
ATOM   313  C  CB  . TRP A 1 37 ? -1.454  -1.204  -10.039 1.00 15.81 ? 170 TRP A CB  1 
ATOM   314  C  CG  . TRP A 1 37 ? -0.846  -2.051  -11.103 1.00 15.15 ? 170 TRP A CG  1 
ATOM   315  C  CD1 . TRP A 1 37 ? -1.331  -3.207  -11.626 1.00 14.91 ? 170 TRP A CD1 1 
ATOM   316  C  CD2 . TRP A 1 37 ? 0.377   -1.788  -11.772 1.00 15.05 ? 170 TRP A CD2 1 
ATOM   317  N  NE1 . TRP A 1 37 ? -0.476  -3.681  -12.584 1.00 14.17 ? 170 TRP A NE1 1 
ATOM   318  C  CE2 . TRP A 1 37 ? 0.574   -2.821  -12.712 1.00 14.06 ? 170 TRP A CE2 1 
ATOM   319  C  CE3 . TRP A 1 37 ? 1.331   -0.780  -11.672 1.00 14.97 ? 170 TRP A CE3 1 
ATOM   320  C  CZ2 . TRP A 1 37 ? 1.678   -2.863  -13.517 1.00 14.93 ? 170 TRP A CZ2 1 
ATOM   321  C  CZ3 . TRP A 1 37 ? 2.448   -0.822  -12.509 1.00 16.45 ? 170 TRP A CZ3 1 
ATOM   322  C  CH2 . TRP A 1 37 ? 2.592   -1.860  -13.421 1.00 15.00 ? 170 TRP A CH2 1 
ATOM   323  N  N   A ASN A 1 38 ? -3.031  -1.361  -7.201  0.50 14.80 ? 171 ASN A N   1 
ATOM   324  N  N   B ASN A 1 38 ? -2.988  -1.364  -7.214  0.50 14.90 ? 171 ASN A N   1 
ATOM   325  C  CA  A ASN A 1 38 ? -3.274  -0.552  -5.998  0.50 16.42 ? 171 ASN A CA  1 
ATOM   326  C  CA  B ASN A 1 38 ? -3.198  -0.636  -5.956  0.50 16.68 ? 171 ASN A CA  1 
ATOM   327  C  C   A ASN A 1 38 ? -2.091  0.386   -5.819  0.50 15.90 ? 171 ASN A C   1 
ATOM   328  C  C   B ASN A 1 38 ? -2.064  0.375   -5.775  0.50 16.07 ? 171 ASN A C   1 
ATOM   329  O  O   A ASN A 1 38 ? -0.956  -0.085  -5.826  0.50 15.84 ? 171 ASN A O   1 
ATOM   330  O  O   B ASN A 1 38 ? -0.917  -0.065  -5.734  0.50 16.08 ? 171 ASN A O   1 
ATOM   331  C  CB  A ASN A 1 38 ? -3.429  -1.372  -4.728  0.50 15.99 ? 171 ASN A CB  1 
ATOM   332  C  CB  B ASN A 1 38 ? -3.162  -1.617  -4.787  0.50 15.93 ? 171 ASN A CB  1 
ATOM   333  C  CG  A ASN A 1 38 ? -3.945  -0.515  -3.580  0.50 15.71 ? 171 ASN A CG  1 
ATOM   334  C  CG  B ASN A 1 38 ? -4.387  -2.492  -4.733  0.50 16.59 ? 171 ASN A CG  1 
ATOM   335  O  OD1 A ASN A 1 38 ? -5.139  -0.482  -3.339  0.50 18.27 ? 171 ASN A OD1 1 
ATOM   336  O  OD1 B ASN A 1 38 ? -4.438  -3.517  -5.403  0.50 17.72 ? 171 ASN A OD1 1 
ATOM   337  N  ND2 A ASN A 1 38 ? -3.088  0.286   -2.963  0.50 14.32 ? 171 ASN A ND2 1 
ATOM   338  N  ND2 B ASN A 1 38 ? -5.406  -2.077  -3.963  0.50 16.39 ? 171 ASN A ND2 1 
ATOM   339  N  N   . ALA A 1 39 ? -2.355  1.687   -5.593  1.00 16.42 ? 172 ALA A N   1 
ATOM   340  C  CA  . ALA A 1 39 ? -1.299  2.719   -5.526  1.00 14.47 ? 172 ALA A CA  1 
ATOM   341  C  C   . ALA A 1 39 ? -1.538  3.655   -4.369  1.00 14.03 ? 172 ALA A C   1 
ATOM   342  O  O   . ALA A 1 39 ? -2.584  3.596   -3.744  1.00 14.09 ? 172 ALA A O   1 
ATOM   343  C  CB  . ALA A 1 39 ? -1.130  3.488   -6.842  1.00 15.22 ? 172 ALA A CB  1 
ATOM   344  N  N   . GLU A 1 40 ? -0.489  4.346   -3.979  1.00 14.17 ? 173 GLU A N   1 
ATOM   345  C  CA  . GLU A 1 40 ? -0.600  5.341   -2.879  1.00 14.85 ? 173 GLU A CA  1 
ATOM   346  C  C   . GLU A 1 40 ? 0.022   6.656   -3.307  1.00 16.49 ? 173 GLU A C   1 
ATOM   347  O  O   . GLU A 1 40 ? 1.088   6.634   -3.936  1.00 15.67 ? 173 GLU A O   1 
ATOM   348  C  CB  . GLU A 1 40 ? 0.116   4.808   -1.658  1.00 15.09 ? 173 GLU A CB  1 
ATOM   349  C  CG  . GLU A 1 40 ? 0.064   5.673   -0.387  1.00 16.49 ? 173 GLU A CG  1 
ATOM   350  C  CD  . GLU A 1 40 ? 0.776   5.043   0.771   1.00 21.19 ? 173 GLU A CD  1 
ATOM   351  O  OE1 . GLU A 1 40 ? 0.496   3.828   1.039   1.00 20.99 ? 173 GLU A OE1 1 
ATOM   352  O  OE2 . GLU A 1 40 ? 1.635   5.736   1.398   1.00 18.57 ? 173 GLU A OE2 1 
ATOM   353  N  N   . ASP A 1 41 ? -0.648  7.753   -2.959  1.00 15.25 ? 174 ASP A N   1 
ATOM   354  C  CA  . ASP A 1 41 ? -0.211  9.126   -3.368  1.00 15.27 ? 174 ASP A CA  1 
ATOM   355  C  C   . ASP A 1 41 ? 0.598   9.770   -2.212  1.00 15.53 ? 174 ASP A C   1 
ATOM   356  O  O   . ASP A 1 41 ? 0.781   9.160   -1.136  1.00 15.42 ? 174 ASP A O   1 
ATOM   357  C  CB  . ASP A 1 41 ? -1.359  9.990   -3.886  1.00 14.93 ? 174 ASP A CB  1 
ATOM   358  C  CG  . ASP A 1 41 ? -2.353  10.429  -2.830  1.00 16.48 ? 174 ASP A CG  1 
ATOM   359  O  OD1 . ASP A 1 41 ? -2.046  10.472  -1.622  1.00 17.08 ? 174 ASP A OD1 1 
ATOM   360  O  OD2 . ASP A 1 41 ? -3.522  10.835  -3.215  1.00 13.81 ? 174 ASP A OD2 1 
ATOM   361  N  N   . SER A 1 42 ? 1.038   11.010  -2.448  1.00 17.11 ? 175 SER A N   1 
ATOM   362  C  CA  . SER A 1 42 ? 1.936   11.734  -1.505  1.00 16.88 ? 175 SER A CA  1 
ATOM   363  C  C   . SER A 1 42 ? 1.299   12.131  -0.188  1.00 17.10 ? 175 SER A C   1 
ATOM   364  O  O   . SER A 1 42 ? 2.006   12.446  0.748   1.00 18.07 ? 175 SER A O   1 
ATOM   365  C  CB  . SER A 1 42 ? 2.497   12.946  -2.179  1.00 17.55 ? 175 SER A CB  1 
ATOM   366  O  OG  . SER A 1 42 ? 1.510   13.901  -2.318  1.00 17.51 ? 175 SER A OG  1 
ATOM   367  N  N   . GLU A 1 43 ? -0.026  12.158  -0.142  1.00 16.01 ? 176 GLU A N   1 
ATOM   368  C  CA  . GLU A 1 43 ? -0.815  12.293  1.093   1.00 18.99 ? 176 GLU A CA  1 
ATOM   369  C  C   . GLU A 1 43 ? -1.126  10.998  1.781   1.00 19.31 ? 176 GLU A C   1 
ATOM   370  O  O   . GLU A 1 43 ? -1.750  11.029  2.824   1.00 20.23 ? 176 GLU A O   1 
ATOM   371  C  CB  . GLU A 1 43 ? -2.170  13.000  0.833   1.00 22.40 ? 176 GLU A CB  1 
ATOM   372  C  CG  . GLU A 1 43 ? -2.131  14.266  0.056   1.00 25.65 ? 176 GLU A CG  1 
ATOM   373  C  CD  . GLU A 1 43 ? -3.559  14.898  0.014   1.00 27.82 ? 176 GLU A CD  1 
ATOM   374  O  OE1 . GLU A 1 43 ? -4.588  14.341  -0.527  1.00 32.57 ? 176 GLU A OE1 1 
ATOM   375  O  OE2 . GLU A 1 43 ? -3.655  15.946  0.611   1.00 33.54 ? 176 GLU A OE2 1 
ATOM   376  N  N   . GLY A 1 44 ? -0.702  9.869   1.215   1.00 15.72 ? 177 GLY A N   1 
ATOM   377  C  CA  . GLY A 1 44 ? -0.989  8.532   1.795   1.00 18.53 ? 177 GLY A CA  1 
ATOM   378  C  C   . GLY A 1 44 ? -2.327  7.894   1.476   1.00 18.01 ? 177 GLY A C   1 
ATOM   379  O  O   . GLY A 1 44 ? -2.673  6.828   1.991   1.00 16.25 ? 177 GLY A O   1 
ATOM   380  N  N   . LYS A 1 45 ? -3.080  8.516   0.591   1.00 15.53 ? 178 LYS A N   1 
ATOM   381  C  CA  . LYS A 1 45 ? -4.316  7.943   0.102   1.00 17.46 ? 178 LYS A CA  1 
ATOM   382  C  C   . LYS A 1 45 ? -3.990  6.798   -0.823  1.00 17.05 ? 178 LYS A C   1 
ATOM   383  O  O   . LYS A 1 45 ? -3.001  6.819   -1.574  1.00 16.31 ? 178 LYS A O   1 
ATOM   384  C  CB  . LYS A 1 45 ? -5.172  9.007   -0.607  1.00 17.58 ? 178 LYS A CB  1 
ATOM   385  C  CG  . LYS A 1 45 ? -5.517  10.242  0.203   1.00 19.74 ? 178 LYS A CG  1 
ATOM   386  C  CD  . LYS A 1 45 ? -6.723  10.936  -0.451  1.00 21.32 ? 178 LYS A CD  1 
ATOM   387  C  CE  . LYS A 1 45 ? -6.624  11.132  -1.951  1.00 21.04 ? 178 LYS A CE  1 
ATOM   388  N  NZ  . LYS A 1 45 ? -5.523  12.081  -2.331  1.00 22.23 ? 178 LYS A NZ  1 
ATOM   389  N  N   . ARG A 1 46 ? -4.878  5.804   -0.738  1.00 17.09 ? 179 ARG A N   1 
ATOM   390  C  CA  . ARG A 1 46 ? -4.794  4.604   -1.485  1.00 15.32 ? 179 ARG A CA  1 
ATOM   391  C  C   . ARG A 1 46 ? -6.023  4.312   -2.346  1.00 15.54 ? 179 ARG A C   1 
ATOM   392  O  O   . ARG A 1 46 ? -7.106  4.650   -2.015  1.00 15.26 ? 179 ARG A O   1 
ATOM   393  C  CB  . ARG A 1 46 ? -4.538  3.414   -0.568  1.00 16.91 ? 179 ARG A CB  1 
ATOM   394  C  CG  . ARG A 1 46 ? -3.287  3.556   0.299   1.00 17.53 ? 179 ARG A CG  1 
ATOM   395  C  CD  . ARG A 1 46 ? -3.304  2.475   1.354   1.00 19.20 ? 179 ARG A CD  1 
ATOM   396  N  NE  . ARG A 1 46 ? -2.067  2.442   2.118   1.00 18.87 ? 179 ARG A NE  1 
ATOM   397  C  CZ  . ARG A 1 46 ? -1.780  1.527   3.035   1.00 19.91 ? 179 ARG A CZ  1 
ATOM   398  N  NH1 . ARG A 1 46 ? -2.650  0.616   3.372   1.00 20.93 ? 179 ARG A NH1 1 
ATOM   399  N  NH2 . ARG A 1 46 ? -0.600  1.546   3.629   1.00 21.99 ? 179 ARG A NH2 1 
ATOM   400  N  N   . GLY A 1 47 ? -5.785  3.650   -3.468  1.00 15.74 ? 180 GLY A N   1 
ATOM   401  C  CA  . GLY A 1 47 ? -6.833  3.128   -4.315  1.00 16.75 ? 180 GLY A CA  1 
ATOM   402  C  C   . GLY A 1 47 ? -6.310  2.582   -5.603  1.00 15.83 ? 180 GLY A C   1 
ATOM   403  O  O   . GLY A 1 47 ? -5.093  2.477   -5.819  1.00 16.51 ? 180 GLY A O   1 
ATOM   404  N  N   . MET A 1 48 ? -7.250  2.233   -6.495  1.00 16.00 ? 181 MET A N   1 
ATOM   405  C  CA  . MET A 1 48 ? -6.908  1.558   -7.736  1.00 14.49 ? 181 MET A CA  1 
ATOM   406  C  C   . MET A 1 48 ? -6.636  2.631   -8.802  1.00 16.36 ? 181 MET A C   1 
ATOM   407  O  O   . MET A 1 48 ? -7.345  3.675   -8.827  1.00 15.15 ? 181 MET A O   1 
ATOM   408  C  CB  . MET A 1 48 ? -8.068  0.639   -8.156  1.00 14.27 ? 181 MET A CB  1 
ATOM   409  C  CG  . MET A 1 48 ? -8.431  -0.480  -7.197  1.00 14.78 ? 181 MET A CG  1 
ATOM   410  S  SD  . MET A 1 48 ? -7.026  -1.466  -6.661  1.00 17.27 ? 181 MET A SD  1 
ATOM   411  C  CE  . MET A 1 48 ? -6.519  -2.259  -8.183  1.00 17.54 ? 181 MET A CE  1 
ATOM   412  N  N   . ILE A 1 49 ? -5.636  2.353   -9.644  1.00 14.17 ? 182 ILE A N   1 
ATOM   413  C  CA  . ILE A 1 49 ? -5.202  3.262   -10.743 1.00 14.36 ? 182 ILE A CA  1 
ATOM   414  C  C   . ILE A 1 49 ? -5.166  2.515   -12.054 1.00 15.41 ? 182 ILE A C   1 
ATOM   415  O  O   . ILE A 1 49 ? -4.794  1.344   -12.052 1.00 14.98 ? 182 ILE A O   1 
ATOM   416  C  CB  . ILE A 1 49 ? -3.838  3.929   -10.469 1.00 13.06 ? 182 ILE A CB  1 
ATOM   417  C  CG1 . ILE A 1 49 ? -2.655  2.970   -10.404 1.00 14.08 ? 182 ILE A CG1 1 
ATOM   418  C  CG2 . ILE A 1 49 ? -3.923  4.724   -9.148  1.00 13.65 ? 182 ILE A CG2 1 
ATOM   419  C  CD1 . ILE A 1 49 ? -1.327  3.656   -10.517 1.00 15.39 ? 182 ILE A CD1 1 
ATOM   420  N  N   . PRO A 1 50 ? -5.470  3.207   -13.175 1.00 15.02 ? 183 PRO A N   1 
ATOM   421  C  CA  . PRO A 1 50 ? -5.408  2.570   -14.479 1.00 14.18 ? 183 PRO A CA  1 
ATOM   422  C  C   . PRO A 1 50 ? -3.938  2.667   -14.989 1.00 14.48 ? 183 PRO A C   1 
ATOM   423  O  O   . PRO A 1 50 ? -3.446  3.762   -15.252 1.00 14.60 ? 183 PRO A O   1 
ATOM   424  C  CB  . PRO A 1 50 ? -6.310  3.435   -15.318 1.00 13.36 ? 183 PRO A CB  1 
ATOM   425  C  CG  . PRO A 1 50 ? -6.265  4.762   -14.698 1.00 13.90 ? 183 PRO A CG  1 
ATOM   426  C  CD  . PRO A 1 50 ? -6.131  4.513   -13.226 1.00 14.14 ? 183 PRO A CD  1 
ATOM   427  N  N   . VAL A 1 51 ? -3.308  1.532   -15.226 1.00 15.54 ? 184 VAL A N   1 
ATOM   428  C  CA  . VAL A 1 51 ? -1.859  1.527   -15.540 1.00 13.83 ? 184 VAL A CA  1 
ATOM   429  C  C   . VAL A 1 51 ? -1.561  2.303   -16.838 1.00 15.58 ? 184 VAL A C   1 
ATOM   430  O  O   . VAL A 1 51 ? -0.486  2.916   -16.975 1.00 15.92 ? 184 VAL A O   1 
ATOM   431  C  CB  . VAL A 1 51 ? -1.332  0.068   -15.553 1.00 13.93 ? 184 VAL A CB  1 
ATOM   432  C  CG1 . VAL A 1 51 ? 0.093   -0.020  -16.038 1.00 15.11 ? 184 VAL A CG1 1 
ATOM   433  C  CG2 . VAL A 1 51 ? -1.525  -0.609  -14.203 1.00 15.06 ? 184 VAL A CG2 1 
ATOM   434  N  N   . PRO A 1 52 ? -2.510  2.338   -17.795 1.00 16.07 ? 185 PRO A N   1 
ATOM   435  C  CA  . PRO A 1 52 ? -2.193  3.058   -19.046 1.00 16.15 ? 185 PRO A CA  1 
ATOM   436  C  C   . PRO A 1 52 ? -1.927  4.537   -18.848 1.00 15.05 ? 185 PRO A C   1 
ATOM   437  O  O   . PRO A 1 52 ? -1.394  5.192   -19.745 1.00 16.60 ? 185 PRO A O   1 
ATOM   438  C  CB  . PRO A 1 52 ? -3.462  2.868   -19.877 1.00 15.89 ? 185 PRO A CB  1 
ATOM   439  C  CG  . PRO A 1 52 ? -3.894  1.506   -19.492 1.00 17.96 ? 185 PRO A CG  1 
ATOM   440  C  CD  . PRO A 1 52 ? -3.741  1.541   -17.996 1.00 16.34 ? 185 PRO A CD  1 
ATOM   441  N  N   . TYR A 1 53 ? -2.406  5.079   -17.738 1.00 16.58 ? 186 TYR A N   1 
ATOM   442  C  CA  . TYR A 1 53 ? -2.281  6.491   -17.470 1.00 15.93 ? 186 TYR A CA  1 
ATOM   443  C  C   . TYR A 1 53 ? -1.034  6.897   -16.736 1.00 16.49 ? 186 TYR A C   1 
ATOM   444  O  O   . TYR A 1 53 ? -0.859  8.078   -16.351 1.00 16.48 ? 186 TYR A O   1 
ATOM   445  C  CB  . TYR A 1 53 ? -3.472  6.982   -16.653 1.00 16.28 ? 186 TYR A CB  1 
ATOM   446  C  CG  . TYR A 1 53 ? -4.820  7.114   -17.401 1.00 17.16 ? 186 TYR A CG  1 
ATOM   447  C  CD1 . TYR A 1 53 ? -5.073  6.470   -18.638 1.00 18.75 ? 186 TYR A CD1 1 
ATOM   448  C  CD2 . TYR A 1 53 ? -5.841  7.917   -16.862 1.00 17.93 ? 186 TYR A CD2 1 
ATOM   449  C  CE1 . TYR A 1 53 ? -6.304  6.615   -19.279 1.00 19.15 ? 186 TYR A CE1 1 
ATOM   450  C  CE2 . TYR A 1 53 ? -7.081  8.022   -17.475 1.00 17.31 ? 186 TYR A CE2 1 
ATOM   451  C  CZ  . TYR A 1 53 ? -7.307  7.337   -18.690 1.00 16.32 ? 186 TYR A CZ  1 
ATOM   452  O  OH  . TYR A 1 53 ? -8.507  7.467   -19.342 1.00 16.18 ? 186 TYR A OH  1 
ATOM   453  N  N   . VAL A 1 54 ? -0.161  5.951   -16.468 1.00 15.15 ? 187 VAL A N   1 
ATOM   454  C  CA  . VAL A 1 54 ? 1.063   6.246   -15.691 1.00 16.48 ? 187 VAL A CA  1 
ATOM   455  C  C   . VAL A 1 54 ? 2.266   5.719   -16.397 1.00 16.96 ? 187 VAL A C   1 
ATOM   456  O  O   . VAL A 1 54 ? 2.087   4.878   -17.275 1.00 16.52 ? 187 VAL A O   1 
ATOM   457  C  CB  . VAL A 1 54 ? 0.987   5.668   -14.242 1.00 15.83 ? 187 VAL A CB  1 
ATOM   458  C  CG1 . VAL A 1 54 ? -0.334  6.116   -13.538 1.00 15.06 ? 187 VAL A CG1 1 
ATOM   459  C  CG2 . VAL A 1 54 ? 1.173   4.134   -14.177 1.00 15.74 ? 187 VAL A CG2 1 
ATOM   460  N  N   . GLU A 1 55 ? 3.463   6.236   -16.072 1.00 16.48 ? 188 GLU A N   1 
ATOM   461  C  CA  . GLU A 1 55 ? 4.742   5.641   -16.529 1.00 16.19 ? 188 GLU A CA  1 
ATOM   462  C  C   . GLU A 1 55 ? 5.632   5.299   -15.351 1.00 18.08 ? 188 GLU A C   1 
ATOM   463  O  O   . GLU A 1 55 ? 5.470   5.870   -14.262 1.00 16.14 ? 188 GLU A O   1 
ATOM   464  C  CB  . GLU A 1 55 ? 5.479   6.630   -17.416 1.00 16.31 ? 188 GLU A CB  1 
ATOM   465  C  CG  . GLU A 1 55 ? 5.816   8.010   -16.784 1.00 17.07 ? 188 GLU A CG  1 
ATOM   466  C  CD  . GLU A 1 55 ? 6.657   8.880   -17.732 1.00 21.97 ? 188 GLU A CD  1 
ATOM   467  O  OE1 . GLU A 1 55 ? 6.931   8.465   -18.885 1.00 21.62 ? 188 GLU A OE1 1 
ATOM   468  O  OE2 . GLU A 1 55 ? 7.090   9.978   -17.309 1.00 20.34 ? 188 GLU A OE2 1 
ATOM   469  N  N   . LYS A 1 56 ? 6.629   4.424   -15.559 1.00 18.12 ? 189 LYS A N   1 
ATOM   470  C  CA  . LYS A 1 56 ? 7.649   4.286   -14.551 1.00 18.58 ? 189 LYS A CA  1 
ATOM   471  C  C   . LYS A 1 56 ? 8.334   5.594   -14.160 1.00 19.08 ? 189 LYS A C   1 
ATOM   472  O  O   . LYS A 1 56 ? 8.656   6.392   -15.003 1.00 16.88 ? 189 LYS A O   1 
ATOM   473  C  CB  . LYS A 1 56 ? 8.701   3.290   -15.010 1.00 22.12 ? 189 LYS A CB  1 
ATOM   474  C  CG  . LYS A 1 56 ? 8.254   1.858   -14.928 1.00 26.05 ? 189 LYS A CG  1 
ATOM   475  C  CD  . LYS A 1 56 ? 9.487   0.937   -15.046 1.00 32.19 ? 189 LYS A CD  1 
ATOM   476  C  CE  . LYS A 1 56 ? 9.126   -0.510  -14.810 1.00 37.61 ? 189 LYS A CE  1 
ATOM   477  N  NZ  . LYS A 1 56 ? 9.799   -1.080  -13.589 1.00 48.31 ? 189 LYS A NZ  1 
ATOM   478  N  N   . TYR A 1 57 ? 8.459   5.825   -12.862 1.00 18.49 ? 190 TYR A N   1 
ATOM   479  C  CA  . TYR A 1 57 ? 9.097   7.025   -12.348 1.00 18.98 ? 190 TYR A CA  1 
ATOM   480  C  C   . TYR A 1 57 ? 10.614  6.902   -12.502 1.00 20.96 ? 190 TYR A C   1 
ATOM   481  O  O   . TYR A 1 57 ? 11.286  6.053   -11.896 1.00 22.50 ? 190 TYR A O   1 
ATOM   482  C  CB  . TYR A 1 57 ? 8.688   7.309   -10.913 1.00 18.93 ? 190 TYR A CB  1 
ATOM   483  C  CG  . TYR A 1 57 ? 9.478   8.423   -10.310 1.00 19.68 ? 190 TYR A CG  1 
ATOM   484  C  CD1 . TYR A 1 57 ? 9.344   9.672   -10.759 1.00 20.36 ? 190 TYR A CD1 1 
ATOM   485  C  CD2 . TYR A 1 57 ? 10.452  8.179   -9.335  1.00 25.01 ? 190 TYR A CD2 1 
ATOM   486  C  CE1 . TYR A 1 57 ? 10.128  10.711  -10.279 1.00 23.79 ? 190 TYR A CE1 1 
ATOM   487  C  CE2 . TYR A 1 57 ? 11.213  9.199   -8.809  1.00 28.63 ? 190 TYR A CE2 1 
ATOM   488  C  CZ  . TYR A 1 57 ? 11.058  10.482  -9.296  1.00 31.04 ? 190 TYR A CZ  1 
ATOM   489  O  OH  . TYR A 1 57 ? 11.814  11.522  -8.754  1.00 36.64 ? 190 TYR A OH  1 
ATOM   490  N  N   . ARG A 1 58 ? 11.145  7.748   -13.365 1.00 17.91 ? 191 ARG A N   1 
ATOM   491  C  CA  . ARG A 1 58 ? 12.598  7.855   -13.522 1.00 20.40 ? 191 ARG A CA  1 
ATOM   492  C  C   . ARG A 1 58 ? 12.963  9.197   -14.170 1.00 22.07 ? 191 ARG A C   1 
ATOM   493  O  O   . ARG A 1 58 ? 14.152  9.589   -14.345 1.00 23.08 ? 191 ARG A O   1 
ATOM   494  C  CB  . ARG A 1 58 ? 13.128  6.689   -14.356 1.00 19.45 ? 191 ARG A CB  1 
ATOM   495  C  CG  . ARG A 1 58 ? 12.934  6.739   -15.890 1.00 18.60 ? 191 ARG A CG  1 
ATOM   496  C  CD  . ARG A 1 58 ? 11.457  6.560   -16.320 1.00 19.93 ? 191 ARG A CD  1 
ATOM   497  N  NE  . ARG A 1 58 ? 11.307  6.464   -17.784 1.00 20.47 ? 191 ARG A NE  1 
ATOM   498  C  CZ  . ARG A 1 58 ? 10.188  6.163   -18.456 1.00 20.97 ? 191 ARG A CZ  1 
ATOM   499  N  NH1 . ARG A 1 58 ? 9.038   5.908   -17.829 1.00 19.42 ? 191 ARG A NH1 1 
ATOM   500  N  NH2 . ARG A 1 58 ? 10.239  6.058   -19.781 1.00 18.97 ? 191 ARG A NH2 1 
ATOM   501  O  OXT . ARG A 1 58 ? 12.066  9.901   -14.647 1.00 21.63 ? 191 ARG A OXT 1 
ATOM   502  N  N   . ALA B 1 1  ? 9.087   10.272  15.624  1.00 30.60 ? 134 ALA B N   1 
ATOM   503  C  CA  . ALA B 1 1  ? 8.273   9.031   15.448  1.00 27.72 ? 134 ALA B CA  1 
ATOM   504  C  C   . ALA B 1 1  ? 9.145   7.789   15.106  1.00 26.67 ? 134 ALA B C   1 
ATOM   505  O  O   . ALA B 1 1  ? 10.292  7.939   14.663  1.00 25.84 ? 134 ALA B O   1 
ATOM   506  C  CB  . ALA B 1 1  ? 7.225   9.270   14.362  1.00 27.82 ? 134 ALA B CB  1 
ATOM   507  N  N   . GLU B 1 2  ? 8.566   6.603   15.285  1.00 20.77 ? 135 GLU B N   1 
ATOM   508  C  CA  . GLU B 1 2  ? 9.190   5.354   14.985  1.00 25.69 ? 135 GLU B CA  1 
ATOM   509  C  C   . GLU B 1 2  ? 8.432   4.699   13.812  1.00 20.83 ? 135 GLU B C   1 
ATOM   510  O  O   . GLU B 1 2  ? 7.286   4.448   13.890  1.00 19.66 ? 135 GLU B O   1 
ATOM   511  C  CB  . GLU B 1 2  ? 9.192   4.460   16.189  1.00 23.66 ? 135 GLU B CB  1 
ATOM   512  C  CG  . GLU B 1 2  ? 9.816   3.127   15.915  1.00 26.75 ? 135 GLU B CG  1 
ATOM   513  C  CD  . GLU B 1 2  ? 9.835   2.203   17.108  1.00 28.65 ? 135 GLU B CD  1 
ATOM   514  O  OE1 . GLU B 1 2  ? 9.434   2.648   18.176  1.00 26.44 ? 135 GLU B OE1 1 
ATOM   515  O  OE2 . GLU B 1 2  ? 10.255  1.042   16.912  1.00 28.51 ? 135 GLU B OE2 1 
ATOM   516  N  N   . TYR B 1 3  ? 9.134   4.477   12.736  1.00 20.44 ? 136 TYR B N   1 
ATOM   517  C  CA  . TYR B 1 3  ? 8.557   3.911   11.542  1.00 21.77 ? 136 TYR B CA  1 
ATOM   518  C  C   . TYR B 1 3  ? 9.312   2.657   11.136  1.00 20.22 ? 136 TYR B C   1 
ATOM   519  O  O   . TYR B 1 3  ? 10.513  2.527   11.337  1.00 18.27 ? 136 TYR B O   1 
ATOM   520  C  CB  . TYR B 1 3  ? 8.651   4.856   10.386  1.00 22.24 ? 136 TYR B CB  1 
ATOM   521  C  CG  . TYR B 1 3  ? 7.947   6.136   10.572  1.00 21.45 ? 136 TYR B CG  1 
ATOM   522  C  CD1 . TYR B 1 3  ? 6.625   6.271   10.231  1.00 23.52 ? 136 TYR B CD1 1 
ATOM   523  C  CD2 . TYR B 1 3  ? 8.626   7.240   11.036  1.00 22.86 ? 136 TYR B CD2 1 
ATOM   524  C  CE1 . TYR B 1 3  ? 5.986   7.491   10.408  1.00 23.77 ? 136 TYR B CE1 1 
ATOM   525  C  CE2 . TYR B 1 3  ? 7.998   8.440   11.214  1.00 23.51 ? 136 TYR B CE2 1 
ATOM   526  C  CZ  . TYR B 1 3  ? 6.678   8.555   10.887  1.00 24.72 ? 136 TYR B CZ  1 
ATOM   527  O  OH  . TYR B 1 3  ? 6.093   9.802   11.028  1.00 28.15 ? 136 TYR B OH  1 
ATOM   528  N  N   . VAL B 1 4  ? 8.568   1.769   10.507  1.00 17.75 ? 137 VAL B N   1 
ATOM   529  C  CA  . VAL B 1 4  ? 9.076   0.513   9.959   1.00 16.48 ? 137 VAL B CA  1 
ATOM   530  C  C   . VAL B 1 4  ? 8.547   0.373   8.519   1.00 17.85 ? 137 VAL B C   1 
ATOM   531  O  O   . VAL B 1 4  ? 7.593   1.024   8.144   1.00 17.18 ? 137 VAL B O   1 
ATOM   532  C  CB  . VAL B 1 4  ? 8.648   -0.746  10.735  1.00 17.93 ? 137 VAL B CB  1 
ATOM   533  C  CG1 . VAL B 1 4  ? 9.220   -0.733  12.152  1.00 16.98 ? 137 VAL B CG1 1 
ATOM   534  C  CG2 . VAL B 1 4  ? 7.150   -0.955  10.676  1.00 18.71 ? 137 VAL B CG2 1 
ATOM   535  N  N   . ARG B 1 5  ? 9.268   -0.376  7.702   1.00 17.92 ? 138 ARG B N   1 
ATOM   536  C  CA  . ARG B 1 5  ? 8.896   -0.610  6.306   1.00 16.91 ? 138 ARG B CA  1 
ATOM   537  C  C   . ARG B 1 5  ? 8.616   -2.090  6.188   1.00 16.24 ? 138 ARG B C   1 
ATOM   538  O  O   . ARG B 1 5  ? 9.433   -2.915  6.587   1.00 17.64 ? 138 ARG B O   1 
ATOM   539  C  CB  . ARG B 1 5  ? 10.004  -0.271  5.313   1.00 20.72 ? 138 ARG B CB  1 
ATOM   540  C  CG  . ARG B 1 5  ? 9.684   -0.734  3.882   1.00 25.71 ? 138 ARG B CG  1 
ATOM   541  C  CD  . ARG B 1 5  ? 10.342  0.058   2.785   1.00 32.44 ? 138 ARG B CD  1 
ATOM   542  N  NE  . ARG B 1 5  ? 11.541  0.742   3.223   1.00 40.31 ? 138 ARG B NE  1 
ATOM   543  C  CZ  . ARG B 1 5  ? 11.793  2.038   3.097   1.00 42.61 ? 138 ARG B CZ  1 
ATOM   544  N  NH1 . ARG B 1 5  ? 10.972  2.887   2.455   1.00 42.79 ? 138 ARG B NH1 1 
ATOM   545  N  NH2 . ARG B 1 5  ? 12.946  2.471   3.566   1.00 45.19 ? 138 ARG B NH2 1 
ATOM   546  N  N   . ALA B 1 6  ? 7.476   -2.405  5.605   1.00 14.06 ? 139 ALA B N   1 
ATOM   547  C  CA  . ALA B 1 6  ? 7.074   -3.798  5.359   1.00 13.88 ? 139 ALA B CA  1 
ATOM   548  C  C   . ALA B 1 6  ? 7.975   -4.474  4.327   1.00 15.70 ? 139 ALA B C   1 
ATOM   549  O  O   . ALA B 1 6  ? 8.224   -3.943  3.235   1.00 15.72 ? 139 ALA B O   1 
ATOM   550  C  CB  . ALA B 1 6  ? 5.617   -3.937  4.936   1.00 15.10 ? 139 ALA B CB  1 
ATOM   551  N  N   . LEU B 1 7  ? 8.495   -5.629  4.728   1.00 16.51 ? 140 LEU B N   1 
ATOM   552  C  CA  . LEU B 1 7  ? 9.294   -6.536  3.868   1.00 16.83 ? 140 LEU B CA  1 
ATOM   553  C  C   . LEU B 1 7  ? 8.482   -7.535  3.083   1.00 18.30 ? 140 LEU B C   1 
ATOM   554  O  O   . LEU B 1 7  ? 8.965   -8.058  2.132   1.00 17.37 ? 140 LEU B O   1 
ATOM   555  C  CB  . LEU B 1 7  ? 10.294  -7.273  4.732   1.00 18.37 ? 140 LEU B CB  1 
ATOM   556  C  CG  . LEU B 1 7  ? 11.304  -6.404  5.469   1.00 20.38 ? 140 LEU B CG  1 
ATOM   557  C  CD1 . LEU B 1 7  ? 11.998  -7.221  6.503   1.00 19.82 ? 140 LEU B CD1 1 
ATOM   558  C  CD2 . LEU B 1 7  ? 12.303  -5.833  4.457   1.00 22.61 ? 140 LEU B CD2 1 
ATOM   559  N  N   . PHE B 1 8  ? 7.227   -7.796  3.503   1.00 16.60 ? 141 PHE B N   1 
ATOM   560  C  CA  . PHE B 1 8  ? 6.405   -8.794  2.947   1.00 16.87 ? 141 PHE B CA  1 
ATOM   561  C  C   . PHE B 1 8  ? 4.970   -8.291  3.009   1.00 17.22 ? 141 PHE B C   1 
ATOM   562  O  O   . PHE B 1 8  ? 4.701   -7.347  3.740   1.00 16.93 ? 141 PHE B O   1 
ATOM   563  C  CB  . PHE B 1 8  ? 6.517   -10.074 3.741   1.00 17.22 ? 141 PHE B CB  1 
ATOM   564  C  CG  . PHE B 1 8  ? 7.938   -10.648 3.839   1.00 14.68 ? 141 PHE B CG  1 
ATOM   565  C  CD1 . PHE B 1 8  ? 8.557   -11.305 2.773   1.00 16.49 ? 141 PHE B CD1 1 
ATOM   566  C  CD2 . PHE B 1 8  ? 8.661   -10.492 4.975   1.00 17.10 ? 141 PHE B CD2 1 
ATOM   567  C  CE1 . PHE B 1 8  ? 9.860   -11.779 2.911   1.00 17.55 ? 141 PHE B CE1 1 
ATOM   568  C  CE2 . PHE B 1 8  ? 9.956   -10.967 5.066   1.00 17.16 ? 141 PHE B CE2 1 
ATOM   569  C  CZ  . PHE B 1 8  ? 10.511  -11.623 4.029   1.00 17.39 ? 141 PHE B CZ  1 
ATOM   570  N  N   . ASP B 1 9  ? 4.065   -8.979  2.301   1.00 15.78 ? 142 ASP B N   1 
ATOM   571  C  CA  . ASP B 1 9  ? 2.623   -8.725  2.411   1.00 16.07 ? 142 ASP B CA  1 
ATOM   572  C  C   . ASP B 1 9  ? 2.108   -9.381  3.708   1.00 15.68 ? 142 ASP B C   1 
ATOM   573  O  O   . ASP B 1 9  ? 2.674   -10.413 4.147   1.00 15.34 ? 142 ASP B O   1 
ATOM   574  C  CB  . ASP B 1 9  ? 1.834   -9.310  1.234   1.00 16.07 ? 142 ASP B CB  1 
ATOM   575  C  CG  . ASP B 1 9  ? 2.112   -8.673  -0.076  1.00 19.64 ? 142 ASP B CG  1 
ATOM   576  O  OD1 . ASP B 1 9  ? 2.698   -7.590  -0.170  1.00 18.85 ? 142 ASP B OD1 1 
ATOM   577  O  OD2 . ASP B 1 9  ? 1.778   -9.340  -1.081  1.00 18.52 ? 142 ASP B OD2 1 
ATOM   578  N  N   . PHE B 1 10 ? 1.062   -8.811  4.338   1.00 16.30 ? 143 PHE B N   1 
ATOM   579  C  CA  . PHE B 1 10 ? 0.449   -9.425  5.505   1.00 15.50 ? 143 PHE B CA  1 
ATOM   580  C  C   . PHE B 1 10 ? -1.026  -9.248  5.288   1.00 17.14 ? 143 PHE B C   1 
ATOM   581  O  O   . PHE B 1 10 ? -1.508  -8.105  5.149   1.00 14.75 ? 143 PHE B O   1 
ATOM   582  C  CB  . PHE B 1 10 ? 0.865   -8.684  6.786   1.00 14.40 ? 143 PHE B CB  1 
ATOM   583  C  CG  . PHE B 1 10 ? 0.113   -9.124  8.018   1.00 14.88 ? 143 PHE B CG  1 
ATOM   584  C  CD1 . PHE B 1 10 ? -0.086  -10.425 8.329   1.00 16.37 ? 143 PHE B CD1 1 
ATOM   585  C  CD2 . PHE B 1 10 ? -0.458  -8.133  8.873   1.00 15.87 ? 143 PHE B CD2 1 
ATOM   586  C  CE1 . PHE B 1 10 ? -0.785  -10.790 9.463   1.00 16.27 ? 143 PHE B CE1 1 
ATOM   587  C  CE2 . PHE B 1 10 ? -1.127  -8.515  10.027  1.00 17.43 ? 143 PHE B CE2 1 
ATOM   588  C  CZ  . PHE B 1 10 ? -1.305  -9.842  10.316  1.00 16.57 ? 143 PHE B CZ  1 
ATOM   589  N  N   . ASN B 1 11 ? -1.715  -10.375 5.189   1.00 15.38 ? 144 ASN B N   1 
ATOM   590  C  CA  . ASN B 1 11 ? -3.158  -10.359 4.940   1.00 16.19 ? 144 ASN B CA  1 
ATOM   591  C  C   . ASN B 1 11 ? -3.952  -9.645  6.020   1.00 16.95 ? 144 ASN B C   1 
ATOM   592  O  O   . ASN B 1 11 ? -5.020  -9.013  5.746   1.00 17.07 ? 144 ASN B O   1 
ATOM   593  C  CB  . ASN B 1 11 ? -3.676  -11.780 4.662   1.00 16.58 ? 144 ASN B CB  1 
ATOM   594  C  CG  . ASN B 1 11 ? -3.704  -12.650 5.860   1.00 21.30 ? 144 ASN B CG  1 
ATOM   595  O  OD1 . ASN B 1 11 ? -4.641  -12.595 6.653   1.00 23.16 ? 144 ASN B OD1 1 
ATOM   596  N  ND2 . ASN B 1 11 ? -2.716  -13.553 5.974   1.00 23.96 ? 144 ASN B ND2 1 
ATOM   597  N  N   . GLY B 1 12 ? -3.531  -9.735  7.269   1.00 15.45 ? 145 GLY B N   1 
ATOM   598  C  CA  . GLY B 1 12 ? -4.211  -8.976  8.358   1.00 16.68 ? 145 GLY B CA  1 
ATOM   599  C  C   . GLY B 1 12 ? -5.685  -9.284  8.528   1.00 18.96 ? 145 GLY B C   1 
ATOM   600  O  O   . GLY B 1 12 ? -6.497  -8.447  8.862   1.00 20.53 ? 145 GLY B O   1 
ATOM   601  N  N   . ASN B 1 13 ? -6.067  -10.497 8.243   1.00 19.99 ? 146 ASN B N   1 
ATOM   602  C  CA  . ASN B 1 13 ? -7.493  -10.782 8.216   1.00 21.87 ? 146 ASN B CA  1 
ATOM   603  C  C   . ASN B 1 13 ? -8.188  -10.766 9.570   1.00 22.72 ? 146 ASN B C   1 
ATOM   604  O  O   . ASN B 1 13 ? -9.375  -10.496 9.627   1.00 22.20 ? 146 ASN B O   1 
ATOM   605  C  CB  . ASN B 1 13 ? -7.728  -12.042 7.356   1.00 25.61 ? 146 ASN B CB  1 
ATOM   606  C  CG  . ASN B 1 13 ? -7.560  -11.745 5.846   1.00 26.80 ? 146 ASN B CG  1 
ATOM   607  O  OD1 . ASN B 1 13 ? -7.672  -10.587 5.398   1.00 28.85 ? 146 ASN B OD1 1 
ATOM   608  N  ND2 . ASN B 1 13 ? -7.285  -12.764 5.070   1.00 26.91 ? 146 ASN B ND2 1 
ATOM   609  N  N   . ASP B 1 14 ? -7.470  -10.876 10.671  1.00 20.87 ? 147 ASP B N   1 
ATOM   610  C  CA  . ASP B 1 14 ? -8.065  -10.736 12.028  1.00 22.49 ? 147 ASP B CA  1 
ATOM   611  C  C   . ASP B 1 14 ? -8.411  -9.291  12.156  1.00 22.15 ? 147 ASP B C   1 
ATOM   612  O  O   . ASP B 1 14 ? -7.602  -8.433  11.774  1.00 18.55 ? 147 ASP B O   1 
ATOM   613  C  CB  . ASP B 1 14 ? -7.031  -11.221 13.081  1.00 22.14 ? 147 ASP B CB  1 
ATOM   614  C  CG  . ASP B 1 14 ? -7.434  -10.987 14.542  1.00 28.49 ? 147 ASP B CG  1 
ATOM   615  O  OD1 . ASP B 1 14 ? -8.204  -10.034 14.907  1.00 28.77 ? 147 ASP B OD1 1 
ATOM   616  O  OD2 . ASP B 1 14 ? -6.848  -11.719 15.390  1.00 29.56 ? 147 ASP B OD2 1 
ATOM   617  N  N   A GLU B 1 15 ? -9.616  -8.942  12.640  0.50 21.98 ? 148 GLU B N   1 
ATOM   618  N  N   B GLU B 1 15 ? -9.579  -9.016  12.707  0.50 21.49 ? 148 GLU B N   1 
ATOM   619  C  CA  A GLU B 1 15 ? -10.028 -7.501  12.699  0.50 23.69 ? 148 GLU B CA  1 
ATOM   620  C  CA  B GLU B 1 15 ? -10.086 -7.665  12.847  0.50 23.01 ? 148 GLU B CA  1 
ATOM   621  C  C   A GLU B 1 15 ? -9.094  -6.662  13.571  0.50 23.61 ? 148 GLU B C   1 
ATOM   622  C  C   B GLU B 1 15 ? -9.136  -6.727  13.575  0.50 23.25 ? 148 GLU B C   1 
ATOM   623  O  O   A GLU B 1 15 ? -8.952  -5.458  13.327  0.50 23.95 ? 148 GLU B O   1 
ATOM   624  O  O   B GLU B 1 15 ? -9.022  -5.550  13.226  0.50 24.67 ? 148 GLU B O   1 
ATOM   625  C  CB  A GLU B 1 15 ? -11.504 -7.264  13.106  0.50 25.83 ? 148 GLU B CB  1 
ATOM   626  C  CB  B GLU B 1 15 ? -11.398 -7.778  13.582  0.50 23.54 ? 148 GLU B CB  1 
ATOM   627  C  CG  A GLU B 1 15 ? -12.571 -7.340  11.985  0.50 25.28 ? 148 GLU B CG  1 
ATOM   628  C  CG  B GLU B 1 15 ? -12.220 -8.945  13.065  0.50 23.84 ? 148 GLU B CG  1 
ATOM   629  C  CD  A GLU B 1 15 ? -12.420 -6.335  10.821  0.50 25.64 ? 148 GLU B CD  1 
ATOM   630  C  CD  B GLU B 1 15 ? -11.698 -10.291 13.552  0.50 22.84 ? 148 GLU B CD  1 
ATOM   631  O  OE1 A GLU B 1 15 ? -12.090 -6.743  9.692   0.50 22.19 ? 148 GLU B OE1 1 
ATOM   632  O  OE1 B GLU B 1 15 ? -11.667 -10.600 14.763  0.50 34.90 ? 148 GLU B OE1 1 
ATOM   633  O  OE2 A GLU B 1 15 ? -12.682 -5.122  10.983  0.50 29.17 ? 148 GLU B OE2 1 
ATOM   634  O  OE2 B GLU B 1 15 ? -11.336 -11.089 12.730  0.50 23.45 ? 148 GLU B OE2 1 
ATOM   635  N  N   . GLU B 1 16 ? -8.371  -7.279  14.493  1.00 20.44 ? 149 GLU B N   1 
ATOM   636  C  CA  . GLU B 1 16 ? -7.471  -6.505  15.344  1.00 23.56 ? 149 GLU B CA  1 
ATOM   637  C  C   . GLU B 1 16 ? -6.123  -6.212  14.678  1.00 17.59 ? 149 GLU B C   1 
ATOM   638  O  O   . GLU B 1 16 ? -5.364  -5.490  15.214  1.00 17.65 ? 149 GLU B O   1 
ATOM   639  C  CB  . GLU B 1 16 ? -7.180  -7.260  16.678  1.00 31.70 ? 149 GLU B CB  1 
ATOM   640  C  CG  . GLU B 1 16 ? -6.261  -8.461  16.416  1.00 41.99 ? 149 GLU B CG  1 
ATOM   641  C  CD  . GLU B 1 16 ? -5.392  -9.070  17.579  1.00 49.87 ? 149 GLU B CD  1 
ATOM   642  O  OE1 . GLU B 1 16 ? -4.161  -9.438  17.341  1.00 72.72 ? 149 GLU B OE1 1 
ATOM   643  O  OE2 . GLU B 1 16 ? -5.964  -9.225  18.703  1.00 46.54 ? 149 GLU B OE2 1 
ATOM   644  N  N   . ASP B 1 17 ? -5.868  -6.820  13.528  1.00 17.05 ? 150 ASP B N   1 
ATOM   645  C  CA  . ASP B 1 17 ? -4.551  -6.739  12.837  1.00 16.42 ? 150 ASP B CA  1 
ATOM   646  C  C   . ASP B 1 17 ? -4.606  -5.763  11.689  1.00 16.07 ? 150 ASP B C   1 
ATOM   647  O  O   . ASP B 1 17 ? -5.662  -5.580  11.092  1.00 17.54 ? 150 ASP B O   1 
ATOM   648  C  CB  . ASP B 1 17 ? -4.133  -8.155  12.414  1.00 17.60 ? 150 ASP B CB  1 
ATOM   649  C  CG  . ASP B 1 17 ? -3.869  -9.053  13.605  1.00 19.04 ? 150 ASP B CG  1 
ATOM   650  O  OD1 . ASP B 1 17 ? -3.827  -8.560  14.753  1.00 16.23 ? 150 ASP B OD1 1 
ATOM   651  O  OD2 . ASP B 1 17 ? -3.770  -10.262 13.418  1.00 17.75 ? 150 ASP B OD2 1 
ATOM   652  N  N   . LEU B 1 18 ? -3.492  -5.092  11.434  1.00 15.08 ? 151 LEU B N   1 
ATOM   653  C  CA  . LEU B 1 18 ? -3.372  -4.113  10.371  1.00 14.25 ? 151 LEU B CA  1 
ATOM   654  C  C   . LEU B 1 18 ? -2.806  -4.770  9.097   1.00 15.09 ? 151 LEU B C   1 
ATOM   655  O  O   . LEU B 1 18 ? -1.630  -5.127  9.045   1.00 14.72 ? 151 LEU B O   1 
ATOM   656  C  CB  . LEU B 1 18 ? -2.418  -2.999  10.806  1.00 14.54 ? 151 LEU B CB  1 
ATOM   657  C  CG  . LEU B 1 18 ? -2.219  -1.931  9.744   1.00 14.44 ? 151 LEU B CG  1 
ATOM   658  C  CD1 . LEU B 1 18 ? -3.486  -1.138  9.419   1.00 15.76 ? 151 LEU B CD1 1 
ATOM   659  C  CD2 . LEU B 1 18 ? -1.160  -0.968  10.264  1.00 15.18 ? 151 LEU B CD2 1 
ATOM   660  N  N   . PRO B 1 19 ? -3.620  -4.887  8.031   1.00 15.82 ? 152 PRO B N   1 
ATOM   661  C  CA  . PRO B 1 19 ? -3.043  -5.472  6.807   1.00 14.83 ? 152 PRO B CA  1 
ATOM   662  C  C   . PRO B 1 19 ? -2.027  -4.544  6.176   1.00 15.29 ? 152 PRO B C   1 
ATOM   663  O  O   . PRO B 1 19 ? -2.138  -3.296  6.320   1.00 16.58 ? 152 PRO B O   1 
ATOM   664  C  CB  . PRO B 1 19 ? -4.275  -5.595  5.879   1.00 15.24 ? 152 PRO B CB  1 
ATOM   665  C  CG  . PRO B 1 19 ? -5.453  -5.430  6.747   1.00 15.66 ? 152 PRO B CG  1 
ATOM   666  C  CD  . PRO B 1 19 ? -5.027  -4.497  7.812   1.00 15.42 ? 152 PRO B CD  1 
ATOM   667  N  N   . PHE B 1 20 ? -1.090  -5.108  5.420   1.00 15.57 ? 153 PHE B N   1 
ATOM   668  C  CA  . PHE B 1 20 ? -0.165  -4.274  4.630   1.00 14.99 ? 153 PHE B CA  1 
ATOM   669  C  C   . PHE B 1 20 ? 0.434   -5.011  3.483   1.00 14.96 ? 153 PHE B C   1 
ATOM   670  O  O   . PHE B 1 20 ? 0.325   -6.238  3.401   1.00 14.53 ? 153 PHE B O   1 
ATOM   671  C  CB  . PHE B 1 20 ? 0.934   -3.693  5.560   1.00 15.04 ? 153 PHE B CB  1 
ATOM   672  C  CG  . PHE B 1 20 ? 1.690   -4.688  6.350   1.00 16.67 ? 153 PHE B CG  1 
ATOM   673  C  CD1 . PHE B 1 20 ? 2.766   -5.404  5.814   1.00 15.48 ? 153 PHE B CD1 1 
ATOM   674  C  CD2 . PHE B 1 20 ? 1.425   -4.847  7.730   1.00 16.09 ? 153 PHE B CD2 1 
ATOM   675  C  CE1 . PHE B 1 20 ? 3.527   -6.221  6.623   1.00 15.31 ? 153 PHE B CE1 1 
ATOM   676  C  CE2 . PHE B 1 20 ? 2.189   -5.680  8.500   1.00 17.20 ? 153 PHE B CE2 1 
ATOM   677  C  CZ  . PHE B 1 20 ? 3.238   -6.387  7.941   1.00 15.29 ? 153 PHE B CZ  1 
ATOM   678  N  N   . LYS B 1 21 ? 1.073   -4.285  2.586   1.00 15.65 ? 154 LYS B N   1 
ATOM   679  C  CA  . LYS B 1 21 ? 1.800   -4.877  1.476   1.00 16.11 ? 154 LYS B CA  1 
ATOM   680  C  C   . LYS B 1 21 ? 3.280   -4.485  1.567   1.00 17.33 ? 154 LYS B C   1 
ATOM   681  O  O   . LYS B 1 21 ? 3.611   -3.434  2.134   1.00 13.95 ? 154 LYS B O   1 
ATOM   682  C  CB  . LYS B 1 21 ? 1.228   -4.334  0.166   1.00 16.47 ? 154 LYS B CB  1 
ATOM   683  C  CG  . LYS B 1 21 ? -0.237  -4.620  -0.045  1.00 18.94 ? 154 LYS B CG  1 
ATOM   684  C  CD  . LYS B 1 21 ? -0.511  -6.065  -0.303  1.00 22.48 ? 154 LYS B CD  1 
ATOM   685  C  CE  . LYS B 1 21 ? -2.026  -6.225  -0.508  1.00 24.87 ? 154 LYS B CE  1 
ATOM   686  N  NZ  . LYS B 1 21 ? -2.444  -7.649  -0.346  1.00 27.46 ? 154 LYS B NZ  1 
ATOM   687  N  N   . LYS B 1 22 ? 4.131   -5.279  0.983   1.00 16.42 ? 155 LYS B N   1 
ATOM   688  C  CA  . LYS B 1 22 ? 5.560   -4.990  0.936   1.00 18.04 ? 155 LYS B CA  1 
ATOM   689  C  C   . LYS B 1 22 ? 5.771   -3.606  0.478   1.00 16.55 ? 155 LYS B C   1 
ATOM   690  O  O   . LYS B 1 22 ? 5.159   -3.154  -0.564  1.00 17.13 ? 155 LYS B O   1 
ATOM   691  C  CB  . LYS B 1 22 ? 6.278   -5.877  -0.071  1.00 18.00 ? 155 LYS B CB  1 
ATOM   692  C  CG  . LYS B 1 22 ? 7.773   -5.647  -0.233  1.00 20.80 ? 155 LYS B CG  1 
ATOM   693  C  CD  . LYS B 1 22 ? 8.353   -6.758  -1.072  1.00 22.04 ? 155 LYS B CD  1 
ATOM   694  C  CE  . LYS B 1 22 ? 9.815   -6.527  -1.358  1.00 31.57 ? 155 LYS B CE  1 
ATOM   695  N  NZ  . LYS B 1 22 ? 9.932   -5.685  -2.584  1.00 36.96 ? 155 LYS B NZ  1 
ATOM   696  N  N   . GLY B 1 23 ? 6.670   -2.908  1.185   1.00 17.77 ? 156 GLY B N   1 
ATOM   697  C  CA  . GLY B 1 23 ? 6.946   -1.497  0.929   1.00 17.52 ? 156 GLY B CA  1 
ATOM   698  C  C   . GLY B 1 23 ? 6.239   -0.416  1.742   1.00 17.03 ? 156 GLY B C   1 
ATOM   699  O  O   . GLY B 1 23 ? 6.662   0.716   1.727   1.00 17.06 ? 156 GLY B O   1 
ATOM   700  N  N   . ASP B 1 24 ? 5.127   -0.759  2.364   1.00 15.12 ? 157 ASP B N   1 
ATOM   701  C  CA  . ASP B 1 24 ? 4.357   0.173   3.212   1.00 14.45 ? 157 ASP B CA  1 
ATOM   702  C  C   . ASP B 1 24 ? 5.226   0.616   4.360   1.00 15.60 ? 157 ASP B C   1 
ATOM   703  O  O   . ASP B 1 24 ? 5.879   -0.169  5.060   1.00 15.31 ? 157 ASP B O   1 
ATOM   704  C  CB  . ASP B 1 24 ? 3.070   -0.526  3.781   1.00 16.00 ? 157 ASP B CB  1 
ATOM   705  C  CG  . ASP B 1 24 ? 1.976   -0.787  2.758   1.00 16.28 ? 157 ASP B CG  1 
ATOM   706  O  OD1 . ASP B 1 24 ? 2.019   -0.305  1.585   1.00 15.02 ? 157 ASP B OD1 1 
ATOM   707  O  OD2 . ASP B 1 24 ? 0.927   -1.447  3.133   1.00 14.85 ? 157 ASP B OD2 1 
ATOM   708  N  N   . ILE B 1 25 ? 5.189   1.903   4.630   1.00 16.73 ? 158 ILE B N   1 
ATOM   709  C  CA  . ILE B 1 25 ? 5.786   2.496   5.842   1.00 16.46 ? 158 ILE B CA  1 
ATOM   710  C  C   . ILE B 1 25 ? 4.667   2.585   6.932   1.00 15.97 ? 158 ILE B C   1 
ATOM   711  O  O   . ILE B 1 25 ? 3.591   3.099   6.683   1.00 14.71 ? 158 ILE B O   1 
ATOM   712  C  CB  . ILE B 1 25 ? 6.313   3.909   5.500   1.00 18.75 ? 158 ILE B CB  1 
ATOM   713  C  CG1 . ILE B 1 25 ? 7.300   3.793   4.313   1.00 21.19 ? 158 ILE B CG1 1 
ATOM   714  C  CG2 . ILE B 1 25 ? 6.916   4.573   6.729   1.00 20.12 ? 158 ILE B CG2 1 
ATOM   715  C  CD1 . ILE B 1 25 ? 8.446   2.894   4.643   1.00 25.52 ? 158 ILE B CD1 1 
ATOM   716  N  N   . LEU B 1 26 ? 4.958   2.043   8.107   1.00 15.58 ? 159 LEU B N   1 
ATOM   717  C  CA  . LEU B 1 26 ? 4.026   1.985   9.224   1.00 16.74 ? 159 LEU B CA  1 
ATOM   718  C  C   . LEU B 1 26 ? 4.622   2.644   10.463  1.00 15.92 ? 159 LEU B C   1 
ATOM   719  O  O   . LEU B 1 26 ? 5.811   2.521   10.763  1.00 15.56 ? 159 LEU B O   1 
ATOM   720  C  CB  . LEU B 1 26 ? 3.654   0.544   9.545   1.00 15.87 ? 159 LEU B CB  1 
ATOM   721  C  CG  . LEU B 1 26 ? 3.191   -0.344  8.374   1.00 16.62 ? 159 LEU B CG  1 
ATOM   722  C  CD1 . LEU B 1 26 ? 3.077   -1.788  8.782   1.00 19.32 ? 159 LEU B CD1 1 
ATOM   723  C  CD2 . LEU B 1 26 ? 1.850   0.069   7.845   1.00 17.16 ? 159 LEU B CD2 1 
ATOM   724  N  N   . ARG B 1 27 ? 3.819   3.440   11.132  1.00 15.76 ? 160 ARG B N   1 
ATOM   725  C  CA  . ARG B 1 27 ? 4.278   4.101   12.344  1.00 14.92 ? 160 ARG B CA  1 
ATOM   726  C  C   . ARG B 1 27 ? 4.010   3.223   13.547  1.00 15.26 ? 160 ARG B C   1 
ATOM   727  O  O   . ARG B 1 27 ? 2.907   2.710   13.697  1.00 16.80 ? 160 ARG B O   1 
ATOM   728  C  CB  . ARG B 1 27 ? 3.646   5.500   12.536  1.00 15.38 ? 160 ARG B CB  1 
ATOM   729  C  CG  . ARG B 1 27 ? 4.264   6.258   13.701  1.00 16.63 ? 160 ARG B CG  1 
ATOM   730  C  CD  . ARG B 1 27 ? 3.774   7.694   13.805  1.00 18.20 ? 160 ARG B CD  1 
ATOM   731  N  NE  . ARG B 1 27 ? 2.359   7.768   14.158  1.00 18.68 ? 160 ARG B NE  1 
ATOM   732  C  CZ  . ARG B 1 27 ? 1.866   7.515   15.363  1.00 19.38 ? 160 ARG B CZ  1 
ATOM   733  N  NH1 . ARG B 1 27 ? 2.681   7.192   16.390  1.00 19.01 ? 160 ARG B NH1 1 
ATOM   734  N  NH2 . ARG B 1 27 ? 0.566   7.618   15.564  1.00 18.88 ? 160 ARG B NH2 1 
ATOM   735  N  N   . ILE B 1 28 ? 5.000   3.078   14.439  1.00 14.98 ? 161 ILE B N   1 
ATOM   736  C  CA  . ILE B 1 28 ? 4.798   2.185   15.592  1.00 15.98 ? 161 ILE B CA  1 
ATOM   737  C  C   . ILE B 1 28 ? 4.165   2.988   16.731  1.00 15.11 ? 161 ILE B C   1 
ATOM   738  O  O   . ILE B 1 28 ? 4.696   4.020   17.123  1.00 17.03 ? 161 ILE B O   1 
ATOM   739  C  CB  . ILE B 1 28 ? 6.119   1.493   16.022  1.00 14.77 ? 161 ILE B CB  1 
ATOM   740  C  CG1 . ILE B 1 28 ? 6.726   0.723   14.833  1.00 15.08 ? 161 ILE B CG1 1 
ATOM   741  C  CG2 . ILE B 1 28 ? 5.865   0.595   17.234  1.00 15.61 ? 161 ILE B CG2 1 
ATOM   742  C  CD1 . ILE B 1 28 ? 5.801   -0.299  14.174  1.00 15.17 ? 161 ILE B CD1 1 
ATOM   743  N  N   . ARG B 1 29 ? 3.068   2.473   17.272  1.00 15.76 ? 162 ARG B N   1 
ATOM   744  C  CA  . ARG B 1 29 ? 2.362   3.133   18.392  1.00 15.05 ? 162 ARG B CA  1 
ATOM   745  C  C   . ARG B 1 29 ? 2.671   2.546   19.750  1.00 15.56 ? 162 ARG B C   1 
ATOM   746  O  O   . ARG B 1 29 ? 2.778   3.241   20.749  1.00 14.94 ? 162 ARG B O   1 
ATOM   747  C  CB  . ARG B 1 29 ? 0.852   3.088   18.150  1.00 15.02 ? 162 ARG B CB  1 
ATOM   748  C  CG  . ARG B 1 29 ? 0.436   3.702   16.845  1.00 15.15 ? 162 ARG B CG  1 
ATOM   749  C  CD  . ARG B 1 29 ? -1.069  3.937   16.727  1.00 14.27 ? 162 ARG B CD  1 
ATOM   750  N  NE  . ARG B 1 29 ? -1.671  4.622   17.844  1.00 15.02 ? 162 ARG B NE  1 
ATOM   751  C  CZ  . ARG B 1 29 ? -2.318  4.022   18.839  1.00 17.49 ? 162 ARG B CZ  1 
ATOM   752  N  NH1 . ARG B 1 29 ? -2.534  2.696   18.856  1.00 16.69 ? 162 ARG B NH1 1 
ATOM   753  N  NH2 . ARG B 1 29 ? -2.805  4.745   19.822  1.00 18.61 ? 162 ARG B NH2 1 
ATOM   754  N  N   . ASP B 1 30 ? 2.808   1.268   19.797  1.00 15.60 ? 163 ASP B N   1 
ATOM   755  C  CA  . ASP B 1 30 ? 3.001   0.532   21.067  1.00 18.06 ? 163 ASP B CA  1 
ATOM   756  C  C   . ASP B 1 30 ? 3.634   -0.840  20.780  1.00 16.99 ? 163 ASP B C   1 
ATOM   757  O  O   . ASP B 1 30 ? 3.421   -1.439  19.719  1.00 18.40 ? 163 ASP B O   1 
ATOM   758  C  CB  . ASP B 1 30 ? 1.651   0.417   21.775  1.00 19.62 ? 163 ASP B CB  1 
ATOM   759  C  CG  . ASP B 1 30 ? 1.767   0.158   23.253  1.00 24.57 ? 163 ASP B CG  1 
ATOM   760  O  OD1 . ASP B 1 30 ? 2.776   0.592   23.853  1.00 29.83 ? 163 ASP B OD1 1 
ATOM   761  O  OD2 . ASP B 1 30 ? 0.864   -0.509  23.807  1.00 23.31 ? 163 ASP B OD2 1 
ATOM   762  N  N   . LYS B 1 31 ? 4.336   -1.350  21.786  1.00 16.60 ? 164 LYS B N   1 
ATOM   763  C  CA  . LYS B 1 31 ? 5.078   -2.598  21.709  1.00 16.03 ? 164 LYS B CA  1 
ATOM   764  C  C   . LYS B 1 31 ? 4.605   -3.457  22.884  1.00 17.03 ? 164 LYS B C   1 
ATOM   765  O  O   . LYS B 1 31 ? 5.326   -3.622  23.897  1.00 18.20 ? 164 LYS B O   1 
ATOM   766  C  CB  . LYS B 1 31 ? 6.583   -2.338  21.738  1.00 16.69 ? 164 LYS B CB  1 
ATOM   767  C  CG  . LYS B 1 31 ? 7.034   -1.543  20.540  1.00 16.84 ? 164 LYS B CG  1 
ATOM   768  C  CD  . LYS B 1 31 ? 8.567   -1.379  20.536  1.00 16.82 ? 164 LYS B CD  1 
ATOM   769  C  CE  . LYS B 1 31 ? 9.058   -0.651  19.318  1.00 16.44 ? 164 LYS B CE  1 
ATOM   770  N  NZ  . LYS B 1 31 ? 10.535  -0.520  19.251  1.00 17.90 ? 164 LYS B NZ  1 
ATOM   771  N  N   . PRO B 1 32 ? 3.398   -4.014  22.787  1.00 17.72 ? 165 PRO B N   1 
ATOM   772  C  CA  . PRO B 1 32 ? 2.896   -4.781  23.963  1.00 18.84 ? 165 PRO B CA  1 
ATOM   773  C  C   . PRO B 1 32 ? 3.477   -6.180  24.149  1.00 20.72 ? 165 PRO B C   1 
ATOM   774  O  O   . PRO B 1 32 ? 3.249   -6.820  25.193  1.00 20.98 ? 165 PRO B O   1 
ATOM   775  C  CB  . PRO B 1 32 ? 1.417   -4.910  23.680  1.00 17.89 ? 165 PRO B CB  1 
ATOM   776  C  CG  . PRO B 1 32 ? 1.338   -4.760  22.211  1.00 19.98 ? 165 PRO B CG  1 
ATOM   777  C  CD  . PRO B 1 32 ? 2.304   -3.773  21.812  1.00 19.78 ? 165 PRO B CD  1 
ATOM   778  N  N   . GLU B 1 33 ? 4.169   -6.674  23.132  1.00 19.06 ? 166 GLU B N   1 
ATOM   779  C  CA  . GLU B 1 33 ? 4.906   -7.926  23.225  1.00 19.47 ? 166 GLU B CA  1 
ATOM   780  C  C   . GLU B 1 33 ? 6.001   -7.949  22.197  1.00 17.92 ? 166 GLU B C   1 
ATOM   781  O  O   . GLU B 1 33 ? 6.131   -7.037  21.386  1.00 16.54 ? 166 GLU B O   1 
ATOM   782  C  CB  . GLU B 1 33 ? 3.984   -9.147  23.067  1.00 21.85 ? 166 GLU B CB  1 
ATOM   783  C  CG  . GLU B 1 33 ? 3.310   -9.232  21.715  1.00 23.18 ? 166 GLU B CG  1 
ATOM   784  C  CD  . GLU B 1 33 ? 2.219   -10.271 21.665  1.00 25.06 ? 166 GLU B CD  1 
ATOM   785  O  OE1 . GLU B 1 33 ? 1.059   -9.913  21.981  1.00 29.22 ? 166 GLU B OE1 1 
ATOM   786  O  OE2 . GLU B 1 33 ? 2.526   -11.402 21.276  1.00 24.40 ? 166 GLU B OE2 1 
ATOM   787  N  N   . GLU B 1 34 ? 6.868   -8.951  22.303  1.00 16.39 ? 167 GLU B N   1 
ATOM   788  C  CA  . GLU B 1 34 ? 8.079   -8.949  21.456  1.00 17.30 ? 167 GLU B CA  1 
ATOM   789  C  C   . GLU B 1 34 ? 7.793   -8.894  19.963  1.00 17.25 ? 167 GLU B C   1 
ATOM   790  O  O   . GLU B 1 34 ? 8.463   -8.187  19.239  1.00 16.06 ? 167 GLU B O   1 
ATOM   791  C  CB  . GLU B 1 34 ? 8.903   -10.196 21.748  1.00 17.80 ? 167 GLU B CB  1 
ATOM   792  C  CG  . GLU B 1 34 ? 10.394  -10.023 21.650  1.00 16.93 ? 167 GLU B CG  1 
ATOM   793  C  CD  . GLU B 1 34 ? 10.881  -9.192  22.795  1.00 17.92 ? 167 GLU B CD  1 
ATOM   794  O  OE1 . GLU B 1 34 ? 10.902  -9.709  23.955  1.00 17.60 ? 167 GLU B OE1 1 
ATOM   795  O  OE2 . GLU B 1 34 ? 11.147  -7.980  22.595  1.00 19.18 ? 167 GLU B OE2 1 
ATOM   796  N  N   . GLN B 1 35 ? 6.824   -9.716  19.482  1.00 14.51 ? 168 GLN B N   1 
ATOM   797  C  CA  . GLN B 1 35 ? 6.673   -9.925  18.019  1.00 15.24 ? 168 GLN B CA  1 
ATOM   798  C  C   . GLN B 1 35 ? 5.387   -9.379  17.335  1.00 15.07 ? 168 GLN B C   1 
ATOM   799  O  O   . GLN B 1 35 ? 5.244   -9.545  16.101  1.00 13.82 ? 168 GLN B O   1 
ATOM   800  C  CB  . GLN B 1 35 ? 6.880   -11.426 17.652  1.00 16.43 ? 168 GLN B CB  1 
ATOM   801  C  CG  . GLN B 1 35 ? 8.288   -11.946 17.991  1.00 17.37 ? 168 GLN B CG  1 
ATOM   802  C  CD  . GLN B 1 35 ? 9.420   -11.308 17.189  1.00 18.26 ? 168 GLN B CD  1 
ATOM   803  O  OE1 . GLN B 1 35 ? 9.201   -10.657 16.181  1.00 19.46 ? 168 GLN B OE1 1 
ATOM   804  N  NE2 . GLN B 1 35 ? 10.622  -11.473 17.653  1.00 22.14 ? 168 GLN B NE2 1 
ATOM   805  N  N   . TRP B 1 36 ? 4.534   -8.734  18.153  1.00 14.23 ? 169 TRP B N   1 
ATOM   806  C  CA  . TRP B 1 36 ? 3.308   -8.073  17.738  1.00 15.09 ? 169 TRP B CA  1 
ATOM   807  C  C   . TRP B 1 36 ? 3.293   -6.674  18.294  1.00 14.74 ? 169 TRP B C   1 
ATOM   808  O  O   . TRP B 1 36 ? 3.338   -6.502  19.495  1.00 15.31 ? 169 TRP B O   1 
ATOM   809  C  CB  . TRP B 1 36 ? 2.090   -8.845  18.163  1.00 16.62 ? 169 TRP B CB  1 
ATOM   810  C  CG  . TRP B 1 36 ? 1.904   -10.135 17.330  1.00 16.76 ? 169 TRP B CG  1 
ATOM   811  C  CD1 . TRP B 1 36 ? 2.312   -11.382 17.669  1.00 17.08 ? 169 TRP B CD1 1 
ATOM   812  C  CD2 . TRP B 1 36 ? 1.260   -10.267 16.079  1.00 16.91 ? 169 TRP B CD2 1 
ATOM   813  N  NE1 . TRP B 1 36 ? 2.028   -12.255 16.696  1.00 16.91 ? 169 TRP B NE1 1 
ATOM   814  C  CE2 . TRP B 1 36 ? 1.326   -11.615 15.717  1.00 15.68 ? 169 TRP B CE2 1 
ATOM   815  C  CE3 . TRP B 1 36 ? 0.604   -9.383  15.222  1.00 18.00 ? 169 TRP B CE3 1 
ATOM   816  C  CZ2 . TRP B 1 36 ? 0.775   -12.099 14.524  1.00 18.20 ? 169 TRP B CZ2 1 
ATOM   817  C  CZ3 . TRP B 1 36 ? 0.034   -9.891  14.077  1.00 15.62 ? 169 TRP B CZ3 1 
ATOM   818  C  CH2 . TRP B 1 36 ? 0.141   -11.212 13.738  1.00 15.42 ? 169 TRP B CH2 1 
ATOM   819  N  N   . TRP B 1 37 ? 3.337   -5.694  17.373  1.00 14.29 ? 170 TRP B N   1 
ATOM   820  C  CA  . TRP B 1 37 ? 3.328   -4.263  17.772  1.00 14.66 ? 170 TRP B CA  1 
ATOM   821  C  C   . TRP B 1 37 ? 2.102   -3.600  17.243  1.00 15.85 ? 170 TRP B C   1 
ATOM   822  O  O   . TRP B 1 37 ? 1.594   -4.014  16.195  1.00 14.25 ? 170 TRP B O   1 
ATOM   823  C  CB  . TRP B 1 37 ? 4.553   -3.556  17.264  1.00 15.30 ? 170 TRP B CB  1 
ATOM   824  C  CG  . TRP B 1 37 ? 5.833   -4.048  17.829  1.00 12.95 ? 170 TRP B CG  1 
ATOM   825  C  CD1 . TRP B 1 37 ? 6.019   -4.838  18.945  1.00 13.34 ? 170 TRP B CD1 1 
ATOM   826  C  CD2 . TRP B 1 37 ? 7.151   -3.633  17.428  1.00 14.04 ? 170 TRP B CD2 1 
ATOM   827  N  NE1 . TRP B 1 37 ? 7.324   -5.066  19.142  1.00 14.05 ? 170 TRP B NE1 1 
ATOM   828  C  CE2 . TRP B 1 37 ? 8.064   -4.298  18.286  1.00 13.53 ? 170 TRP B CE2 1 
ATOM   829  C  CE3 . TRP B 1 37 ? 7.656   -2.834  16.388  1.00 14.52 ? 170 TRP B CE3 1 
ATOM   830  C  CZ2 . TRP B 1 37 ? 9.444   -4.214  18.104  1.00 14.61 ? 170 TRP B CZ2 1 
ATOM   831  C  CZ3 . TRP B 1 37 ? 9.012   -2.742  16.229  1.00 15.45 ? 170 TRP B CZ3 1 
ATOM   832  C  CH2 . TRP B 1 37 ? 9.899   -3.419  17.106  1.00 14.13 ? 170 TRP B CH2 1 
ATOM   833  N  N   . ASN B 1 38 ? 1.658   -2.515  17.896  1.00 14.64 ? 171 ASN B N   1 
ATOM   834  C  CA  . ASN B 1 38 ? 0.513   -1.743  17.372  1.00 16.78 ? 171 ASN B CA  1 
ATOM   835  C  C   . ASN B 1 38 ? 1.096   -0.692  16.428  1.00 16.21 ? 171 ASN B C   1 
ATOM   836  O  O   . ASN B 1 38 ? 1.966   0.071   16.845  1.00 14.63 ? 171 ASN B O   1 
ATOM   837  C  CB  . ASN B 1 38 ? -0.304  -1.011  18.459  1.00 17.84 ? 171 ASN B CB  1 
ATOM   838  C  CG  . ASN B 1 38 ? -1.623  -0.502  17.896  1.00 23.11 ? 171 ASN B CG  1 
ATOM   839  O  OD1 . ASN B 1 38 ? -1.687  0.586   17.347  1.00 22.34 ? 171 ASN B OD1 1 
ATOM   840  N  ND2 . ASN B 1 38 ? -2.637  -1.383  17.848  1.00 26.93 ? 171 ASN B ND2 1 
ATOM   841  N  N   . ALA B 1 39 ? 0.542   -0.606  15.219  1.00 15.31 ? 172 ALA B N   1 
ATOM   842  C  CA  . ALA B 1 39 ? 1.007   0.280   14.219  1.00 14.04 ? 172 ALA B CA  1 
ATOM   843  C  C   . ALA B 1 39 ? -0.109  0.969   13.491  1.00 14.04 ? 172 ALA B C   1 
ATOM   844  O  O   . ALA B 1 39 ? -1.290  0.671   13.659  1.00 14.37 ? 172 ALA B O   1 
ATOM   845  C  CB  . ALA B 1 39 ? 1.944   -0.455  13.268  1.00 15.85 ? 172 ALA B CB  1 
ATOM   846  N  N   . GLU B 1 40 ? 0.273   1.971   12.716  1.00 14.32 ? 173 GLU B N   1 
ATOM   847  C  CA  . GLU B 1 40 ? -0.678  2.791   11.979  1.00 15.74 ? 173 GLU B CA  1 
ATOM   848  C  C   . GLU B 1 40 ? -0.205  2.974   10.515  1.00 17.08 ? 173 GLU B C   1 
ATOM   849  O  O   . GLU B 1 40 ? 0.949   3.179   10.293  1.00 14.93 ? 173 GLU B O   1 
ATOM   850  C  CB  . GLU B 1 40 ? -0.836  4.163   12.641  1.00 17.98 ? 173 GLU B CB  1 
ATOM   851  C  CG  . GLU B 1 40 ? -1.731  5.156   11.908  1.00 18.86 ? 173 GLU B CG  1 
ATOM   852  C  CD  . GLU B 1 40 ? -1.985  6.439   12.670  1.00 26.25 ? 173 GLU B CD  1 
ATOM   853  O  OE1 . GLU B 1 40 ? -2.104  6.323   13.886  1.00 31.82 ? 173 GLU B OE1 1 
ATOM   854  O  OE2 . GLU B 1 40 ? -2.154  7.505   12.077  1.00 22.40 ? 173 GLU B OE2 1 
ATOM   855  N  N   . ASP B 1 41 ? -1.133  2.875   9.583   1.00 16.08 ? 174 ASP B N   1 
ATOM   856  C  CA  . ASP B 1 41 ? -0.794  3.021   8.126   1.00 15.40 ? 174 ASP B CA  1 
ATOM   857  C  C   . ASP B 1 41 ? -1.028  4.476   7.610   1.00 15.42 ? 174 ASP B C   1 
ATOM   858  O  O   . ASP B 1 41 ? -1.368  5.405   8.399   1.00 15.20 ? 174 ASP B O   1 
ATOM   859  C  CB  . ASP B 1 41 ? -1.461  1.963   7.242   1.00 15.14 ? 174 ASP B CB  1 
ATOM   860  C  CG  . ASP B 1 41 ? -2.978  2.142   7.058   1.00 16.32 ? 174 ASP B CG  1 
ATOM   861  O  OD1 . ASP B 1 41 ? -3.534  3.254   7.282   1.00 16.21 ? 174 ASP B OD1 1 
ATOM   862  O  OD2 . ASP B 1 41 ? -3.630  1.175   6.565   1.00 16.28 ? 174 ASP B OD2 1 
ATOM   863  N  N   . SER B 1 42 ? -0.713  4.719   6.328   1.00 14.99 ? 175 SER B N   1 
ATOM   864  C  CA  . SER B 1 42 ? -0.791  6.065   5.735   1.00 15.56 ? 175 SER B CA  1 
ATOM   865  C  C   . SER B 1 42 ? -2.170  6.671   5.696   1.00 15.35 ? 175 SER B C   1 
ATOM   866  O  O   . SER B 1 42 ? -2.312  7.890   5.423   1.00 16.24 ? 175 SER B O   1 
ATOM   867  C  CB  . SER B 1 42 ? -0.182  6.068   4.351   1.00 16.76 ? 175 SER B CB  1 
ATOM   868  O  OG  . SER B 1 42 ? -0.925  5.285   3.467   1.00 16.24 ? 175 SER B OG  1 
ATOM   869  N  N   . GLU B 1 43 ? -3.160  5.822   5.885   1.00 17.86 ? 176 GLU B N   1 
ATOM   870  C  CA  . GLU B 1 43 ? -4.591  6.203   5.886   1.00 17.65 ? 176 GLU B CA  1 
ATOM   871  C  C   . GLU B 1 43 ? -5.105  6.435   7.300   1.00 18.64 ? 176 GLU B C   1 
ATOM   872  O  O   . GLU B 1 43 ? -6.282  6.833   7.455   1.00 16.80 ? 176 GLU B O   1 
ATOM   873  C  CB  . GLU B 1 43 ? -5.461  5.156   5.156   1.00 21.14 ? 176 GLU B CB  1 
ATOM   874  C  CG  . GLU B 1 43 ? -5.172  5.145   3.679   1.00 22.94 ? 176 GLU B CG  1 
ATOM   875  C  CD  . GLU B 1 43 ? -6.150  4.333   2.867   1.00 25.48 ? 176 GLU B CD  1 
ATOM   876  O  OE1 . GLU B 1 43 ? -6.432  3.188   3.234   1.00 28.95 ? 176 GLU B OE1 1 
ATOM   877  O  OE2 . GLU B 1 43 ? -6.629  4.927   1.896   1.00 31.07 ? 176 GLU B OE2 1 
ATOM   878  N  N   . GLY B 1 44 ? -4.267  6.202   8.307   1.00 14.83 ? 177 GLY B N   1 
ATOM   879  C  CA  . GLY B 1 44 ? -4.647  6.388   9.690   1.00 15.37 ? 177 GLY B CA  1 
ATOM   880  C  C   . GLY B 1 44 ? -5.232  5.150   10.354  1.00 15.82 ? 177 GLY B C   1 
ATOM   881  O  O   . GLY B 1 44 ? -5.582  5.205   11.522  1.00 15.89 ? 177 GLY B O   1 
ATOM   882  N  N   A LYS B 1 45 ? -5.257  4.010   9.623   0.50 15.54 ? 178 LYS B N   1 
ATOM   883  N  N   B LYS B 1 45 ? -5.266  4.036   9.630   0.50 15.54 ? 178 LYS B N   1 
ATOM   884  C  CA  A LYS B 1 45 ? -5.820  2.810   10.167  0.50 17.16 ? 178 LYS B CA  1 
ATOM   885  C  CA  B LYS B 1 45 ? -5.807  2.850   10.219  0.50 17.16 ? 178 LYS B CA  1 
ATOM   886  C  C   A LYS B 1 45 ? -4.809  2.261   11.162  0.50 16.68 ? 178 LYS B C   1 
ATOM   887  C  C   B LYS B 1 45 ? -4.795  2.319   11.215  0.50 16.68 ? 178 LYS B C   1 
ATOM   888  O  O   A LYS B 1 45 ? -3.612  2.333   10.939  0.50 15.37 ? 178 LYS B O   1 
ATOM   889  O  O   B LYS B 1 45 ? -3.647  2.284   10.959  0.50 15.37 ? 178 LYS B O   1 
ATOM   890  C  CB  A LYS B 1 45 ? -6.119  1.792   9.054   0.50 20.43 ? 178 LYS B CB  1 
ATOM   891  C  CB  B LYS B 1 45 ? -6.130  1.780   9.203   0.50 20.43 ? 178 LYS B CB  1 
ATOM   892  C  CG  A LYS B 1 45 ? -6.770  0.488   9.481   0.50 27.88 ? 178 LYS B CG  1 
ATOM   893  C  CG  B LYS B 1 45 ? -6.553  2.331   7.888   0.50 27.88 ? 178 LYS B CG  1 
ATOM   894  C  CD  A LYS B 1 45 ? -7.156  -0.377  8.284   0.50 33.49 ? 178 LYS B CD  1 
ATOM   895  C  CD  B LYS B 1 45 ? -7.732  1.600   7.317   0.50 33.49 ? 178 LYS B CD  1 
ATOM   896  C  CE  A LYS B 1 45 ? -7.687  -1.748  8.744   0.50 40.28 ? 178 LYS B CE  1 
ATOM   897  C  CE  B LYS B 1 45 ? -8.163  2.257   6.028   0.50 40.28 ? 178 LYS B CE  1 
ATOM   898  N  NZ  A LYS B 1 45 ? -8.088  -2.643  7.594   0.50 45.91 ? 178 LYS B NZ  1 
ATOM   899  N  NZ  B LYS B 1 45 ? -8.793  3.592   6.111   0.50 45.91 ? 178 LYS B NZ  1 
ATOM   900  N  N   . ARG B 1 46 ? -5.324  1.681   12.237  1.00 14.22 ? 179 ARG B N   1 
ATOM   901  C  CA  . ARG B 1 46 ? -4.497  1.110   13.298  1.00 15.59 ? 179 ARG B CA  1 
ATOM   902  C  C   . ARG B 1 46 ? -4.717  -0.397  13.433  1.00 16.70 ? 179 ARG B C   1 
ATOM   903  O  O   . ARG B 1 46 ? -5.806  -0.881  13.214  1.00 17.36 ? 179 ARG B O   1 
ATOM   904  C  CB  . ARG B 1 46 ? -4.872  1.691   14.669  1.00 18.32 ? 179 ARG B CB  1 
ATOM   905  C  CG  . ARG B 1 46 ? -4.513  3.128   14.851  1.00 17.69 ? 179 ARG B CG  1 
ATOM   906  C  CD  . ARG B 1 46 ? -5.066  3.586   16.152  1.00 16.97 ? 179 ARG B CD  1 
ATOM   907  N  NE  . ARG B 1 46 ? -4.764  4.970   16.386  1.00 19.16 ? 179 ARG B NE  1 
ATOM   908  C  CZ  . ARG B 1 46 ? -5.125  5.639   17.513  1.00 18.68 ? 179 ARG B CZ  1 
ATOM   909  N  NH1 . ARG B 1 46 ? -5.827  5.039   18.450  1.00 17.97 ? 179 ARG B NH1 1 
ATOM   910  N  NH2 . ARG B 1 46 ? -4.762  6.923   17.659  1.00 18.26 ? 179 ARG B NH2 1 
ATOM   911  N  N   . GLY B 1 47 ? -3.694  -1.120  13.872  1.00 14.92 ? 180 GLY B N   1 
ATOM   912  C  CA  . GLY B 1 47 ? -3.877  -2.524  14.233  1.00 15.83 ? 180 GLY B CA  1 
ATOM   913  C  C   . GLY B 1 47 ? -2.561  -3.164  14.554  1.00 15.12 ? 180 GLY B C   1 
ATOM   914  O  O   . GLY B 1 47 ? -1.506  -2.556  14.343  1.00 15.21 ? 180 GLY B O   1 
ATOM   915  N  N   . MET B 1 48 ? -2.601  -4.428  14.928  1.00 15.45 ? 181 MET B N   1 
ATOM   916  C  CA  . MET B 1 48 ? -1.355  -5.128  15.288  1.00 15.24 ? 181 MET B CA  1 
ATOM   917  C  C   . MET B 1 48 ? -0.683  -5.684  14.059  1.00 14.87 ? 181 MET B C   1 
ATOM   918  O  O   . MET B 1 48 ? -1.334  -6.104  13.105  1.00 13.53 ? 181 MET B O   1 
ATOM   919  C  CB  . MET B 1 48 ? -1.616  -6.286  16.223  1.00 15.66 ? 181 MET B CB  1 
ATOM   920  C  CG  . MET B 1 48 ? -2.387  -5.946  17.460  1.00 17.73 ? 181 MET B CG  1 
ATOM   921  S  SD  . MET B 1 48 ? -1.533  -4.780  18.510  1.00 18.88 ? 181 MET B SD  1 
ATOM   922  C  CE  . MET B 1 48 ? -0.165  -5.833  18.939  1.00 20.15 ? 181 MET B CE  1 
ATOM   923  N  N   . ILE B 1 49 ? 0.632   -5.639  14.076  1.00 14.28 ? 182 ILE B N   1 
ATOM   924  C  CA  . ILE B 1 49 ? 1.477   -6.118  13.004  1.00 15.45 ? 182 ILE B CA  1 
ATOM   925  C  C   . ILE B 1 49 ? 2.537   -7.133  13.493  1.00 15.75 ? 182 ILE B C   1 
ATOM   926  O  O   . ILE B 1 49 ? 3.022   -7.007  14.616  1.00 14.55 ? 182 ILE B O   1 
ATOM   927  C  CB  . ILE B 1 49 ? 2.217   -4.991  12.229  1.00 15.72 ? 182 ILE B CB  1 
ATOM   928  C  CG1 . ILE B 1 49 ? 3.177   -4.194  13.167  1.00 15.48 ? 182 ILE B CG1 1 
ATOM   929  C  CG2 . ILE B 1 49 ? 1.156   -4.144  11.510  1.00 16.42 ? 182 ILE B CG2 1 
ATOM   930  C  CD1 . ILE B 1 49 ? 4.210   -3.326  12.480  1.00 15.55 ? 182 ILE B CD1 1 
ATOM   931  N  N   . PRO B 1 50 ? 2.886   -8.119  12.633  1.00 16.20 ? 183 PRO B N   1 
ATOM   932  C  CA  . PRO B 1 50 ? 3.953   -9.038  12.971  1.00 15.58 ? 183 PRO B CA  1 
ATOM   933  C  C   . PRO B 1 50 ? 5.344   -8.421  12.696  1.00 18.04 ? 183 PRO B C   1 
ATOM   934  O  O   . PRO B 1 50 ? 5.719   -8.127  11.538  1.00 17.02 ? 183 PRO B O   1 
ATOM   935  C  CB  . PRO B 1 50 ? 3.692   -10.241 12.055  1.00 15.86 ? 183 PRO B CB  1 
ATOM   936  C  CG  . PRO B 1 50 ? 3.050   -9.656  10.869  1.00 16.55 ? 183 PRO B CG  1 
ATOM   937  C  CD  . PRO B 1 50 ? 2.287   -8.431  11.308  1.00 16.58 ? 183 PRO B CD  1 
ATOM   938  N  N   . VAL B 1 51 ? 6.113   -8.321  13.767  1.00 17.05 ? 184 VAL B N   1 
ATOM   939  C  CA  . VAL B 1 51 ? 7.464   -7.701  13.710  1.00 17.28 ? 184 VAL B CA  1 
ATOM   940  C  C   . VAL B 1 51 ? 8.406   -8.415  12.731  1.00 17.53 ? 184 VAL B C   1 
ATOM   941  O  O   . VAL B 1 51 ? 9.207   -7.752  12.080  1.00 17.98 ? 184 VAL B O   1 
ATOM   942  C  CB  . VAL B 1 51 ? 8.051   -7.617  15.127  1.00 19.56 ? 184 VAL B CB  1 
ATOM   943  C  CG1 . VAL B 1 51 ? 9.537   -7.140  15.126  1.00 19.60 ? 184 VAL B CG1 1 
ATOM   944  C  CG2 . VAL B 1 51 ? 7.197   -6.660  15.948  1.00 19.57 ? 184 VAL B CG2 1 
ATOM   945  N  N   . PRO B 1 52 ? 8.349   -9.753  12.632  1.00 17.04 ? 185 PRO B N   1 
ATOM   946  C  CA  . PRO B 1 52 ? 9.195   -10.412 11.601  1.00 17.40 ? 185 PRO B CA  1 
ATOM   947  C  C   . PRO B 1 52 ? 9.019   -9.938  10.166  1.00 16.42 ? 185 PRO B C   1 
ATOM   948  O  O   . PRO B 1 52 ? 9.925   -10.203 9.341   1.00 18.69 ? 185 PRO B O   1 
ATOM   949  C  CB  . PRO B 1 52 ? 8.805   -11.860 11.690  1.00 16.54 ? 185 PRO B CB  1 
ATOM   950  C  CG  . PRO B 1 52 ? 8.379   -12.030 13.112  1.00 16.84 ? 185 PRO B CG  1 
ATOM   951  C  CD  . PRO B 1 52 ? 7.625   -10.764 13.420  1.00 16.45 ? 185 PRO B CD  1 
ATOM   952  N  N   . TYR B 1 53 ? 7.890   -9.299  9.854   1.00 15.96 ? 186 TYR B N   1 
ATOM   953  C  CA  . TYR B 1 53 ? 7.617   -8.906  8.482   1.00 15.96 ? 186 TYR B CA  1 
ATOM   954  C  C   . TYR B 1 53 ? 8.042   -7.469  8.163   1.00 15.79 ? 186 TYR B C   1 
ATOM   955  O  O   . TYR B 1 53 ? 7.889   -7.049  7.009   1.00 16.31 ? 186 TYR B O   1 
ATOM   956  C  CB  . TYR B 1 53 ? 6.154   -9.029  8.147   1.00 17.45 ? 186 TYR B CB  1 
ATOM   957  C  CG  . TYR B 1 53 ? 5.629   -10.414 7.981   1.00 17.09 ? 186 TYR B CG  1 
ATOM   958  C  CD1 . TYR B 1 53 ? 6.368   -11.562 8.419   1.00 19.76 ? 186 TYR B CD1 1 
ATOM   959  C  CD2 . TYR B 1 53 ? 4.360   -10.601 7.428   1.00 19.80 ? 186 TYR B CD2 1 
ATOM   960  C  CE1 . TYR B 1 53 ? 5.797   -12.839 8.286   1.00 20.21 ? 186 TYR B CE1 1 
ATOM   961  C  CE2 . TYR B 1 53 ? 3.819   -11.844 7.288   1.00 20.46 ? 186 TYR B CE2 1 
ATOM   962  C  CZ  . TYR B 1 53 ? 4.492   -12.943 7.718   1.00 23.08 ? 186 TYR B CZ  1 
ATOM   963  O  OH  . TYR B 1 53 ? 3.860   -14.165 7.524   1.00 25.68 ? 186 TYR B OH  1 
ATOM   964  N  N   . VAL B 1 54 ? 8.616   -6.773  9.112   1.00 15.39 ? 187 VAL B N   1 
ATOM   965  C  CA  . VAL B 1 54 ? 9.025   -5.376  8.874   1.00 17.69 ? 187 VAL B CA  1 
ATOM   966  C  C   . VAL B 1 54 ? 10.507  -5.173  9.187   1.00 19.97 ? 187 VAL B C   1 
ATOM   967  O  O   . VAL B 1 54 ? 11.104  -5.956  9.931   1.00 21.03 ? 187 VAL B O   1 
ATOM   968  C  CB  . VAL B 1 54 ? 8.191   -4.399  9.709   1.00 17.47 ? 187 VAL B CB  1 
ATOM   969  C  CG1 . VAL B 1 54 ? 6.710   -4.647  9.526   1.00 16.78 ? 187 VAL B CG1 1 
ATOM   970  C  CG2 . VAL B 1 54 ? 8.559   -4.427  11.178  1.00 17.49 ? 187 VAL B CG2 1 
ATOM   971  N  N   A GLU B 1 55 ? 11.096  -4.126  8.651   0.50 22.03 ? 188 GLU B N   1 
ATOM   972  N  N   B GLU B 1 55 ? 11.090  -4.146  8.580   0.50 20.23 ? 188 GLU B N   1 
ATOM   973  C  CA  A GLU B 1 55 ? 12.381  -3.708  9.210   0.50 24.85 ? 188 GLU B CA  1 
ATOM   974  C  CA  B GLU B 1 55 ? 12.409  -3.652  9.022   0.50 21.91 ? 188 GLU B CA  1 
ATOM   975  C  C   A GLU B 1 55 ? 12.373  -2.286  9.665   0.50 21.84 ? 188 GLU B C   1 
ATOM   976  C  C   B GLU B 1 55 ? 12.370  -2.265  9.644   0.50 20.30 ? 188 GLU B C   1 
ATOM   977  O  O   A GLU B 1 55 ? 11.545  -1.512  9.253   0.50 17.44 ? 188 GLU B O   1 
ATOM   978  O  O   B GLU B 1 55 ? 11.524  -1.475  9.293   0.50 16.48 ? 188 GLU B O   1 
ATOM   979  C  CB  A GLU B 1 55 ? 13.490  -3.973  8.236   0.50 26.62 ? 188 GLU B CB  1 
ATOM   980  C  CB  B GLU B 1 55 ? 13.381  -3.655  7.877   0.50 21.48 ? 188 GLU B CB  1 
ATOM   981  C  CG  A GLU B 1 55 ? 13.860  -2.867  7.292   0.50 27.76 ? 188 GLU B CG  1 
ATOM   982  C  CG  B GLU B 1 55 ? 12.973  -2.962  6.619   0.50 21.67 ? 188 GLU B CG  1 
ATOM   983  C  CD  A GLU B 1 55 ? 15.195  -3.183  6.685   0.50 31.22 ? 188 GLU B CD  1 
ATOM   984  C  CD  B GLU B 1 55 ? 14.178  -2.806  5.680   0.50 24.90 ? 188 GLU B CD  1 
ATOM   985  O  OE1 A GLU B 1 55 ? 15.698  -4.306  6.960   0.50 32.08 ? 188 GLU B OE1 1 
ATOM   986  O  OE1 B GLU B 1 55 ? 15.134  -3.619  5.829   0.50 23.35 ? 188 GLU B OE1 1 
ATOM   987  O  OE2 A GLU B 1 55 ? 15.736  -2.323  5.959   0.50 34.99 ? 188 GLU B OE2 1 
ATOM   988  O  OE2 B GLU B 1 55 ? 14.165  -1.914  4.779   0.50 27.53 ? 188 GLU B OE2 1 
ATOM   989  N  N   . LYS B 1 56 ? 13.295  -1.961  10.545  1.00 23.86 ? 189 LYS B N   1 
ATOM   990  C  CA  . LYS B 1 56 ? 13.433  -0.543  10.914  1.00 28.51 ? 189 LYS B CA  1 
ATOM   991  C  C   . LYS B 1 56 ? 13.575  0.445   9.737   1.00 34.26 ? 189 LYS B C   1 
ATOM   992  O  O   . LYS B 1 56 ? 14.383  0.257   8.926   1.00 37.39 ? 189 LYS B O   1 
ATOM   993  C  CB  . LYS B 1 56 ? 14.680  -0.289  11.711  1.00 29.01 ? 189 LYS B CB  1 
ATOM   994  C  CG  . LYS B 1 56 ? 14.596  1.066   12.305  1.00 30.89 ? 189 LYS B CG  1 
ATOM   995  C  CD  . LYS B 1 56 ? 15.891  1.679   12.702  1.00 32.53 ? 189 LYS B CD  1 
ATOM   996  C  CE  . LYS B 1 56 ? 15.559  2.898   13.434  1.00 33.33 ? 189 LYS B CE  1 
ATOM   997  N  NZ  . LYS B 1 56 ? 14.675  2.605   14.560  1.00 34.56 ? 189 LYS B NZ  1 
HETATM 998  C  C   . ACE C 2 1  ? 0.564   13.221  -24.412 1.00 36.14 ? -1  ACE M C   1 
HETATM 999  O  O   . ACE C 2 1  ? 1.609   12.718  -24.180 1.00 39.02 ? -1  ACE M O   1 
HETATM 1000 C  CH3 . ACE C 2 1  ? -0.091  13.953  -23.284 1.00 30.83 ? -1  ACE M CH3 1 
ATOM   1001 N  N   . TYR C 2 2  ? -0.091  13.277  -25.717 1.00 40.12 ? 0   TYR M N   1 
ATOM   1002 C  CA  . TYR C 2 2  ? -1.283  14.097  -26.033 1.00 39.42 ? 0   TYR M CA  1 
ATOM   1003 C  C   . TYR C 2 2  ? -2.641  13.363  -25.992 1.00 39.09 ? 0   TYR M C   1 
ATOM   1004 O  O   . TYR C 2 2  ? -3.528  13.796  -25.256 1.00 41.34 ? 0   TYR M O   1 
ATOM   1005 C  CB  . TYR C 2 2  ? -1.107  14.775  -27.402 1.00 45.59 ? 0   TYR M CB  1 
ATOM   1006 C  CG  . TYR C 2 2  ? -2.322  15.585  -27.823 1.00 56.40 ? 0   TYR M CG  1 
ATOM   1007 C  CD1 . TYR C 2 2  ? -2.640  16.814  -27.199 1.00 62.44 ? 0   TYR M CD1 1 
ATOM   1008 C  CD2 . TYR C 2 2  ? -3.167  15.126  -28.840 1.00 57.34 ? 0   TYR M CD2 1 
ATOM   1009 C  CE1 . TYR C 2 2  ? -3.768  17.542  -27.589 1.00 64.46 ? 0   TYR M CE1 1 
ATOM   1010 C  CE2 . TYR C 2 2  ? -4.283  15.854  -29.239 1.00 63.10 ? 0   TYR M CE2 1 
ATOM   1011 C  CZ  . TYR C 2 2  ? -4.580  17.053  -28.618 1.00 65.46 ? 0   TYR M CZ  1 
ATOM   1012 O  OH  . TYR C 2 2  ? -5.703  17.725  -29.048 1.00 72.59 ? 0   TYR M OH  1 
ATOM   1013 N  N   . GLU C 2 3  ? -2.856  12.309  -26.798 1.00 37.57 ? 1   GLU M N   1 
ATOM   1014 C  CA  . GLU C 2 3  ? -4.151  11.583  -26.671 1.00 37.00 ? 1   GLU M CA  1 
ATOM   1015 C  C   . GLU C 2 3  ? -4.108  10.515  -25.578 1.00 29.61 ? 1   GLU M C   1 
ATOM   1016 O  O   . GLU C 2 3  ? -3.184  9.693   -25.459 1.00 29.11 ? 1   GLU M O   1 
ATOM   1017 C  CB  . GLU C 2 3  ? -4.819  11.053  -27.968 1.00 44.16 ? 1   GLU M CB  1 
ATOM   1018 C  CG  . GLU C 2 3  ? -3.958  10.510  -29.098 1.00 50.68 ? 1   GLU M CG  1 
ATOM   1019 C  CD  . GLU C 2 3  ? -4.824  10.041  -30.277 1.00 46.50 ? 1   GLU M CD  1 
ATOM   1020 O  OE1 . GLU C 2 3  ? -4.858  10.684  -31.346 1.00 51.06 ? 1   GLU M OE1 1 
ATOM   1021 O  OE2 . GLU C 2 3  ? -5.514  9.039   -30.111 1.00 51.85 ? 1   GLU M OE2 1 
ATOM   1022 N  N   . LYS C 2 4  ? -5.176  10.538  -24.812 1.00 26.28 ? 2   LYS M N   1 
ATOM   1023 C  CA  . LYS C 2 4  ? -5.305  9.778   -23.605 1.00 23.89 ? 2   LYS M CA  1 
ATOM   1024 C  C   . LYS C 2 4  ? -5.555  8.329   -24.018 1.00 21.74 ? 2   LYS M C   1 
ATOM   1025 O  O   . LYS C 2 4  ? -6.363  8.103   -24.912 1.00 20.78 ? 2   LYS M O   1 
ATOM   1026 C  CB  . LYS C 2 4  ? -6.507  10.381  -22.884 1.00 27.25 ? 2   LYS M CB  1 
ATOM   1027 C  CG  . LYS C 2 4  ? -6.476  10.255  -21.417 1.00 26.96 ? 2   LYS M CG  1 
ATOM   1028 C  CD  . LYS C 2 4  ? -7.244  11.378  -20.750 1.00 22.46 ? 2   LYS M CD  1 
ATOM   1029 C  CE  . LYS C 2 4  ? -7.457  10.961  -19.332 1.00 23.80 ? 2   LYS M CE  1 
ATOM   1030 N  NZ  . LYS C 2 4  ? -7.997  12.007  -18.489 1.00 22.37 ? 2   LYS M NZ  1 
ATOM   1031 N  N   . PRO C 2 5  ? -4.858  7.342   -23.413 1.00 19.97 ? 3   PRO M N   1 
ATOM   1032 C  CA  . PRO C 2 5  ? -5.141  5.956   -23.672 1.00 20.33 ? 3   PRO M CA  1 
ATOM   1033 C  C   . PRO C 2 5  ? -6.532  5.601   -23.280 1.00 19.21 ? 3   PRO M C   1 
ATOM   1034 O  O   . PRO C 2 5  ? -7.197  6.333   -22.513 1.00 17.64 ? 3   PRO M O   1 
ATOM   1035 C  CB  . PRO C 2 5  ? -4.192  5.219   -22.726 1.00 21.33 ? 3   PRO M CB  1 
ATOM   1036 C  CG  . PRO C 2 5  ? -3.114  6.135   -22.529 1.00 21.92 ? 3   PRO M CG  1 
ATOM   1037 C  CD  . PRO C 2 5  ? -3.743  7.476   -22.448 1.00 22.61 ? 3   PRO M CD  1 
ATOM   1038 N  N   . ALA C 2 6  ? -6.960  4.453   -23.777 1.00 21.41 ? 4   ALA M N   1 
ATOM   1039 C  CA  . ALA C 2 6  ? -8.262  3.902   -23.404 1.00 21.97 ? 4   ALA M CA  1 
ATOM   1040 C  C   . ALA C 2 6  ? -8.239  3.616   -21.897 1.00 21.80 ? 4   ALA M C   1 
ATOM   1041 O  O   . ALA C 2 6  ? -7.242  3.121   -21.388 1.00 22.55 ? 4   ALA M O   1 
ATOM   1042 C  CB  . ALA C 2 6  ? -8.507  2.613   -24.164 1.00 21.01 ? 4   ALA M CB  1 
ATOM   1043 N  N   . LEU C 2 7  ? -9.312  3.961   -21.205 1.00 20.39 ? 5   LEU M N   1 
ATOM   1044 C  CA  . LEU C 2 7  ? -9.457  3.607   -19.814 1.00 19.79 ? 5   LEU M CA  1 
ATOM   1045 C  C   . LEU C 2 7  ? -9.722  2.094   -19.749 1.00 17.22 ? 5   LEU M C   1 
ATOM   1046 O  O   . LEU C 2 7  ? -10.692 1.607   -20.364 1.00 19.03 ? 5   LEU M O   1 
ATOM   1047 C  CB  . LEU C 2 7  ? -10.617 4.394   -19.254 1.00 22.25 ? 5   LEU M CB  1 
ATOM   1048 C  CG  . LEU C 2 7  ? -10.744 4.410   -17.744 1.00 22.93 ? 5   LEU M CG  1 
ATOM   1049 C  CD1 . LEU C 2 7  ? -9.509  4.985   -17.005 1.00 24.23 ? 5   LEU M CD1 1 
ATOM   1050 C  CD2 . LEU C 2 7  ? -12.008 5.169   -17.356 1.00 23.63 ? 5   LEU M CD2 1 
ATOM   1051 N  N   . PRO C 2 8  ? -8.862  1.313   -19.094 1.00 17.45 ? 6   PRO M N   1 
ATOM   1052 C  CA  . PRO C 2 8  ? -8.924  -0.127  -19.295 1.00 17.32 ? 6   PRO M CA  1 
ATOM   1053 C  C   . PRO C 2 8  ? -10.051 -0.825  -18.560 1.00 19.49 ? 6   PRO M C   1 
ATOM   1054 O  O   . PRO C 2 8  ? -10.510 -0.381  -17.513 1.00 18.52 ? 6   PRO M O   1 
ATOM   1055 C  CB  . PRO C 2 8  ? -7.561  -0.627  -18.798 1.00 17.41 ? 6   PRO M CB  1 
ATOM   1056 C  CG  . PRO C 2 8  ? -7.176  0.383   -17.827 1.00 17.79 ? 6   PRO M CG  1 
ATOM   1057 C  CD  . PRO C 2 8  ? -7.664  1.702   -18.346 1.00 17.55 ? 6   PRO M CD  1 
ATOM   1058 N  N   . ARG C 2 9  ? -10.494 -1.963  -19.105 1.00 21.88 ? 7   ARG M N   1 
ATOM   1059 C  CA  . ARG C 2 9  ? -11.543 -2.730  -18.491 1.00 23.06 ? 7   ARG M CA  1 
ATOM   1060 C  C   . ARG C 2 9  ? -11.087 -3.296  -17.160 1.00 22.26 ? 7   ARG M C   1 
ATOM   1061 O  O   . ARG C 2 9  ? -9.917  -3.710  -17.007 1.00 23.76 ? 7   ARG M O   1 
ATOM   1062 C  CB  . ARG C 2 9  ? -11.956 -3.895  -19.400 1.00 26.85 ? 7   ARG M CB  1 
ATOM   1063 C  CG  . ARG C 2 9  ? -12.700 -3.368  -20.613 1.00 33.94 ? 7   ARG M CG  1 
ATOM   1064 C  CD  . ARG C 2 9  ? -14.161 -3.036  -20.312 1.00 39.92 ? 7   ARG M CD  1 
ATOM   1065 N  NE  . ARG C 2 9  ? -14.782 -2.485  -21.497 1.00 44.55 ? 7   ARG M NE  1 
ATOM   1066 C  CZ  . ARG C 2 9  ? -15.361 -3.194  -22.484 1.00 50.30 ? 7   ARG M CZ  1 
ATOM   1067 N  NH1 . ARG C 2 9  ? -15.492 -4.512  -22.444 1.00 52.43 ? 7   ARG M NH1 1 
ATOM   1068 N  NH2 . ARG C 2 9  ? -15.830 -2.554  -23.540 1.00 56.67 ? 7   ARG M NH2 1 
ATOM   1069 N  N   . LYS C 2 10 ? -12.007 -3.296  -16.222 1.00 18.74 ? 8   LYS M N   1 
ATOM   1070 C  CA  . LYS C 2 10 ? -11.790 -3.983  -14.952 1.00 18.17 ? 8   LYS M CA  1 
ATOM   1071 C  C   . LYS C 2 10 ? -12.216 -5.439  -15.041 1.00 20.55 ? 8   LYS M C   1 
ATOM   1072 O  O   . LYS C 2 10 ? -13.050 -5.829  -15.869 1.00 24.20 ? 8   LYS M O   1 
ATOM   1073 C  CB  . LYS C 2 10 ? -12.584 -3.231  -13.871 1.00 19.26 ? 8   LYS M CB  1 
ATOM   1074 C  CG  . LYS C 2 10 ? -11.908 -1.935  -13.506 1.00 17.84 ? 8   LYS M CG  1 
ATOM   1075 C  CD  . LYS C 2 10 ? -12.553 -1.312  -12.307 1.00 16.88 ? 8   LYS M CD  1 
ATOM   1076 C  CE  . LYS C 2 10 ? -11.767 -0.081  -11.863 1.00 16.51 ? 8   LYS M CE  1 
ATOM   1077 N  NZ  . LYS C 2 10 ? -12.419 0.496   -10.634 1.00 17.81 ? 8   LYS M NZ  1 
ATOM   1078 N  N   . ARG C 2 11 ? -11.691 -6.269  -14.150 1.00 22.84 ? 9   ARG M N   1 
ATOM   1079 C  CA  . ARG C 2 11 ? -12.138 -7.686  -14.129 1.00 24.69 ? 9   ARG M CA  1 
ATOM   1080 C  C   . ARG C 2 11 ? -13.679 -7.827  -14.009 1.00 24.43 ? 9   ARG M C   1 
ATOM   1081 O  O   . ARG C 2 11 ? -14.364 -8.761  -14.601 1.00 27.57 ? 9   ARG M O   1 
ATOM   1082 C  CB  . ARG C 2 11 ? -11.387 -8.435  -13.026 1.00 22.92 ? 9   ARG M CB  1 
ATOM   1083 C  CG  . ARG C 2 11 ? -12.036 -9.729  -12.529 1.00 23.07 ? 9   ARG M CG  1 
ATOM   1084 C  CD  . ARG C 2 11 ? -11.016 -10.508 -11.675 1.00 25.72 ? 9   ARG M CD  1 
ATOM   1085 N  NE  . ARG C 2 11 ? -10.508 -9.710  -10.538 1.00 26.06 ? 9   ARG M NE  1 
ATOM   1086 C  CZ  . ARG C 2 11 ? -11.061 -9.629  -9.336  1.00 27.17 ? 9   ARG M CZ  1 
ATOM   1087 N  NH1 . ARG C 2 11 ? -12.168 -10.309 -9.047  1.00 28.50 ? 9   ARG M NH1 1 
ATOM   1088 N  NH2 . ARG C 2 11 ? -10.504 -8.840  -8.393  1.00 29.30 ? 9   ARG M NH2 1 
HETATM 1089 N  N   . NH2 C 2 12 ? -14.330 -6.955  -12.990 1.00 19.65 ? 10  NH2 M N   1 
HETATM 1090 C  C   . ACE D 2 1  ? 15.339  -13.408 -1.595  1.00 21.76 ? -1  ACE N C   1 
HETATM 1091 O  O   . ACE D 2 1  ? 15.752  -12.387 -1.041  1.00 19.84 ? -1  ACE N O   1 
HETATM 1092 C  CH3 . ACE D 2 1  ? 15.944  -13.835 -2.905  1.00 19.24 ? -1  ACE N CH3 1 
ATOM   1093 N  N   . TYR D 2 2  ? 14.243  -14.257 -1.105  1.00 23.55 ? 0   TYR N N   1 
ATOM   1094 C  CA  . TYR D 2 2  ? 13.667  -13.949 0.187   1.00 20.84 ? 0   TYR N CA  1 
ATOM   1095 C  C   . TYR D 2 2  ? 13.253  -15.235 0.867   1.00 20.81 ? 0   TYR N C   1 
ATOM   1096 O  O   . TYR D 2 2  ? 13.052  -16.237 0.189   1.00 18.63 ? 0   TYR N O   1 
ATOM   1097 C  CB  . TYR D 2 2  ? 12.448  -13.068 0.023   1.00 21.75 ? 0   TYR N CB  1 
ATOM   1098 C  CG  . TYR D 2 2  ? 11.281  -13.664 -0.744  1.00 22.60 ? 0   TYR N CG  1 
ATOM   1099 C  CD1 . TYR D 2 2  ? 11.198  -13.523 -2.141  1.00 24.10 ? 0   TYR N CD1 1 
ATOM   1100 C  CD2 . TYR D 2 2  ? 10.235  -14.338 -0.087  1.00 23.81 ? 0   TYR N CD2 1 
ATOM   1101 C  CE1 . TYR D 2 2  ? 10.133  -14.085 -2.854  1.00 24.30 ? 0   TYR N CE1 1 
ATOM   1102 C  CE2 . TYR D 2 2  ? 9.177   -14.874 -0.794  1.00 24.50 ? 0   TYR N CE2 1 
ATOM   1103 C  CZ  . TYR D 2 2  ? 9.108   -14.718 -2.174  1.00 26.23 ? 0   TYR N CZ  1 
ATOM   1104 O  OH  . TYR D 2 2  ? 8.040   -15.238 -2.896  1.00 27.36 ? 0   TYR N OH  1 
ATOM   1105 N  N   . GLU D 2 3  ? 13.084  -15.161 2.187   1.00 21.67 ? 1   GLU N N   1 
ATOM   1106 C  CA  . GLU D 2 3  ? 12.509  -16.234 2.979   1.00 21.05 ? 1   GLU N CA  1 
ATOM   1107 C  C   . GLU D 2 3  ? 11.517  -15.588 3.977   1.00 20.36 ? 1   GLU N C   1 
ATOM   1108 O  O   . GLU D 2 3  ? 11.927  -14.885 4.930   1.00 20.81 ? 1   GLU N O   1 
ATOM   1109 C  CB  . GLU D 2 3  ? 13.618  -17.007 3.684   1.00 22.99 ? 1   GLU N CB  1 
ATOM   1110 C  CG  . GLU D 2 3  ? 14.633  -17.716 2.745   1.00 25.56 ? 1   GLU N CG  1 
ATOM   1111 C  CD  . GLU D 2 3  ? 15.893  -18.279 3.442   1.00 31.98 ? 1   GLU N CD  1 
ATOM   1112 O  OE1 . GLU D 2 3  ? 16.272  -17.737 4.497   1.00 38.98 ? 1   GLU N OE1 1 
ATOM   1113 O  OE2 . GLU D 2 3  ? 16.502  -19.279 2.929   1.00 25.94 ? 1   GLU N OE2 1 
ATOM   1114 N  N   . LYS D 2 4  ? 10.230  -15.769 3.707   1.00 22.21 ? 2   LYS N N   1 
ATOM   1115 C  CA  . LYS D 2 4  ? 9.168   -15.101 4.461   1.00 19.27 ? 2   LYS N CA  1 
ATOM   1116 C  C   . LYS D 2 4  ? 8.940   -15.943 5.683   1.00 17.95 ? 2   LYS N C   1 
ATOM   1117 O  O   . LYS D 2 4  ? 8.653   -17.143 5.536   1.00 20.92 ? 2   LYS N O   1 
ATOM   1118 C  CB  . LYS D 2 4  ? 7.910   -15.001 3.649   1.00 17.82 ? 2   LYS N CB  1 
ATOM   1119 C  CG  . LYS D 2 4  ? 6.811   -14.244 4.296   1.00 18.20 ? 2   LYS N CG  1 
ATOM   1120 C  CD  . LYS D 2 4  ? 5.632   -13.963 3.349   1.00 19.54 ? 2   LYS N CD  1 
ATOM   1121 C  CE  . LYS D 2 4  ? 4.486   -13.271 4.101   1.00 21.36 ? 2   LYS N CE  1 
ATOM   1122 N  NZ  . LYS D 2 4  ? 3.302   -13.063 3.219   1.00 23.77 ? 2   LYS N NZ  1 
ATOM   1123 N  N   . PRO D 2 5  ? 9.093   -15.357 6.874   1.00 18.58 ? 3   PRO N N   1 
ATOM   1124 C  CA  . PRO D 2 5  ? 8.959   -16.121 8.108   1.00 17.46 ? 3   PRO N CA  1 
ATOM   1125 C  C   . PRO D 2 5  ? 7.551   -16.580 8.355   1.00 18.45 ? 3   PRO N C   1 
ATOM   1126 O  O   . PRO D 2 5  ? 6.629   -15.986 7.846   1.00 17.74 ? 3   PRO N O   1 
ATOM   1127 C  CB  . PRO D 2 5  ? 9.320   -15.121 9.206   1.00 17.48 ? 3   PRO N CB  1 
ATOM   1128 C  CG  . PRO D 2 5  ? 9.844   -13.890 8.505   1.00 18.25 ? 3   PRO N CG  1 
ATOM   1129 C  CD  . PRO D 2 5  ? 9.485   -13.957 7.078   1.00 16.80 ? 3   PRO N CD  1 
ATOM   1130 N  N   . ALA D 2 6  ? 7.399   -17.604 9.174   1.00 18.37 ? 4   ALA N N   1 
ATOM   1131 C  CA  . ALA D 2 6  ? 6.071   -17.875 9.745   1.00 20.27 ? 4   ALA N CA  1 
ATOM   1132 C  C   . ALA D 2 6  ? 5.597   -16.701 10.623  1.00 20.05 ? 4   ALA N C   1 
ATOM   1133 O  O   . ALA D 2 6  ? 6.366   -16.052 11.364  1.00 20.85 ? 4   ALA N O   1 
ATOM   1134 C  CB  . ALA D 2 6  ? 6.132   -19.165 10.576  1.00 22.56 ? 4   ALA N CB  1 
ATOM   1135 N  N   . LEU D 2 7  ? 4.320   -16.477 10.600  1.00 20.27 ? 5   LEU N N   1 
ATOM   1136 C  CA  . LEU D 2 7  ? 3.797   -15.445 11.431  1.00 20.60 ? 5   LEU N CA  1 
ATOM   1137 C  C   . LEU D 2 7  ? 4.099   -15.882 12.846  1.00 19.36 ? 5   LEU N C   1 
ATOM   1138 O  O   . LEU D 2 7  ? 4.015   -17.002 13.152  1.00 20.51 ? 5   LEU N O   1 
ATOM   1139 C  CB  . LEU D 2 7  ? 2.290   -15.350 11.247  1.00 22.52 ? 5   LEU N CB  1 
ATOM   1140 C  CG  . LEU D 2 7  ? 1.476   -14.094 11.046  1.00 24.48 ? 5   LEU N CG  1 
ATOM   1141 C  CD1 . LEU D 2 7  ? 2.149   -12.971 10.311  1.00 21.76 ? 5   LEU N CD1 1 
ATOM   1142 C  CD2 . LEU D 2 7  ? 0.159   -14.457 10.438  1.00 25.48 ? 5   LEU N CD2 1 
ATOM   1143 N  N   . PRO D 2 8  ? 4.433   -14.933 13.723  1.00 17.37 ? 6   PRO N N   1 
ATOM   1144 C  CA  . PRO D 2 8  ? 4.731   -15.264 15.111  1.00 17.50 ? 6   PRO N CA  1 
ATOM   1145 C  C   . PRO D 2 8  ? 3.474   -15.562 15.954  1.00 18.46 ? 6   PRO N C   1 
ATOM   1146 O  O   . PRO D 2 8  ? 2.453   -15.039 15.688  1.00 18.87 ? 6   PRO N O   1 
ATOM   1147 C  CB  . PRO D 2 8  ? 5.385   -13.993 15.635  1.00 21.06 ? 6   PRO N CB  1 
ATOM   1148 C  CG  . PRO D 2 8  ? 4.783   -12.931 14.811  1.00 18.76 ? 6   PRO N CG  1 
ATOM   1149 C  CD  . PRO D 2 8  ? 4.670   -13.519 13.449  1.00 17.61 ? 6   PRO N CD  1 
ATOM   1150 N  N   . ARG D 2 9  ? 3.604   -16.410 16.963  1.00 17.97 ? 7   ARG N N   1 
ATOM   1151 C  CA  . ARG D 2 9  ? 2.495   -16.735 17.788  1.00 22.14 ? 7   ARG N CA  1 
ATOM   1152 C  C   . ARG D 2 9  ? 2.076   -15.467 18.490  1.00 20.26 ? 7   ARG N C   1 
ATOM   1153 O  O   . ARG D 2 9  ? 2.868   -14.612 18.711  1.00 23.52 ? 7   ARG N O   1 
ATOM   1154 C  CB  . ARG D 2 9  ? 2.863   -17.795 18.847  1.00 28.74 ? 7   ARG N CB  1 
ATOM   1155 C  CG  . ARG D 2 9  ? 3.671   -18.970 18.367  1.00 39.49 ? 7   ARG N CG  1 
ATOM   1156 C  CD  . ARG D 2 9  ? 3.685   -20.184 19.335  1.00 49.12 ? 7   ARG N CD  1 
ATOM   1157 N  NE  . ARG D 2 9  ? 2.343   -20.468 19.787  1.00 57.63 ? 7   ARG N NE  1 
ATOM   1158 C  CZ  . ARG D 2 9  ? 1.664   -21.586 19.546  1.00 62.67 ? 7   ARG N CZ  1 
ATOM   1159 N  NH1 . ARG D 2 9  ? 2.207   -22.634 18.897  1.00 68.75 ? 7   ARG N NH1 1 
ATOM   1160 N  NH2 . ARG D 2 9  ? 0.434   -21.637 19.995  1.00 63.55 ? 7   ARG N NH2 1 
ATOM   1161 N  N   . LYS D 2 10 ? 0.823   -15.377 18.847  1.00 21.24 ? 8   LYS N N   1 
ATOM   1162 C  CA  . LYS D 2 10 ? 0.335   -14.245 19.579  1.00 20.52 ? 8   LYS N CA  1 
ATOM   1163 C  C   . LYS D 2 10 ? 0.269   -14.587 21.083  1.00 26.80 ? 8   LYS N C   1 
ATOM   1164 O  O   . LYS D 2 10 ? -0.230  -15.608 21.433  1.00 28.40 ? 8   LYS N O   1 
ATOM   1165 C  CB  . LYS D 2 10 ? -1.049  -13.877 19.077  1.00 20.82 ? 8   LYS N CB  1 
ATOM   1166 C  CG  . LYS D 2 10 ? -1.056  -13.187 17.737  1.00 20.00 ? 8   LYS N CG  1 
ATOM   1167 C  CD  . LYS D 2 10 ? -2.452  -12.847 17.297  1.00 20.40 ? 8   LYS N CD  1 
ATOM   1168 C  CE  . LYS D 2 10 ? -2.532  -12.393 15.869  1.00 21.40 ? 8   LYS N CE  1 
ATOM   1169 N  NZ  . LYS D 2 10 ? -3.891  -12.040 15.503  1.00 20.66 ? 8   LYS N NZ  1 
ATOM   1170 N  N   . ARG D 2 11 ? 0.771   -13.722 21.952  1.00 25.85 ? 9   ARG N N   1 
ATOM   1171 C  CA  . ARG D 2 11 ? 0.711   -13.979 23.377  1.00 26.29 ? 9   ARG N CA  1 
ATOM   1172 C  C   . ARG D 2 11 ? -0.676  -13.753 23.912  1.00 28.53 ? 9   ARG N C   1 
ATOM   1173 O  O   . ARG D 2 11 ? -0.918  -14.212 24.964  1.00 29.22 ? 9   ARG N O   1 
ATOM   1174 C  CB  . ARG D 2 11 ? 1.710   -13.151 24.190  1.00 25.61 ? 9   ARG N CB  1 
ATOM   1175 C  CG  . ARG D 2 11 ? 3.160   -13.406 23.880  1.00 25.79 ? 9   ARG N CG  1 
ATOM   1176 C  CD  . ARG D 2 11 ? 4.089   -12.856 24.948  1.00 27.38 ? 9   ARG N CD  1 
ATOM   1177 N  NE  . ARG D 2 11 ? 4.274   -13.767 26.057  1.00 27.91 ? 9   ARG N NE  1 
ATOM   1178 C  CZ  . ARG D 2 11 ? 4.792   -13.429 27.219  1.00 29.28 ? 9   ARG N CZ  1 
ATOM   1179 N  NH1 . ARG D 2 11 ? 5.165   -12.189 27.447  1.00 27.29 ? 9   ARG N NH1 1 
ATOM   1180 N  NH2 . ARG D 2 11 ? 4.957   -14.344 28.148  1.00 28.91 ? 9   ARG N NH2 1 
HETATM 1181 N  N   . NH2 D 2 12 ? -1.574  -12.930 23.474  1.00 27.03 ? 10  NH2 N N   1 
HETATM 1182 C  C1  . PEG E 3 .  ? 4.550   6.826   -0.119  1.00 34.03 ? 201 PEG A C1  1 
HETATM 1183 O  O1  . PEG E 3 .  ? 5.134   7.892   0.648   1.00 35.50 ? 201 PEG A O1  1 
HETATM 1184 C  C2  . PEG E 3 .  ? 3.754   7.518   -1.127  1.00 31.12 ? 201 PEG A C2  1 
HETATM 1185 O  O2  . PEG E 3 .  ? 4.659   8.255   -1.894  1.00 28.18 ? 201 PEG A O2  1 
HETATM 1186 C  C3  . PEG E 3 .  ? 4.101   9.005   -2.981  1.00 26.22 ? 201 PEG A C3  1 
HETATM 1187 C  C4  . PEG E 3 .  ? 5.220   9.817   -3.559  1.00 25.36 ? 201 PEG A C4  1 
HETATM 1188 O  O4  . PEG E 3 .  ? 5.379   11.130  -2.959  1.00 27.17 ? 201 PEG A O4  1 
HETATM 1189 NA NA  . NA  F 4 .  ? -9.452  4.362   -1.374  1.00 28.51 ? 202 NA  A NA  1 
HETATM 1190 NA NA  . NA  G 4 .  ? 12.129  1.422   -7.589  1.00 29.28 ? 203 NA  A NA  1 
HETATM 1191 NA NA  . NA  H 4 .  ? -9.868  14.394  -13.512 1.00 15.87 ? 204 NA  A NA  1 
HETATM 1192 C  C8  . P4G I 5 .  ? 1.068   9.030   9.898   1.00 31.23 ? 201 P4G B C8  1 
HETATM 1193 C  C7  . P4G I 5 .  ? 1.760   7.656   9.874   1.00 31.88 ? 201 P4G B C7  1 
HETATM 1194 O  O4  . P4G I 5 .  ? 1.677   7.064   8.645   0.50 24.59 ? 201 P4G B O4  1 
HETATM 1195 C  C6  . P4G I 5 .  ? 2.785   6.556   8.041   0.50 24.38 ? 201 P4G B C6  1 
HETATM 1196 C  C5  . P4G I 5 .  ? 2.595   6.979   6.631   0.50 24.05 ? 201 P4G B C5  1 
HETATM 1197 O  O3  . P4G I 5 .  ? 3.696   6.785   5.908   0.50 28.62 ? 201 P4G B O3  1 
HETATM 1198 C  C4  . P4G I 5 .  ? 3.959   7.966   5.212   0.50 26.13 ? 201 P4G B C4  1 
HETATM 1199 C  C3  . P4G I 5 .  ? 2.921   8.363   4.169   0.50 25.10 ? 201 P4G B C3  1 
HETATM 1200 O  O2  . P4G I 5 .  ? 2.577   9.698   4.260   0.50 24.86 ? 201 P4G B O2  1 
HETATM 1201 NA NA  . NA  J 4 .  ? -7.613  -6.734  10.037  1.00 18.69 ? 202 NA  B NA  1 
HETATM 1202 O  O3  . P4G K 5 .  ? 4.403   -11.804 0.766   0.75 17.91 ? 101 P4G N O3  1 
HETATM 1203 C  C4  . P4G K 5 .  ? 5.527   -11.480 0.417   0.75 17.76 ? 101 P4G N C4  1 
HETATM 1204 C  C3  . P4G K 5 .  ? 5.583   -10.202 -0.321  0.75 23.38 ? 101 P4G N C3  1 
HETATM 1205 O  O2  . P4G K 5 .  ? 6.553   -10.283 -1.356  0.75 30.34 ? 101 P4G N O2  1 
HETATM 1206 C  C2  . P4G K 5 .  ? 7.824   -10.640 -1.030  0.75 29.09 ? 101 P4G N C2  1 
HETATM 1207 C  C1  . P4G K 5 .  ? 8.006   -12.102 -1.090  0.75 27.33 ? 101 P4G N C1  1 
HETATM 1208 O  O   . HOH L 6 .  ? 6.298   0.148   -12.068 1.00 31.76 ? 301 HOH A O   1 
HETATM 1209 O  O   . HOH L 6 .  ? -2.008  17.070  1.787   1.00 23.12 ? 302 HOH A O   1 
HETATM 1210 O  O   . HOH L 6 .  ? -4.770  -5.776  -3.978  1.00 27.04 ? 303 HOH A O   1 
HETATM 1211 O  O   . HOH L 6 .  ? -14.805 6.020   -1.273  1.00 30.02 ? 304 HOH A O   1 
HETATM 1212 O  O   . HOH L 6 .  ? 15.234  11.576  -15.463 1.00 29.40 ? 305 HOH A O   1 
HETATM 1213 O  O   . HOH L 6 .  ? 9.979   4.491   -0.361  1.00 30.42 ? 306 HOH A O   1 
HETATM 1214 O  O   . HOH L 6 .  ? 10.952  3.526   -11.710 1.00 34.12 ? 307 HOH A O   1 
HETATM 1215 O  O   . HOH L 6 .  ? 0.413   4.308   -21.344 1.00 27.77 ? 308 HOH A O   1 
HETATM 1216 O  O   . HOH L 6 .  ? -10.412 5.651   -3.115  1.00 30.06 ? 309 HOH A O   1 
HETATM 1217 O  O   . HOH L 6 .  ? -10.325 9.061   -18.396 1.00 22.72 ? 310 HOH A O   1 
HETATM 1218 O  O   . HOH L 6 .  ? 8.848   -3.399  -14.282 1.00 32.92 ? 311 HOH A O   1 
HETATM 1219 O  O   . HOH L 6 .  ? 2.056   -7.390  -4.806  1.00 30.67 ? 312 HOH A O   1 
HETATM 1220 O  O   . HOH L 6 .  ? -0.043  -3.375  -17.389 1.00 34.38 ? 313 HOH A O   1 
HETATM 1221 O  O   . HOH L 6 .  ? -13.806 10.870  -7.994  1.00 27.75 ? 314 HOH A O   1 
HETATM 1222 O  O   . HOH L 6 .  ? -5.704  17.340  -0.268  1.00 46.63 ? 315 HOH A O   1 
HETATM 1223 O  O   . HOH L 6 .  ? -7.880  18.139  -13.884 1.00 25.64 ? 316 HOH A O   1 
HETATM 1224 O  O   . HOH L 6 .  ? -8.506  -6.069  -7.479  1.00 22.18 ? 317 HOH A O   1 
HETATM 1225 O  O   . HOH L 6 .  ? -2.692  -9.363  -5.172  1.00 32.90 ? 318 HOH A O   1 
HETATM 1226 O  O   . HOH L 6 .  ? -3.632  11.213  -5.969  1.00 19.83 ? 319 HOH A O   1 
HETATM 1227 O  O   . HOH L 6 .  ? -9.498  -3.800  -6.312  1.00 25.32 ? 320 HOH A O   1 
HETATM 1228 O  O   . HOH L 6 .  ? 5.934   10.309  -0.318  1.00 25.26 ? 321 HOH A O   1 
HETATM 1229 O  O   . HOH L 6 .  ? 9.286   9.708   -19.465 1.00 18.33 ? 322 HOH A O   1 
HETATM 1230 O  O   . HOH L 6 .  ? 6.130   15.140  -11.763 1.00 25.75 ? 323 HOH A O   1 
HETATM 1231 O  O   . HOH L 6 .  ? 6.290   -0.006  -3.698  1.00 18.84 ? 324 HOH A O   1 
HETATM 1232 O  O   . HOH L 6 .  ? -10.385 17.439  -9.732  1.00 33.60 ? 325 HOH A O   1 
HETATM 1233 O  O   . HOH L 6 .  ? 7.214   12.573  -1.487  1.00 30.22 ? 326 HOH A O   1 
HETATM 1234 O  O   . HOH L 6 .  ? 6.914   8.972   2.471   1.00 46.00 ? 327 HOH A O   1 
HETATM 1235 O  O   . HOH L 6 .  ? -18.000 2.426   -6.450  1.00 17.66 ? 328 HOH A O   1 
HETATM 1236 O  O   . HOH L 6 .  ? -0.615  14.672  -20.826 1.00 35.33 ? 329 HOH A O   1 
HETATM 1237 O  O   . HOH L 6 .  ? 4.579   -3.145  -5.475  1.00 28.87 ? 330 HOH A O   1 
HETATM 1238 O  O   . HOH L 6 .  ? -18.092 8.391   -9.640  1.00 25.41 ? 331 HOH A O   1 
HETATM 1239 O  O   . HOH L 6 .  ? 5.052   -4.683  -14.019 1.00 30.54 ? 332 HOH A O   1 
HETATM 1240 O  O   . HOH L 6 .  ? 3.423   4.231   2.984   1.00 11.94 ? 333 HOH A O   1 
HETATM 1241 O  O   . HOH L 6 .  ? -5.725  -5.671  -21.754 1.00 23.53 ? 334 HOH A O   1 
HETATM 1242 O  O   . HOH L 6 .  ? 3.836   13.384  -16.468 1.00 22.48 ? 335 HOH A O   1 
HETATM 1243 O  O   . HOH L 6 .  ? 1.898   13.166  -20.597 1.00 33.96 ? 336 HOH A O   1 
HETATM 1244 O  O   . HOH L 6 .  ? -5.128  -7.056  -19.482 1.00 25.48 ? 337 HOH A O   1 
HETATM 1245 O  O   . HOH L 6 .  ? 1.184   11.872  -5.263  1.00 15.79 ? 338 HOH A O   1 
HETATM 1246 O  O   . HOH L 6 .  ? -3.554  18.326  -14.909 1.00 37.80 ? 339 HOH A O   1 
HETATM 1247 O  O   . HOH L 6 .  ? -0.862  -0.727  5.354   1.00 19.41 ? 340 HOH A O   1 
HETATM 1248 O  O   . HOH L 6 .  ? 16.024  9.025   -16.458 1.00 38.06 ? 341 HOH A O   1 
HETATM 1249 O  O   . HOH L 6 .  ? -5.771  -0.755  -22.496 1.00 39.82 ? 342 HOH A O   1 
HETATM 1250 O  O   . HOH L 6 .  ? -4.561  -2.923  0.081   1.00 26.78 ? 343 HOH A O   1 
HETATM 1251 O  O   . HOH L 6 .  ? -5.285  0.009   2.301   1.00 31.32 ? 344 HOH A O   1 
HETATM 1252 O  O   . HOH L 6 .  ? -6.508  -5.635  -15.927 1.00 27.33 ? 345 HOH A O   1 
HETATM 1253 O  O   . HOH L 6 .  ? 2.096   14.619  2.710   1.00 30.52 ? 346 HOH A O   1 
HETATM 1254 O  O   . HOH L 6 .  ? -6.494  12.406  -5.143  1.00 25.04 ? 347 HOH A O   1 
HETATM 1255 O  O   . HOH L 6 .  ? -19.101 3.511   -9.641  1.00 27.15 ? 348 HOH A O   1 
HETATM 1256 O  O   . HOH L 6 .  ? -12.653 7.206   -5.989  1.00 22.42 ? 349 HOH A O   1 
HETATM 1257 O  O   . HOH L 6 .  ? 6.623   2.839   -18.063 1.00 20.23 ? 350 HOH A O   1 
HETATM 1258 O  O   . HOH L 6 .  ? 10.460  2.993   -9.141  1.00 24.83 ? 351 HOH A O   1 
HETATM 1259 O  O   . HOH L 6 .  ? -1.202  13.274  4.702   1.00 36.77 ? 352 HOH A O   1 
HETATM 1260 O  O   . HOH L 6 .  ? -8.514  13.900  -10.262 1.00 18.86 ? 353 HOH A O   1 
HETATM 1261 O  O   . HOH L 6 .  ? 10.239  -1.066  -0.611  1.00 28.61 ? 354 HOH A O   1 
HETATM 1262 O  O   . HOH L 6 .  ? 1.328   -8.006  -6.911  1.00 31.75 ? 355 HOH A O   1 
HETATM 1263 O  O   . HOH L 6 .  ? 8.937   13.980  -11.925 1.00 20.52 ? 356 HOH A O   1 
HETATM 1264 O  O   . HOH L 6 .  ? -5.965  -8.987  -15.391 1.00 14.17 ? 357 HOH A O   1 
HETATM 1265 O  O   . HOH L 6 .  ? 7.982   8.738   -1.512  1.00 37.76 ? 358 HOH A O   1 
HETATM 1266 O  O   . HOH L 6 .  ? -3.278  -3.931  2.533   1.00 10.83 ? 359 HOH A O   1 
HETATM 1267 O  O   . HOH L 6 .  ? -9.481  16.581  -16.088 1.00 44.18 ? 360 HOH A O   1 
HETATM 1268 O  O   . HOH L 6 .  ? -10.948 14.098  -9.107  1.00 26.32 ? 361 HOH A O   1 
HETATM 1269 O  O   . HOH L 6 .  ? 11.175  -0.526  -8.912  1.00 35.57 ? 362 HOH A O   1 
HETATM 1270 O  O   . HOH L 6 .  ? -1.020  -9.607  -6.838  1.00 43.72 ? 363 HOH A O   1 
HETATM 1271 O  O   . HOH L 6 .  ? -12.935 7.490   -3.340  1.00 39.23 ? 364 HOH A O   1 
HETATM 1272 O  O   . HOH L 6 .  ? 13.764  -0.102  -6.864  1.00 33.16 ? 365 HOH A O   1 
HETATM 1273 O  O   . HOH L 6 .  ? 4.072   19.409  -17.028 1.00 41.50 ? 366 HOH A O   1 
HETATM 1274 O  O   . HOH L 6 .  ? 2.844   18.068  -14.996 1.00 23.85 ? 367 HOH A O   1 
HETATM 1275 O  O   . HOH L 6 .  ? 4.372   13.383  -19.124 1.00 25.14 ? 368 HOH A O   1 
HETATM 1276 O  O   . HOH L 6 .  ? 5.184   -6.610  -8.552  1.00 42.22 ? 369 HOH A O   1 
HETATM 1277 O  O   . HOH L 6 .  ? 3.216   -5.153  -6.216  1.00 28.67 ? 370 HOH A O   1 
HETATM 1278 O  O   . HOH L 6 .  ? -2.920  17.611  -17.614 1.00 41.64 ? 371 HOH A O   1 
HETATM 1279 O  O   . HOH L 6 .  ? -8.915  19.623  -16.453 1.00 45.10 ? 372 HOH A O   1 
HETATM 1280 O  O   . HOH L 6 .  ? 9.423   10.723  -2.285  1.00 44.45 ? 373 HOH A O   1 
HETATM 1281 O  O   . HOH L 6 .  ? 8.823   -5.383  -11.258 1.00 38.95 ? 374 HOH A O   1 
HETATM 1282 O  O   . HOH L 6 .  ? 9.702   11.351  -5.087  1.00 51.40 ? 375 HOH A O   1 
HETATM 1283 O  O   . HOH L 6 .  ? -8.942  -4.584  -3.850  1.00 32.97 ? 376 HOH A O   1 
HETATM 1284 O  O   . HOH L 6 .  ? 13.135  2.196   -12.842 1.00 39.11 ? 377 HOH A O   1 
HETATM 1285 O  O   . HOH L 6 .  ? -9.615  8.878   -2.427  1.00 23.98 ? 378 HOH A O   1 
HETATM 1286 O  O   . HOH L 6 .  ? 12.355  5.739   -7.490  1.00 39.48 ? 379 HOH A O   1 
HETATM 1287 O  O   . HOH L 6 .  ? -2.943  16.198  -20.188 1.00 42.17 ? 380 HOH A O   1 
HETATM 1288 O  O   . HOH L 6 .  ? 13.720  2.013   -9.283  1.00 32.00 ? 381 HOH A O   1 
HETATM 1289 O  O   . HOH L 6 .  ? -10.428 11.384  -3.645  1.00 46.49 ? 382 HOH A O   1 
HETATM 1290 O  O   . HOH L 6 .  ? -9.755  14.721  -6.421  1.00 40.65 ? 383 HOH A O   1 
HETATM 1291 O  O   . HOH M 6 .  ? 11.251  0.144   14.790  1.00 30.00 ? 301 HOH B O   1 
HETATM 1292 O  O   . HOH M 6 .  ? 1.039   -1.763  25.998  1.00 45.26 ? 302 HOH B O   1 
HETATM 1293 O  O   . HOH M 6 .  ? 1.615   6.384   18.559  1.00 21.95 ? 303 HOH B O   1 
HETATM 1294 O  O   . HOH M 6 .  ? -7.795  -2.130  14.238  1.00 31.35 ? 304 HOH B O   1 
HETATM 1295 O  O   . HOH M 6 .  ? 4.237   5.393   20.991  1.00 23.66 ? 305 HOH B O   1 
HETATM 1296 O  O   . HOH M 6 .  ? -1.216  -10.769 20.968  1.00 21.77 ? 306 HOH B O   1 
HETATM 1297 O  O   . HOH M 6 .  ? 4.147   -4.364  -2.689  1.00 20.68 ? 307 HOH B O   1 
HETATM 1298 O  O   . HOH M 6 .  ? -6.652  2.546   18.819  1.00 28.44 ? 308 HOH B O   1 
HETATM 1299 O  O   . HOH M 6 .  ? -4.075  -1.531  5.864   1.00 35.57 ? 309 HOH B O   1 
HETATM 1300 O  O   . HOH M 6 .  ? 3.127   -1.361  -0.616  1.00 20.36 ? 310 HOH B O   1 
HETATM 1301 O  O   . HOH M 6 .  ? 2.922   -6.821  -2.737  1.00 35.08 ? 311 HOH B O   1 
HETATM 1302 O  O   . HOH M 6 .  ? 12.334  1.653   13.124  1.00 30.00 ? 312 HOH B O   1 
HETATM 1303 O  O   . HOH M 6 .  ? -3.945  9.423   3.913   1.00 24.89 ? 313 HOH B O   1 
HETATM 1304 O  O   . HOH M 6 .  ? 11.463  3.723   19.609  1.00 38.61 ? 314 HOH B O   1 
HETATM 1305 O  O   . HOH M 6 .  ? 8.925   1.718   0.611   1.00 28.46 ? 315 HOH B O   1 
HETATM 1306 O  O   . HOH M 6 .  ? 1.393   3.036   5.043   1.00 19.02 ? 316 HOH B O   1 
HETATM 1307 O  O   . HOH M 6 .  ? -7.086  -2.869  11.800  1.00 36.15 ? 317 HOH B O   1 
HETATM 1308 O  O   . HOH M 6 .  ? -3.782  1.493   21.005  1.00 25.27 ? 318 HOH B O   1 
HETATM 1309 O  O   . HOH M 6 .  ? -9.544  -7.608  9.041   1.00 25.91 ? 319 HOH B O   1 
HETATM 1310 O  O   . HOH M 6 .  ? 12.961  -7.993  10.180  1.00 40.85 ? 320 HOH B O   1 
HETATM 1311 O  O   . HOH M 6 .  ? -0.669  -8.941  -2.362  1.00 27.19 ? 321 HOH B O   1 
HETATM 1312 O  O   . HOH M 6 .  ? -5.208  -7.663  -0.789  1.00 38.26 ? 322 HOH B O   1 
HETATM 1313 O  O   . HOH M 6 .  ? 3.506   10.509  11.847  1.00 37.49 ? 323 HOH B O   1 
HETATM 1314 O  O   . HOH M 6 .  ? -8.189  -4.656  9.559   1.00 30.00 ? 324 HOH B O   1 
HETATM 1315 O  O   . HOH M 6 .  ? -1.811  9.588   13.944  1.00 7.42  ? 325 HOH B O   1 
HETATM 1316 O  O   . HOH M 6 .  ? -0.507  9.862   6.353   1.00 39.03 ? 326 HOH B O   1 
HETATM 1317 O  O   . HOH M 6 .  ? 10.932  -12.642 20.220  1.00 29.12 ? 327 HOH B O   1 
HETATM 1318 O  O   . HOH M 6 .  ? 10.457  -3.667  1.444   1.00 27.86 ? 328 HOH B O   1 
HETATM 1319 O  O   . HOH M 6 .  ? 5.719   6.624   16.437  1.00 19.80 ? 329 HOH B O   1 
HETATM 1320 O  O   . HOH M 6 .  ? 11.451  -7.304  -4.429  1.00 46.54 ? 330 HOH B O   1 
HETATM 1321 O  O   . HOH M 6 .  ? -1.186  -2.111  22.551  1.00 32.50 ? 331 HOH B O   1 
HETATM 1322 O  O   . HOH M 6 .  ? -11.751 -10.825 8.012   1.00 35.78 ? 332 HOH B O   1 
HETATM 1323 O  O   . HOH M 6 .  ? 4.046   -16.967 6.794   1.00 40.18 ? 333 HOH B O   1 
HETATM 1324 O  O   . HOH M 6 .  ? -5.821  -3.489  17.266  1.00 29.98 ? 334 HOH B O   1 
HETATM 1325 O  O   . HOH M 6 .  ? -8.529  3.090   0.687   1.00 33.44 ? 335 HOH B O   1 
HETATM 1326 O  O   . HOH M 6 .  ? 6.429   3.984   19.462  1.00 31.75 ? 336 HOH B O   1 
HETATM 1327 O  O   . HOH M 6 .  ? 1.930   9.555   7.120   1.00 32.38 ? 337 HOH B O   1 
HETATM 1328 O  O   . HOH M 6 .  ? -2.826  -6.933  2.807   1.00 22.01 ? 338 HOH B O   1 
HETATM 1329 O  O   . HOH M 6 .  ? 5.540   -11.948 20.901  1.00 18.86 ? 339 HOH B O   1 
HETATM 1330 O  O   . HOH M 6 .  ? 1.740   -6.126  27.674  1.00 55.86 ? 340 HOH B O   1 
HETATM 1331 O  O   . HOH M 6 .  ? -8.026  -7.620  5.688   1.00 33.09 ? 341 HOH B O   1 
HETATM 1332 O  O   . HOH M 6 .  ? -11.967 -5.890  6.812   1.00 26.57 ? 342 HOH B O   1 
HETATM 1333 O  O   . HOH M 6 .  ? -5.520  -0.661  17.307  1.00 29.02 ? 343 HOH B O   1 
HETATM 1334 O  O   . HOH M 6 .  ? 10.792  1.703   21.310  1.00 25.83 ? 344 HOH B O   1 
HETATM 1335 O  O   . HOH M 6 .  ? -1.281  -9.570  18.385  1.00 30.00 ? 345 HOH B O   1 
HETATM 1336 O  O   . HOH M 6 .  ? 0.051   -13.029 4.546   1.00 19.33 ? 346 HOH B O   1 
HETATM 1337 O  O   . HOH M 6 .  ? 12.056  5.684   12.407  1.00 25.80 ? 347 HOH B O   1 
HETATM 1338 O  O   . HOH M 6 .  ? -1.867  -10.158 1.584   1.00 13.23 ? 348 HOH B O   1 
HETATM 1339 O  O   . HOH M 6 .  ? 7.437   -2.502  -2.833  1.00 26.88 ? 349 HOH B O   1 
HETATM 1340 O  O   . HOH M 6 .  ? -10.798 -7.510  6.750   1.00 80.28 ? 350 HOH B O   1 
HETATM 1341 O  O   . HOH M 6 .  ? -7.455  -12.188 1.619   1.00 23.47 ? 351 HOH B O   1 
HETATM 1342 O  O   . HOH M 6 .  ? -5.518  -7.377  2.682   1.00 37.44 ? 352 HOH B O   1 
HETATM 1343 O  O   . HOH M 6 .  ? -5.324  -10.191 2.364   1.00 35.75 ? 353 HOH B O   1 
HETATM 1344 O  O   . HOH M 6 .  ? 6.550   10.953  18.094  1.00 29.06 ? 354 HOH B O   1 
HETATM 1345 O  O   . HOH M 6 .  ? 6.633   11.473  7.646   1.00 57.57 ? 355 HOH B O   1 
HETATM 1346 O  O   . HOH M 6 .  ? -6.768  8.601   3.326   1.00 30.52 ? 356 HOH B O   1 
HETATM 1347 O  O   . HOH M 6 .  ? 6.692   2.080   21.596  1.00 37.14 ? 357 HOH B O   1 
HETATM 1348 O  O   . HOH M 6 .  ? 15.597  -6.559  2.606   1.00 36.34 ? 358 HOH B O   1 
HETATM 1349 O  O   . HOH M 6 .  ? 7.426   9.151   6.239   1.00 51.05 ? 359 HOH B O   1 
HETATM 1350 O  O   . HOH M 6 .  ? -5.132  11.389  6.472   1.00 39.73 ? 360 HOH B O   1 
HETATM 1351 O  O   . HOH M 6 .  ? -0.632  -4.752  26.770  1.00 37.53 ? 361 HOH B O   1 
HETATM 1352 O  O   . HOH N 6 .  ? -3.785  7.335   -29.612 1.00 44.18 ? 101 HOH M O   1 
HETATM 1353 O  O   . HOH N 6 .  ? -7.968  -4.876  -18.281 1.00 26.61 ? 102 HOH M O   1 
HETATM 1354 O  O   . HOH N 6 .  ? -8.207  18.333  -28.411 1.00 52.90 ? 103 HOH M O   1 
HETATM 1355 O  O   . HOH N 6 .  ? -12.721 2.437   -21.927 1.00 24.22 ? 104 HOH M O   1 
HETATM 1356 O  O   . HOH N 6 .  ? -6.364  6.759   -27.304 1.00 33.03 ? 105 HOH M O   1 
HETATM 1357 O  O   . HOH N 6 .  ? -9.145  8.056   -24.947 1.00 32.46 ? 106 HOH M O   1 
HETATM 1358 O  O   . HOH N 6 .  ? -5.103  1.783   -22.675 1.00 29.62 ? 107 HOH M O   1 
HETATM 1359 O  O   . HOH N 6 .  ? -9.749  7.684   -22.213 1.00 31.95 ? 108 HOH M O   1 
HETATM 1360 O  O   . HOH N 6 .  ? -14.727 -2.351  -16.672 1.00 31.70 ? 109 HOH M O   1 
HETATM 1361 O  O   . HOH N 6 .  ? -12.876 -10.139 -16.774 1.00 31.40 ? 110 HOH M O   1 
HETATM 1362 O  O   . HOH N 6 .  ? -7.785  -10.832 -11.090 1.00 44.14 ? 111 HOH M O   1 
HETATM 1363 O  O   . HOH N 6 .  ? -10.851 11.759  -19.370 1.00 18.11 ? 112 HOH M O   1 
HETATM 1364 O  O   . HOH N 6 .  ? -8.998  -2.937  -21.565 1.00 23.59 ? 113 HOH M O   1 
HETATM 1365 O  O   . HOH N 6 .  ? -11.412 4.925   -23.186 1.00 34.78 ? 114 HOH M O   1 
HETATM 1366 O  O   . HOH N 6 .  ? -8.760  -5.647  -14.870 1.00 41.32 ? 115 HOH M O   1 
HETATM 1367 O  O   . HOH N 6 .  ? -9.863  12.619  -16.065 1.00 23.09 ? 116 HOH M O   1 
HETATM 1368 O  O   . HOH N 6 .  ? -4.837  2.577   -25.417 1.00 24.01 ? 117 HOH M O   1 
HETATM 1369 O  O   . HOH N 6 .  ? -5.765  14.387  -18.930 1.00 11.98 ? 118 HOH M O   1 
HETATM 1370 O  O   . HOH N 6 .  ? -8.373  -8.402  -5.786  1.00 32.48 ? 119 HOH M O   1 
HETATM 1371 O  O   . HOH N 6 .  ? -13.372 -6.281  -20.393 1.00 34.65 ? 120 HOH M O   1 
HETATM 1372 O  O   . HOH N 6 .  ? -8.721  20.499  -31.407 1.00 39.72 ? 121 HOH M O   1 
HETATM 1373 O  O   . HOH O 6 .  ? 0.299   -16.315 25.890  1.00 32.97 ? 201 HOH N O   1 
HETATM 1374 O  O   . HOH O 6 .  ? 5.309   -14.335 19.562  1.00 27.50 ? 202 HOH N O   1 
HETATM 1375 O  O   . HOH O 6 .  ? 5.162   -8.522  -2.780  1.00 49.99 ? 203 HOH N O   1 
HETATM 1376 O  O   . HOH O 6 .  ? 7.590   -14.431 -5.493  1.00 30.58 ? 204 HOH N O   1 
HETATM 1377 O  O   . HOH O 6 .  ? 13.559  -18.926 -0.348  1.00 23.85 ? 205 HOH N O   1 
HETATM 1378 O  O   . HOH O 6 .  ? -4.850  -14.586 14.628  1.00 35.29 ? 206 HOH N O   1 
HETATM 1379 O  O   . HOH O 6 .  ? 3.167   -16.504 26.077  1.00 43.52 ? 207 HOH N O   1 
HETATM 1380 O  O   . HOH O 6 .  ? 9.870   -19.083 9.837   1.00 30.05 ? 208 HOH N O   1 
HETATM 1381 O  O   . HOH O 6 .  ? -1.004  -17.469 17.819  1.00 30.00 ? 209 HOH N O   1 
HETATM 1382 O  O   . HOH O 6 .  ? 6.337   -17.862 17.174  1.00 25.38 ? 210 HOH N O   1 
HETATM 1383 O  O   . HOH O 6 .  ? 1.563   -13.760 0.737   1.00 43.72 ? 211 HOH N O   1 
HETATM 1384 O  O   . HOH O 6 .  ? 9.577   -17.850 1.407   1.00 10.06 ? 212 HOH N O   1 
HETATM 1385 O  O   . HOH O 6 .  ? 2.118   -17.997 8.867   1.00 9.91  ? 213 HOH N O   1 
HETATM 1386 O  O   . HOH O 6 .  ? 2.061   -15.463 5.095   1.00 37.86 ? 214 HOH N O   1 
HETATM 1387 O  O   . HOH O 6 .  ? 2.268   -20.731 16.104  1.00 37.77 ? 215 HOH N O   1 
HETATM 1388 O  O   . HOH O 6 .  ? 12.732  -17.644 7.159   1.00 30.00 ? 216 HOH N O   1 
# 
